data_5K3J
#
_entry.id   5K3J
#
_cell.length_a   76.040
_cell.length_b   85.571
_cell.length_c   106.899
_cell.angle_alpha   90.00
_cell.angle_beta   91.43
_cell.angle_gamma   90.00
#
_symmetry.space_group_name_H-M   'P 1 21 1'
#
loop_
_entity.id
_entity.type
_entity.pdbx_description
1 polymer 'Acyl-coenzyme A oxidase'
2 non-polymer 'FLAVIN-ADENINE DINUCLEOTIDE'
3 non-polymer "ADENOSINE-5'-TRIPHOSPHATE"
4 non-polymer '~{S}-[2-[3-[[(2~{R})-4-[[[(2~{R},3~{S},4~{R},5~{R})-5-(6-aminopurin-9-yl)-4-oxidanyl-3-phosphonooxy-oxolan-2-yl]methoxy-oxidanyl-phosphoryl]oxy-oxidanyl-phosphoryl]oxy-3,3-dimethyl-2-oxidanyl-butanoyl]amino]propanoylamino]ethyl] 5-[(2~{R},3~{R},5~{R},6~{S})-6-methyl-3,5-bis(oxidanyl)oxan-2-yl]oxypentanethioate'
5 non-polymer 'MAGNESIUM ION'
6 water water
#
_entity_poly.entity_id   1
_entity_poly.type   'polypeptide(L)'
_entity_poly.pdbx_seq_one_letter_code
;MANRSIRDGDNPELLEERRMATFDTDKMAAVIYGSEEFARRRREITDAVSKIPELADIKPYPFLTREEKVTEGTRKISIL
TKYLNQLIDRDNEEESLHLHREVIGYEGHPFALHDALFIPTLQSQASDEQQEKWLERARRREIIGCYAQTELGHGSNLRN
LETTAVYDIASQEFVLHTPTTTALKWWPGALGKSCNYALVVAELIIKRNNYGPHFFMVQLRDEKTHIPLKGVTVGDIGPK
MNFNAADNGYLGLNNLRVPRTNLLMRHCKVEADGTYVKPPHAKIGYSGMVKIRSQMAMEQGLFLAHALTIAARYSAVRRQ
GHLDDKQVEVKVLDYQTQQHRLFPSLARAYAFIFTGFETIHLYSQLLKDVDMGNTSGMADLHALTSGLKSVVAHETGEGI
EQARMACGGHGYSMASYISVVYGIAIGGCTYAGENMVMLLQLARYLVKSVELIKAGKAKKLGPVASYLADKSDETDLTSL
NGYVKMFENMARRQAWKATEKFLKLMESGESREVAWNKSAVELTRASRLHTRLFIIEAFMRRVSRIEDIPVKEVLTDLLH
LHVNYELLDVATYALEFMSFTQLDYVRDQLYLYLEKIRPNAVSLVDSFQISDMQLRSVLGRRDGHVYENLFKWAKSSPLN
NADVLPSVEKYLKPMMEKAKLAAAHHHHHHHHHH
;
_entity_poly.pdbx_strand_id   A,B
#
# COMPACT_ATOMS: atom_id res chain seq x y z
N ASN A 3 -17.61 28.58 -5.33
CA ASN A 3 -16.47 27.75 -5.69
C ASN A 3 -15.42 28.58 -6.41
N ARG A 4 -14.36 28.93 -5.68
CA ARG A 4 -13.35 29.85 -6.21
C ARG A 4 -12.38 29.19 -7.18
N SER A 5 -12.55 27.89 -7.40
CA SER A 5 -11.65 27.12 -8.27
C SER A 5 -12.20 27.02 -9.69
N ILE A 6 -13.29 27.74 -9.95
CA ILE A 6 -13.87 27.83 -11.28
C ILE A 6 -13.08 28.78 -12.17
N ARG A 7 -12.74 28.33 -13.38
CA ARG A 7 -11.99 29.16 -14.33
C ARG A 7 -12.55 29.03 -15.75
N ASP A 8 -12.11 29.91 -16.64
CA ASP A 8 -12.50 29.83 -18.05
C ASP A 8 -11.70 28.75 -18.76
N GLY A 9 -12.38 27.93 -19.55
CA GLY A 9 -11.73 26.87 -20.30
C GLY A 9 -11.83 25.53 -19.58
N ASP A 10 -12.39 25.55 -18.37
CA ASP A 10 -12.58 24.35 -17.56
C ASP A 10 -13.45 23.32 -18.24
N ASN A 11 -13.22 22.04 -17.93
CA ASN A 11 -14.08 20.97 -18.41
C ASN A 11 -15.47 21.10 -17.79
N PRO A 12 -16.50 21.22 -18.64
CA PRO A 12 -17.90 21.34 -18.20
C PRO A 12 -18.31 20.25 -17.21
N GLU A 13 -17.68 19.08 -17.32
CA GLU A 13 -17.87 18.00 -16.38
C GLU A 13 -17.57 18.47 -14.96
N LEU A 14 -16.47 19.20 -14.79
CA LEU A 14 -16.10 19.75 -13.49
C LEU A 14 -16.78 21.07 -13.21
N LEU A 15 -17.09 21.83 -14.26
CA LEU A 15 -17.74 23.12 -14.10
C LEU A 15 -19.12 22.96 -13.47
N GLU A 16 -19.84 21.93 -13.88
CA GLU A 16 -21.19 21.71 -13.39
C GLU A 16 -21.18 21.10 -11.98
N GLU A 17 -20.04 20.53 -11.62
CA GLU A 17 -19.83 20.00 -10.27
C GLU A 17 -19.55 21.13 -9.28
N ARG A 18 -18.90 22.18 -9.77
CA ARG A 18 -18.51 23.31 -8.92
C ARG A 18 -19.62 24.34 -8.82
N ARG A 19 -20.55 24.31 -9.77
CA ARG A 19 -21.72 25.17 -9.73
C ARG A 19 -22.65 24.71 -8.60
N MET A 20 -22.41 23.50 -8.10
CA MET A 20 -23.22 22.91 -7.04
C MET A 20 -22.69 23.26 -5.65
N ALA A 21 -21.72 24.18 -5.58
CA ALA A 21 -21.10 24.53 -4.31
C ALA A 21 -22.07 25.25 -3.37
N THR A 22 -22.22 24.74 -2.15
CA THR A 22 -23.13 25.31 -1.18
C THR A 22 -22.41 26.05 -0.08
N PHE A 23 -21.23 26.56 -0.41
CA PHE A 23 -20.43 27.32 0.53
C PHE A 23 -19.32 28.08 -0.21
N ASP A 24 -18.55 28.87 0.53
CA ASP A 24 -17.42 29.60 -0.05
C ASP A 24 -16.13 28.83 0.21
N THR A 25 -15.38 28.57 -0.85
CA THR A 25 -14.18 27.74 -0.78
C THR A 25 -12.96 28.54 -0.34
N ASP A 26 -13.05 29.87 -0.42
CA ASP A 26 -12.04 30.72 0.16
C ASP A 26 -12.24 30.76 1.67
N LYS A 27 -13.48 30.51 2.08
CA LYS A 27 -13.81 30.44 3.51
C LYS A 27 -13.41 29.09 4.09
N MET A 28 -13.66 28.03 3.33
CA MET A 28 -13.29 26.69 3.77
C MET A 28 -11.77 26.56 3.88
N ALA A 29 -11.06 27.14 2.91
CA ALA A 29 -9.61 27.11 2.91
C ALA A 29 -9.06 27.73 4.20
N ALA A 30 -9.66 28.85 4.59
CA ALA A 30 -9.26 29.57 5.80
C ALA A 30 -9.39 28.68 7.03
N VAL A 31 -10.45 27.88 7.06
CA VAL A 31 -10.68 26.94 8.15
C VAL A 31 -9.63 25.84 8.14
N ILE A 32 -9.45 25.23 6.98
CA ILE A 32 -8.49 24.14 6.80
C ILE A 32 -7.08 24.54 7.26
N TYR A 33 -6.66 25.74 6.89
CA TYR A 33 -5.29 26.17 7.15
C TYR A 33 -5.16 26.99 8.43
N GLY A 34 -6.26 27.15 9.15
CA GLY A 34 -6.23 27.74 10.48
C GLY A 34 -6.46 29.24 10.57
N SER A 35 -6.31 29.94 9.46
CA SER A 35 -6.52 31.37 9.45
C SER A 35 -6.72 31.92 8.05
N GLU A 36 -7.56 32.94 7.93
CA GLU A 36 -7.81 33.60 6.65
C GLU A 36 -6.51 34.21 6.10
N GLU A 37 -5.72 34.79 6.98
CA GLU A 37 -4.46 35.41 6.60
C GLU A 37 -3.51 34.41 5.94
N PHE A 38 -3.36 33.23 6.54
CA PHE A 38 -2.47 32.22 5.99
C PHE A 38 -3.03 31.62 4.71
N ALA A 39 -4.34 31.36 4.70
CA ALA A 39 -5.00 30.78 3.53
C ALA A 39 -4.79 31.67 2.31
N ARG A 40 -4.92 32.97 2.53
CA ARG A 40 -4.67 33.98 1.51
C ARG A 40 -3.21 33.96 1.07
N ARG A 41 -2.30 33.79 2.03
CA ARG A 41 -0.87 33.74 1.75
C ARG A 41 -0.52 32.57 0.83
N ARG A 42 -1.22 31.44 1.01
CA ARG A 42 -0.96 30.24 0.22
C ARG A 42 -1.20 30.50 -1.27
N ARG A 43 -2.31 31.16 -1.57
CA ARG A 43 -2.64 31.49 -2.94
C ARG A 43 -1.67 32.58 -3.42
N GLU A 44 -1.33 33.49 -2.51
CA GLU A 44 -0.40 34.58 -2.81
C GLU A 44 0.97 34.04 -3.17
N ILE A 45 1.45 33.04 -2.42
CA ILE A 45 2.73 32.41 -2.68
C ILE A 45 2.69 31.61 -3.97
N THR A 46 1.64 30.81 -4.12
CA THR A 46 1.44 30.00 -5.32
C THR A 46 1.44 30.88 -6.57
N ASP A 47 0.78 32.03 -6.46
CA ASP A 47 0.72 32.98 -7.55
C ASP A 47 2.11 33.52 -7.89
N ALA A 48 2.83 33.92 -6.85
CA ALA A 48 4.17 34.48 -7.00
C ALA A 48 5.14 33.43 -7.50
N VAL A 49 4.91 32.18 -7.10
CA VAL A 49 5.74 31.07 -7.56
C VAL A 49 5.50 30.82 -9.04
N SER A 50 4.24 30.88 -9.46
CA SER A 50 3.87 30.62 -10.86
C SER A 50 4.51 31.58 -11.85
N LYS A 51 5.04 32.70 -11.37
CA LYS A 51 5.65 33.69 -12.25
C LYS A 51 7.12 33.36 -12.51
N ILE A 52 7.67 32.49 -11.67
CA ILE A 52 9.08 32.11 -11.75
C ILE A 52 9.25 30.77 -12.45
N PRO A 53 9.73 30.80 -13.70
CA PRO A 53 9.83 29.61 -14.56
C PRO A 53 10.80 28.53 -14.06
N GLU A 54 11.86 28.93 -13.39
CA GLU A 54 12.90 27.99 -12.97
C GLU A 54 12.39 27.10 -11.81
N LEU A 55 11.25 27.47 -11.22
CA LEU A 55 10.70 26.73 -10.10
C LEU A 55 9.76 25.61 -10.55
N ALA A 56 9.55 25.49 -11.85
CA ALA A 56 8.74 24.40 -12.37
C ALA A 56 9.55 23.12 -12.39
N ASP A 57 8.87 21.98 -12.28
CA ASP A 57 9.53 20.69 -12.41
C ASP A 57 10.24 20.62 -13.76
N ILE A 58 11.50 20.18 -13.76
CA ILE A 58 12.31 20.15 -14.97
C ILE A 58 11.61 19.31 -16.04
N LYS A 59 10.90 18.28 -15.59
CA LYS A 59 10.02 17.47 -16.41
C LYS A 59 9.15 16.64 -15.47
N PRO A 60 8.06 16.04 -15.98
CA PRO A 60 7.21 15.17 -15.15
C PRO A 60 7.98 14.21 -14.25
N TYR A 61 7.93 14.48 -12.95
CA TYR A 61 8.70 13.74 -11.95
C TYR A 61 8.71 12.21 -12.06
N PRO A 62 7.58 11.58 -12.46
CA PRO A 62 7.66 10.14 -12.68
C PRO A 62 8.70 9.70 -13.71
N PHE A 63 9.02 10.56 -14.67
CA PHE A 63 9.96 10.19 -15.74
C PHE A 63 11.41 10.13 -15.27
N LEU A 64 11.66 10.60 -14.05
CA LEU A 64 13.03 10.78 -13.58
C LEU A 64 13.64 9.53 -12.97
N THR A 65 14.90 9.27 -13.31
CA THR A 65 15.66 8.20 -12.68
C THR A 65 15.97 8.60 -11.25
N ARG A 66 16.50 7.66 -10.47
CA ARG A 66 16.75 7.91 -9.05
C ARG A 66 17.81 8.99 -8.83
N GLU A 67 18.85 8.97 -9.65
CA GLU A 67 19.91 9.97 -9.58
C GLU A 67 19.40 11.34 -10.06
N GLU A 68 18.61 11.33 -11.13
CA GLU A 68 18.03 12.57 -11.65
C GLU A 68 17.04 13.18 -10.65
N LYS A 69 16.50 12.34 -9.77
CA LYS A 69 15.59 12.81 -8.72
C LYS A 69 16.35 13.55 -7.61
N VAL A 70 17.49 12.98 -7.20
CA VAL A 70 18.37 13.64 -6.24
C VAL A 70 18.85 14.98 -6.80
N THR A 71 19.27 14.96 -8.05
CA THR A 71 19.70 16.16 -8.76
C THR A 71 18.62 17.23 -8.76
N GLU A 72 17.39 16.82 -9.03
CA GLU A 72 16.28 17.76 -9.17
C GLU A 72 15.84 18.36 -7.85
N GLY A 73 15.89 17.56 -6.78
CA GLY A 73 15.61 18.06 -5.46
C GLY A 73 16.68 19.06 -5.05
N THR A 74 17.90 18.82 -5.51
CA THR A 74 19.04 19.70 -5.20
C THR A 74 19.01 20.96 -6.07
N ARG A 75 18.65 20.80 -7.35
CA ARG A 75 18.47 21.92 -8.25
C ARG A 75 17.42 22.88 -7.69
N LYS A 76 16.25 22.33 -7.36
CA LYS A 76 15.09 23.13 -6.98
C LYS A 76 15.27 23.77 -5.60
N ILE A 77 15.99 23.10 -4.70
CA ILE A 77 16.16 23.62 -3.33
C ILE A 77 17.18 24.76 -3.28
N SER A 78 18.13 24.76 -4.21
CA SER A 78 19.14 25.81 -4.27
C SER A 78 18.56 27.06 -4.91
N ILE A 79 17.68 26.86 -5.89
CA ILE A 79 16.98 27.97 -6.53
C ILE A 79 15.97 28.56 -5.56
N LEU A 80 15.18 27.69 -4.93
CA LEU A 80 14.14 28.10 -3.99
C LEU A 80 14.73 28.89 -2.82
N THR A 81 15.92 28.49 -2.38
CA THR A 81 16.59 29.15 -1.26
C THR A 81 16.92 30.60 -1.62
N LYS A 82 17.28 30.84 -2.87
CA LYS A 82 17.53 32.20 -3.35
C LYS A 82 16.26 33.04 -3.30
N TYR A 83 15.18 32.48 -3.83
CA TYR A 83 13.89 33.19 -3.86
C TYR A 83 13.16 33.15 -2.53
N LEU A 84 13.78 32.56 -1.51
CA LEU A 84 13.09 32.32 -0.24
C LEU A 84 12.66 33.60 0.47
N ASN A 85 13.55 34.60 0.50
CA ASN A 85 13.27 35.84 1.22
C ASN A 85 12.31 36.76 0.47
N GLN A 86 12.15 36.51 -0.82
CA GLN A 86 11.18 37.26 -1.61
C GLN A 86 9.77 36.77 -1.32
N LEU A 87 9.63 35.44 -1.33
CA LEU A 87 8.33 34.79 -1.38
C LEU A 87 7.66 34.63 -0.02
N ILE A 88 8.43 34.38 1.03
CA ILE A 88 7.84 34.17 2.35
C ILE A 88 8.61 34.78 3.53
N ASP A 89 8.00 34.64 4.71
CA ASP A 89 8.65 34.91 5.98
C ASP A 89 9.44 33.66 6.36
N ARG A 90 10.77 33.74 6.24
CA ARG A 90 11.65 32.57 6.37
C ARG A 90 11.39 31.73 7.62
N ASP A 91 11.13 32.40 8.74
CA ASP A 91 10.96 31.71 10.01
C ASP A 91 9.48 31.49 10.33
N ASN A 92 8.64 31.57 9.30
CA ASN A 92 7.24 31.20 9.39
C ASN A 92 7.08 29.76 8.88
N GLU A 93 6.97 28.81 9.80
CA GLU A 93 6.97 27.40 9.42
C GLU A 93 5.76 27.02 8.57
N GLU A 94 4.62 27.65 8.83
CA GLU A 94 3.43 27.40 8.03
C GLU A 94 3.66 27.76 6.56
N GLU A 95 4.26 28.93 6.33
CA GLU A 95 4.51 29.38 4.97
C GLU A 95 5.59 28.56 4.28
N SER A 96 6.63 28.21 5.02
CA SER A 96 7.75 27.47 4.46
C SER A 96 7.33 26.08 4.02
N LEU A 97 6.44 25.47 4.79
CA LEU A 97 5.89 24.17 4.46
C LEU A 97 5.06 24.22 3.19
N HIS A 98 4.27 25.27 3.02
CA HIS A 98 3.47 25.42 1.81
C HIS A 98 4.38 25.59 0.60
N LEU A 99 5.40 26.43 0.75
CA LEU A 99 6.32 26.72 -0.34
C LEU A 99 7.09 25.48 -0.80
N HIS A 100 7.53 24.66 0.16
CA HIS A 100 8.32 23.48 -0.16
C HIS A 100 7.44 22.32 -0.63
N ARG A 101 6.29 22.15 0.00
CA ARG A 101 5.36 21.09 -0.41
C ARG A 101 4.89 21.32 -1.84
N GLU A 102 4.83 22.59 -2.26
CA GLU A 102 4.41 22.93 -3.60
C GLU A 102 5.55 22.91 -4.59
N VAL A 103 6.56 23.75 -4.34
CA VAL A 103 7.68 23.87 -5.27
C VAL A 103 8.51 22.59 -5.32
N ILE A 104 9.04 22.16 -4.18
CA ILE A 104 9.86 20.96 -4.14
C ILE A 104 9.05 19.68 -4.28
N GLY A 105 8.15 19.44 -3.33
CA GLY A 105 7.35 18.23 -3.35
C GLY A 105 7.65 17.35 -2.15
N TYR A 106 7.20 16.11 -2.23
CA TYR A 106 7.31 15.20 -1.09
C TYR A 106 8.47 14.22 -1.21
N GLU A 107 9.05 14.10 -2.40
CA GLU A 107 9.99 13.01 -2.68
C GLU A 107 11.39 13.23 -2.10
N GLY A 108 11.63 14.40 -1.53
CA GLY A 108 12.87 14.63 -0.80
C GLY A 108 13.76 15.72 -1.36
N HIS A 109 14.56 16.32 -0.49
CA HIS A 109 15.50 17.37 -0.86
C HIS A 109 16.58 17.47 0.22
N PRO A 110 17.74 18.06 -0.10
CA PRO A 110 18.87 18.13 0.83
C PRO A 110 18.56 18.70 2.21
N PHE A 111 17.45 19.43 2.35
CA PHE A 111 17.16 20.15 3.59
C PHE A 111 15.94 19.64 4.37
N ALA A 112 15.42 18.49 3.96
CA ALA A 112 14.20 17.94 4.57
C ALA A 112 14.35 17.77 6.08
N LEU A 113 15.21 16.84 6.48
CA LEU A 113 15.43 16.54 7.89
C LEU A 113 16.23 17.66 8.57
N HIS A 114 16.87 18.49 7.76
CA HIS A 114 17.56 19.67 8.25
C HIS A 114 16.55 20.59 8.93
N ASP A 115 15.38 20.70 8.31
CA ASP A 115 14.29 21.50 8.83
C ASP A 115 13.40 20.70 9.77
N ALA A 116 13.26 19.41 9.47
CA ALA A 116 12.33 18.55 10.20
C ALA A 116 12.79 18.26 11.62
N LEU A 117 14.08 18.02 11.81
CA LEU A 117 14.59 17.59 13.11
C LEU A 117 15.90 18.25 13.52
N PHE A 118 16.79 18.48 12.57
CA PHE A 118 18.09 19.07 12.88
C PHE A 118 17.92 20.43 13.56
N ILE A 119 17.17 21.32 12.91
CA ILE A 119 16.89 22.64 13.48
C ILE A 119 16.00 22.55 14.74
N PRO A 120 14.91 21.75 14.71
CA PRO A 120 14.10 21.67 15.93
C PRO A 120 14.81 21.05 17.13
N THR A 121 15.84 20.24 16.91
CA THR A 121 16.57 19.63 18.02
C THR A 121 17.55 20.63 18.63
N LEU A 122 18.15 21.46 17.78
CA LEU A 122 19.01 22.53 18.27
C LEU A 122 18.21 23.51 19.11
N GLN A 123 16.98 23.78 18.68
CA GLN A 123 16.09 24.69 19.39
C GLN A 123 15.74 24.18 20.77
N SER A 124 15.51 22.88 20.89
CA SER A 124 15.01 22.30 22.14
C SER A 124 16.10 21.70 23.02
N GLN A 125 17.29 21.49 22.47
CA GLN A 125 18.31 20.73 23.20
C GLN A 125 19.70 21.38 23.27
N ALA A 126 19.91 22.47 22.54
CA ALA A 126 21.21 23.14 22.55
C ALA A 126 21.22 24.40 23.41
N SER A 127 22.36 24.70 24.02
CA SER A 127 22.49 25.88 24.87
C SER A 127 22.44 27.15 24.03
N ASP A 128 22.07 28.26 24.66
CA ASP A 128 22.04 29.55 23.99
C ASP A 128 23.38 29.86 23.34
N GLU A 129 24.44 29.46 24.03
CA GLU A 129 25.78 29.48 23.46
C GLU A 129 25.82 28.64 22.17
N GLN A 130 25.43 27.38 22.28
CA GLN A 130 25.48 26.46 21.16
C GLN A 130 24.49 26.82 20.05
N GLN A 131 23.41 27.52 20.39
CA GLN A 131 22.48 28.01 19.38
C GLN A 131 23.10 29.15 18.61
N GLU A 132 23.92 29.93 19.30
CA GLU A 132 24.62 31.07 18.70
C GLU A 132 25.66 30.59 17.68
N LYS A 133 26.19 29.41 17.93
CA LYS A 133 27.26 28.86 17.11
C LYS A 133 26.73 28.13 15.89
N TRP A 134 25.52 27.58 15.97
CA TRP A 134 25.02 26.77 14.85
C TRP A 134 23.60 27.11 14.39
N LEU A 135 22.68 27.34 15.34
CA LEU A 135 21.26 27.43 15.01
C LEU A 135 20.93 28.51 13.98
N GLU A 136 21.63 29.63 14.02
CA GLU A 136 21.38 30.65 13.01
C GLU A 136 22.11 30.29 11.72
N ARG A 137 23.22 29.56 11.84
CA ARG A 137 23.91 29.07 10.65
C ARG A 137 23.03 28.08 9.90
N ALA A 138 22.31 27.26 10.65
CA ALA A 138 21.36 26.31 10.08
C ALA A 138 20.23 27.03 9.35
N ARG A 139 19.66 28.04 10.01
CA ARG A 139 18.50 28.75 9.47
C ARG A 139 18.82 29.53 8.19
N ARG A 140 20.07 29.99 8.08
CA ARG A 140 20.51 30.70 6.89
C ARG A 140 21.00 29.71 5.83
N ARG A 141 20.80 28.44 6.14
CA ARG A 141 21.21 27.34 5.26
C ARG A 141 22.66 27.50 4.83
N GLU A 142 23.49 27.94 5.78
CA GLU A 142 24.94 27.95 5.60
C GLU A 142 25.46 26.52 5.63
N ILE A 143 24.78 25.69 6.43
CA ILE A 143 25.20 24.32 6.62
C ILE A 143 24.01 23.39 6.48
N ILE A 144 24.26 22.14 6.11
CA ILE A 144 23.20 21.14 5.99
C ILE A 144 23.35 20.10 7.09
N GLY A 145 22.27 19.83 7.81
CA GLY A 145 22.32 18.93 8.95
C GLY A 145 21.44 17.71 8.81
N CYS A 146 21.33 16.94 9.89
CA CYS A 146 20.45 15.78 9.95
C CYS A 146 20.32 15.21 11.37
N TYR A 147 19.31 14.39 11.55
CA TYR A 147 19.05 13.69 12.82
C TYR A 147 19.54 12.24 12.71
N ALA A 148 20.75 11.98 13.21
CA ALA A 148 21.38 10.68 13.05
C ALA A 148 21.22 9.81 14.31
N GLN A 149 20.10 9.10 14.38
CA GLN A 149 19.77 8.31 15.57
C GLN A 149 19.76 6.81 15.28
N THR A 150 18.85 6.39 14.40
CA THR A 150 18.68 4.98 14.09
C THR A 150 19.96 4.34 13.57
N GLU A 151 20.26 3.16 14.09
CA GLU A 151 21.38 2.37 13.60
C GLU A 151 20.89 1.19 12.77
N LEU A 152 21.82 0.51 12.09
CA LEU A 152 21.48 -0.64 11.26
C LEU A 152 20.80 -1.73 12.07
N GLY A 153 21.13 -1.79 13.37
CA GLY A 153 20.59 -2.81 14.24
C GLY A 153 19.66 -2.30 15.33
N HIS A 154 19.44 -0.99 15.37
CA HIS A 154 18.58 -0.40 16.39
C HIS A 154 17.84 0.85 15.92
N GLY A 155 16.52 0.82 16.02
CA GLY A 155 15.70 1.97 15.69
C GLY A 155 14.66 2.24 16.77
N SER A 156 13.91 1.21 17.13
CA SER A 156 12.86 1.33 18.15
C SER A 156 13.43 1.46 19.56
N ASN A 157 14.38 0.59 19.89
CA ASN A 157 14.97 0.54 21.22
C ASN A 157 16.21 1.42 21.36
N LEU A 158 16.03 2.60 21.94
CA LEU A 158 17.12 3.56 22.09
C LEU A 158 17.98 3.27 23.31
N ARG A 159 17.58 2.29 24.11
CA ARG A 159 18.32 1.94 25.31
C ARG A 159 19.57 1.12 25.03
N ASN A 160 19.67 0.61 23.81
CA ASN A 160 20.77 -0.29 23.48
C ASN A 160 21.44 0.03 22.16
N LEU A 161 21.56 1.31 21.85
CA LEU A 161 22.35 1.74 20.70
C LEU A 161 23.82 1.40 20.94
N GLU A 162 24.53 1.04 19.89
CA GLU A 162 25.91 0.57 20.03
C GLU A 162 26.95 1.65 19.77
N THR A 163 26.51 2.83 19.33
CA THR A 163 27.41 3.95 19.11
C THR A 163 27.77 4.60 20.44
N THR A 164 29.05 4.59 20.78
CA THR A 164 29.49 5.09 22.07
C THR A 164 29.97 6.53 22.04
N ALA A 165 29.87 7.19 23.19
CA ALA A 165 30.42 8.52 23.37
C ALA A 165 31.22 8.55 24.66
N VAL A 166 32.53 8.40 24.53
CA VAL A 166 33.43 8.30 25.68
C VAL A 166 34.14 9.61 25.95
N TYR A 167 34.01 10.11 27.18
CA TYR A 167 34.67 11.35 27.54
C TYR A 167 36.10 11.10 28.02
N ASP A 168 37.04 11.79 27.38
CA ASP A 168 38.44 11.75 27.79
C ASP A 168 38.80 13.10 28.43
N ILE A 169 38.85 13.11 29.76
CA ILE A 169 39.02 14.35 30.52
C ILE A 169 40.33 15.05 30.16
N ALA A 170 41.33 14.28 29.76
CA ALA A 170 42.67 14.79 29.45
C ALA A 170 42.63 15.97 28.47
N SER A 171 42.05 15.74 27.31
CA SER A 171 41.95 16.76 26.27
C SER A 171 40.55 17.36 26.19
N GLN A 172 39.69 16.95 27.11
CA GLN A 172 38.31 17.42 27.17
C GLN A 172 37.58 17.20 25.85
N GLU A 173 37.49 15.95 25.43
CA GLU A 173 36.83 15.59 24.18
C GLU A 173 35.98 14.34 24.35
N PHE A 174 34.94 14.23 23.52
CA PHE A 174 34.20 12.98 23.43
C PHE A 174 34.76 12.14 22.30
N VAL A 175 35.07 10.89 22.58
CA VAL A 175 35.44 9.96 21.52
C VAL A 175 34.18 9.22 21.07
N LEU A 176 33.80 9.43 19.82
CA LEU A 176 32.58 8.84 19.27
C LEU A 176 32.96 7.65 18.40
N HIS A 177 32.44 6.46 18.73
CA HIS A 177 32.85 5.27 18.00
C HIS A 177 31.69 4.40 17.49
N THR A 178 31.86 3.92 16.26
CA THR A 178 31.00 2.89 15.69
C THR A 178 31.76 1.56 15.72
N PRO A 179 31.55 0.75 16.77
CA PRO A 179 32.30 -0.49 16.95
C PRO A 179 31.93 -1.58 15.96
N THR A 180 30.64 -1.79 15.74
CA THR A 180 30.19 -2.87 14.88
C THR A 180 29.54 -2.32 13.62
N THR A 181 29.30 -3.22 12.66
CA THR A 181 28.66 -2.86 11.42
C THR A 181 27.20 -2.48 11.69
N THR A 182 26.59 -3.16 12.64
CA THR A 182 25.21 -2.85 13.02
C THR A 182 25.15 -1.52 13.77
N ALA A 183 26.26 -1.14 14.38
CA ALA A 183 26.34 0.11 15.13
C ALA A 183 26.28 1.31 14.20
N LEU A 184 26.53 1.07 12.91
CA LEU A 184 26.42 2.11 11.89
C LEU A 184 25.07 2.80 11.98
N LYS A 185 25.09 4.12 12.00
CA LYS A 185 23.86 4.88 11.81
C LYS A 185 23.27 4.47 10.48
N TRP A 186 21.95 4.41 10.40
CA TRP A 186 21.30 3.87 9.21
C TRP A 186 19.89 4.43 9.15
N TRP A 187 19.61 5.16 8.07
CA TRP A 187 18.32 5.82 7.73
C TRP A 187 18.19 7.33 7.93
N PRO A 188 19.12 8.00 8.63
CA PRO A 188 18.99 9.47 8.65
C PRO A 188 18.95 10.11 7.26
N GLY A 189 17.93 10.93 7.01
CA GLY A 189 17.84 11.67 5.77
C GLY A 189 19.02 12.62 5.65
N ALA A 190 19.54 12.76 4.44
CA ALA A 190 20.67 13.65 4.12
C ALA A 190 22.00 13.21 4.73
N LEU A 191 22.02 12.11 5.47
CA LEU A 191 23.25 11.66 6.12
C LEU A 191 24.31 11.22 5.11
N GLY A 192 23.88 10.45 4.11
CA GLY A 192 24.80 9.89 3.15
C GLY A 192 25.52 10.87 2.23
N LYS A 193 24.80 11.82 1.67
CA LYS A 193 25.36 12.63 0.59
C LYS A 193 25.25 14.15 0.76
N SER A 194 24.25 14.62 1.48
CA SER A 194 23.94 16.06 1.49
C SER A 194 24.57 16.81 2.67
N CYS A 195 24.29 16.36 3.88
CA CYS A 195 24.71 17.10 5.07
C CYS A 195 26.23 17.10 5.23
N ASN A 196 26.73 18.15 5.88
CA ASN A 196 28.13 18.16 6.32
C ASN A 196 28.18 18.21 7.85
N TYR A 197 27.03 18.44 8.46
CA TYR A 197 26.88 18.35 9.90
C TYR A 197 25.79 17.34 10.26
N ALA A 198 25.96 16.64 11.37
CA ALA A 198 24.97 15.69 11.84
C ALA A 198 24.84 15.72 13.36
N LEU A 199 23.61 15.65 13.85
CA LEU A 199 23.38 15.49 15.27
C LEU A 199 23.33 14.00 15.57
N VAL A 200 24.44 13.47 16.08
CA VAL A 200 24.59 12.04 16.29
C VAL A 200 24.22 11.59 17.69
N VAL A 201 23.26 10.69 17.77
CA VAL A 201 22.80 10.15 19.05
C VAL A 201 23.69 8.99 19.49
N ALA A 202 24.30 9.11 20.65
CA ALA A 202 25.22 8.09 21.14
C ALA A 202 25.08 7.84 22.63
N GLU A 203 25.45 6.64 23.06
CA GLU A 203 25.42 6.28 24.46
C GLU A 203 26.55 7.01 25.21
N LEU A 204 26.19 7.73 26.26
CA LEU A 204 27.16 8.55 26.99
C LEU A 204 27.92 7.74 28.04
N ILE A 205 29.24 7.77 27.94
CA ILE A 205 30.11 7.01 28.84
C ILE A 205 31.11 7.92 29.55
N ILE A 206 31.08 7.91 30.88
CA ILE A 206 32.00 8.71 31.68
C ILE A 206 32.78 7.81 32.65
N LYS A 207 34.03 7.53 32.28
CA LYS A 207 34.90 6.60 33.01
C LYS A 207 34.13 5.39 33.54
N ARG A 208 33.76 4.52 32.60
CA ARG A 208 32.65 3.57 32.75
C ARG A 208 31.58 4.01 33.72
N ASN A 209 30.72 4.90 33.24
CA ASN A 209 29.39 5.09 33.77
C ASN A 209 28.49 5.27 32.57
N ASN A 210 27.37 4.56 32.52
CA ASN A 210 26.50 4.65 31.36
C ASN A 210 25.29 5.54 31.64
N TYR A 211 25.16 6.59 30.85
CA TYR A 211 24.18 7.63 31.13
C TYR A 211 23.03 7.71 30.13
N GLY A 212 22.99 6.78 29.19
CA GLY A 212 21.94 6.77 28.20
C GLY A 212 22.29 7.56 26.96
N PRO A 213 21.38 7.60 25.98
CA PRO A 213 21.62 8.29 24.70
C PRO A 213 21.61 9.82 24.82
N HIS A 214 22.56 10.48 24.17
CA HIS A 214 22.63 11.94 24.20
C HIS A 214 22.91 12.51 22.80
N PHE A 215 22.87 13.83 22.66
CA PHE A 215 23.07 14.47 21.37
C PHE A 215 24.44 15.11 21.23
N PHE A 216 25.13 14.77 20.14
CA PHE A 216 26.46 15.32 19.87
C PHE A 216 26.51 15.91 18.46
N MET A 217 26.83 17.18 18.37
CA MET A 217 27.07 17.81 17.08
C MET A 217 28.35 17.24 16.47
N VAL A 218 28.25 16.76 15.24
CA VAL A 218 29.42 16.24 14.54
C VAL A 218 29.52 16.85 13.16
N GLN A 219 30.66 17.47 12.86
CA GLN A 219 30.94 17.87 11.49
C GLN A 219 31.42 16.63 10.73
N LEU A 220 30.84 16.38 9.57
CA LEU A 220 31.13 15.16 8.82
C LEU A 220 31.98 15.46 7.59
N ARG A 221 31.66 16.56 6.93
CA ARG A 221 32.35 16.93 5.70
C ARG A 221 32.94 18.32 5.80
N ASP A 222 34.07 18.51 5.13
CA ASP A 222 34.71 19.82 5.03
C ASP A 222 33.74 20.84 4.43
N GLU A 223 33.57 21.97 5.09
CA GLU A 223 32.60 22.97 4.65
C GLU A 223 32.95 23.57 3.29
N LYS A 224 34.21 23.42 2.89
CA LYS A 224 34.71 24.01 1.65
C LYS A 224 34.75 23.00 0.50
N THR A 225 35.16 21.77 0.79
CA THR A 225 35.32 20.76 -0.26
C THR A 225 34.23 19.67 -0.24
N HIS A 226 33.53 19.57 0.89
CA HIS A 226 32.49 18.56 1.10
C HIS A 226 33.05 17.13 1.10
N ILE A 227 34.37 17.03 1.23
CA ILE A 227 35.05 15.77 1.43
C ILE A 227 34.97 15.42 2.92
N PRO A 228 34.62 14.16 3.24
CA PRO A 228 34.45 13.74 4.64
C PRO A 228 35.70 13.91 5.50
N LEU A 229 35.53 14.16 6.79
CA LEU A 229 36.64 14.36 7.70
C LEU A 229 37.25 13.03 8.14
N LYS A 230 38.43 13.11 8.75
CA LYS A 230 39.13 11.94 9.25
C LYS A 230 38.36 11.22 10.35
N GLY A 231 37.94 9.99 10.08
CA GLY A 231 37.21 9.19 11.05
C GLY A 231 35.76 8.97 10.65
N VAL A 232 35.39 9.50 9.48
CA VAL A 232 34.01 9.46 9.03
C VAL A 232 33.80 8.59 7.80
N THR A 233 32.93 7.58 7.94
CA THR A 233 32.48 6.78 6.82
C THR A 233 31.03 7.15 6.54
N VAL A 234 30.71 7.43 5.28
CA VAL A 234 29.39 7.96 4.95
C VAL A 234 28.98 7.63 3.51
N GLY A 235 27.73 7.19 3.35
CA GLY A 235 27.20 6.82 2.05
C GLY A 235 25.70 6.61 2.09
N ASP A 236 25.10 6.45 0.91
CA ASP A 236 23.65 6.26 0.78
C ASP A 236 23.27 4.79 0.99
N ILE A 237 22.06 4.55 1.48
CA ILE A 237 21.64 3.19 1.80
C ILE A 237 20.84 2.53 0.68
N GLY A 238 20.93 3.08 -0.53
CA GLY A 238 20.30 2.48 -1.69
C GLY A 238 18.88 2.98 -1.96
N PRO A 239 18.27 2.48 -3.04
CA PRO A 239 16.88 2.82 -3.40
C PRO A 239 15.91 2.45 -2.29
N LYS A 240 14.73 3.05 -2.31
CA LYS A 240 13.73 2.83 -1.28
C LYS A 240 12.34 2.65 -1.88
N MET A 241 11.38 2.23 -1.06
CA MET A 241 9.99 2.12 -1.49
C MET A 241 9.53 3.44 -2.10
N ASN A 242 9.94 4.54 -1.47
CA ASN A 242 9.77 5.86 -2.04
C ASN A 242 10.73 6.83 -1.38
N PHE A 243 10.46 8.12 -1.53
CA PHE A 243 11.29 9.17 -0.94
C PHE A 243 12.70 9.13 -1.53
N ASN A 244 12.78 8.79 -2.82
CA ASN A 244 14.06 8.52 -3.47
C ASN A 244 14.78 9.73 -4.07
N ALA A 245 14.20 10.91 -3.93
CA ALA A 245 14.92 12.12 -4.32
C ALA A 245 15.79 12.56 -3.16
N ALA A 246 15.53 11.98 -2.00
CA ALA A 246 16.33 12.19 -0.81
C ALA A 246 17.44 11.17 -0.71
N ASP A 247 18.52 11.52 -0.03
CA ASP A 247 19.57 10.54 0.25
C ASP A 247 19.54 10.19 1.73
N ASN A 248 19.04 9.01 2.03
CA ASN A 248 19.11 8.49 3.38
C ASN A 248 20.38 7.67 3.50
N GLY A 249 21.20 7.99 4.49
CA GLY A 249 22.55 7.44 4.53
C GLY A 249 22.93 6.63 5.74
N TYR A 250 24.16 6.14 5.74
CA TYR A 250 24.72 5.48 6.90
C TYR A 250 25.97 6.23 7.36
N LEU A 251 26.31 6.09 8.64
CA LEU A 251 27.47 6.79 9.19
C LEU A 251 28.38 5.86 9.98
N GLY A 252 29.66 5.88 9.65
CA GLY A 252 30.66 5.13 10.39
C GLY A 252 31.66 6.05 11.06
N LEU A 253 31.79 5.91 12.38
CA LEU A 253 32.71 6.76 13.14
C LEU A 253 33.83 5.92 13.75
N ASN A 254 35.08 6.31 13.49
CA ASN A 254 36.25 5.61 14.03
C ASN A 254 37.00 6.47 15.04
N ASN A 255 36.60 6.35 16.31
CA ASN A 255 37.17 7.14 17.40
C ASN A 255 37.25 8.63 17.06
N LEU A 256 36.15 9.15 16.53
CA LEU A 256 36.04 10.55 16.13
C LEU A 256 35.99 11.45 17.36
N ARG A 257 36.88 12.44 17.41
CA ARG A 257 36.96 13.32 18.58
C ARG A 257 36.30 14.65 18.35
N VAL A 258 35.36 14.99 19.22
CA VAL A 258 34.70 16.28 19.21
C VAL A 258 34.83 16.92 20.59
N PRO A 259 34.94 18.26 20.63
CA PRO A 259 34.99 19.01 21.89
C PRO A 259 33.85 18.66 22.83
N ARG A 260 34.10 18.78 24.14
CA ARG A 260 33.10 18.58 25.17
C ARG A 260 31.84 19.39 24.90
N THR A 261 32.01 20.54 24.26
CA THR A 261 30.92 21.47 23.98
C THR A 261 30.24 21.20 22.63
N ASN A 262 30.54 20.03 22.04
CA ASN A 262 29.80 19.57 20.88
C ASN A 262 28.69 18.65 21.36
N LEU A 263 28.71 18.37 22.66
CA LEU A 263 27.60 17.75 23.34
C LEU A 263 26.51 18.80 23.56
N LEU A 264 25.34 18.54 23.02
CA LEU A 264 24.22 19.45 23.20
C LEU A 264 23.85 19.55 24.67
N MET A 265 24.19 20.68 25.27
CA MET A 265 23.82 20.96 26.64
C MET A 265 22.75 22.05 26.66
N ARG A 266 22.07 22.15 27.81
CA ARG A 266 20.73 22.67 28.02
C ARG A 266 19.97 21.45 28.50
N HIS A 267 19.30 21.58 29.65
CA HIS A 267 18.72 20.46 30.40
C HIS A 267 19.80 19.64 31.11
N CYS A 268 20.82 19.21 30.38
CA CYS A 268 21.89 18.41 30.97
C CYS A 268 23.28 19.03 30.79
N LYS A 269 24.27 18.47 31.48
CA LYS A 269 25.64 18.97 31.43
C LYS A 269 26.70 17.88 31.61
N VAL A 270 27.86 18.11 31.00
CA VAL A 270 29.09 17.39 31.34
C VAL A 270 30.19 18.42 31.53
N GLU A 271 30.69 18.57 32.76
CA GLU A 271 31.72 19.55 33.06
C GLU A 271 33.09 19.04 32.64
N ALA A 272 34.05 19.96 32.51
CA ALA A 272 35.40 19.63 32.05
C ALA A 272 36.06 18.54 32.90
N ASP A 273 35.66 18.43 34.16
CA ASP A 273 36.20 17.42 35.05
C ASP A 273 35.44 16.09 34.95
N GLY A 274 34.41 16.07 34.11
CA GLY A 274 33.64 14.86 33.91
C GLY A 274 32.38 14.78 34.76
N THR A 275 32.14 15.80 35.56
CA THR A 275 30.92 15.87 36.37
C THR A 275 29.69 15.90 35.49
N TYR A 276 28.82 14.91 35.66
CA TYR A 276 27.59 14.86 34.88
C TYR A 276 26.41 15.43 35.68
N VAL A 277 25.69 16.36 35.06
CA VAL A 277 24.53 16.97 35.68
C VAL A 277 23.23 16.46 35.05
N LYS A 278 22.49 15.66 35.81
CA LYS A 278 21.24 15.07 35.35
C LYS A 278 20.27 16.12 34.82
N PRO A 279 19.55 15.80 33.74
CA PRO A 279 18.48 16.69 33.27
C PRO A 279 17.19 16.51 34.08
N PRO A 280 16.40 17.58 34.22
CA PRO A 280 15.18 17.61 35.05
C PRO A 280 14.29 16.39 34.86
N HIS A 281 13.53 16.36 33.76
CA HIS A 281 12.72 15.20 33.43
C HIS A 281 13.50 14.27 32.51
N ALA A 282 13.84 13.10 33.01
CA ALA A 282 14.54 12.11 32.18
C ALA A 282 13.63 11.67 31.05
N LYS A 283 13.93 12.20 29.85
CA LYS A 283 13.29 11.95 28.55
C LYS A 283 13.05 13.28 27.85
N ILE A 284 13.77 14.31 28.27
CA ILE A 284 13.64 15.63 27.66
C ILE A 284 14.25 15.65 26.27
N GLY A 285 15.09 14.66 25.98
CA GLY A 285 15.83 14.63 24.73
C GLY A 285 15.03 14.14 23.55
N TYR A 286 13.96 13.41 23.82
CA TYR A 286 13.12 12.87 22.75
C TYR A 286 12.18 13.92 22.20
N SER A 287 12.40 15.18 22.58
CA SER A 287 11.50 16.27 22.22
C SER A 287 11.35 16.46 20.72
N GLY A 288 12.41 16.19 19.97
CA GLY A 288 12.37 16.34 18.53
C GLY A 288 11.40 15.36 17.90
N MET A 289 11.35 14.16 18.47
CA MET A 289 10.46 13.11 17.99
C MET A 289 8.99 13.48 18.19
N VAL A 290 8.68 14.06 19.34
CA VAL A 290 7.31 14.42 19.68
C VAL A 290 6.80 15.55 18.79
N LYS A 291 7.70 16.42 18.34
CA LYS A 291 7.29 17.48 17.43
C LYS A 291 6.77 16.88 16.13
N ILE A 292 7.47 15.88 15.61
CA ILE A 292 7.06 15.19 14.39
C ILE A 292 5.72 14.49 14.59
N ARG A 293 5.64 13.67 15.64
CA ARG A 293 4.42 12.90 15.94
C ARG A 293 3.19 13.79 16.12
N SER A 294 3.39 14.90 16.82
CA SER A 294 2.31 15.86 17.01
C SER A 294 1.89 16.46 15.66
N GLN A 295 2.85 16.59 14.76
CA GLN A 295 2.63 17.29 13.51
C GLN A 295 2.00 16.45 12.40
N MET A 296 2.18 15.13 12.44
CA MET A 296 1.78 14.31 11.31
C MET A 296 0.30 13.96 11.26
N ALA A 297 -0.47 14.34 12.28
CA ALA A 297 -1.91 14.26 12.16
C ALA A 297 -2.35 15.27 11.10
N MET A 298 -1.73 16.45 11.16
CA MET A 298 -1.93 17.49 10.16
C MET A 298 -1.44 17.04 8.79
N GLU A 299 -0.21 16.53 8.75
CA GLU A 299 0.45 16.18 7.50
C GLU A 299 -0.13 14.92 6.85
N GLN A 300 -0.46 13.92 7.65
CA GLN A 300 -1.11 12.73 7.13
C GLN A 300 -2.59 13.01 6.94
N GLY A 301 -3.00 14.24 7.22
CA GLY A 301 -4.31 14.72 6.86
C GLY A 301 -4.28 15.36 5.48
N LEU A 302 -3.14 15.93 5.11
CA LEU A 302 -3.02 16.68 3.86
C LEU A 302 -2.64 15.79 2.65
N PHE A 303 -1.72 14.84 2.84
CA PHE A 303 -1.44 13.83 1.82
C PHE A 303 -2.74 13.17 1.35
N LEU A 304 -3.56 12.80 2.31
CA LEU A 304 -4.83 12.12 2.08
C LEU A 304 -5.77 13.02 1.31
N ALA A 305 -5.80 14.30 1.68
CA ALA A 305 -6.58 15.27 0.93
C ALA A 305 -6.08 15.37 -0.50
N HIS A 306 -4.76 15.35 -0.65
CA HIS A 306 -4.10 15.37 -1.94
C HIS A 306 -4.57 14.20 -2.82
N ALA A 307 -4.61 13.01 -2.24
CA ALA A 307 -5.07 11.83 -2.96
C ALA A 307 -6.52 11.98 -3.38
N LEU A 308 -7.34 12.46 -2.45
CA LEU A 308 -8.78 12.62 -2.68
C LEU A 308 -9.07 13.75 -3.67
N THR A 309 -8.17 14.72 -3.75
CA THR A 309 -8.31 15.82 -4.69
C THR A 309 -8.24 15.27 -6.12
N ILE A 310 -7.50 14.17 -6.27
CA ILE A 310 -7.34 13.52 -7.57
C ILE A 310 -8.46 12.53 -7.85
N ALA A 311 -8.82 11.75 -6.85
CA ALA A 311 -9.88 10.77 -6.98
C ALA A 311 -11.22 11.43 -7.28
N ALA A 312 -11.62 12.38 -6.43
CA ALA A 312 -12.90 13.04 -6.55
C ALA A 312 -13.08 13.73 -7.91
N ARG A 313 -12.12 14.55 -8.27
CA ARG A 313 -12.14 15.26 -9.55
C ARG A 313 -12.24 14.29 -10.72
N TYR A 314 -11.40 13.25 -10.69
CA TYR A 314 -11.42 12.24 -11.75
C TYR A 314 -12.70 11.42 -11.70
N SER A 315 -13.28 11.26 -10.50
CA SER A 315 -14.51 10.50 -10.36
C SER A 315 -15.69 11.26 -10.96
N ALA A 316 -15.52 12.57 -11.12
CA ALA A 316 -16.57 13.41 -11.69
C ALA A 316 -16.35 13.64 -13.19
N VAL A 317 -15.28 13.05 -13.72
CA VAL A 317 -15.03 13.09 -15.16
C VAL A 317 -15.26 11.71 -15.77
N ARG A 318 -14.58 10.71 -15.21
CA ARG A 318 -14.70 9.32 -15.64
C ARG A 318 -16.16 8.86 -15.66
N ARG A 319 -16.71 8.71 -16.85
CA ARG A 319 -18.04 8.13 -17.00
C ARG A 319 -17.91 6.66 -17.36
N GLN A 320 -18.59 5.81 -16.61
CA GLN A 320 -18.52 4.37 -16.83
C GLN A 320 -19.75 3.66 -16.27
N GLY A 321 -20.38 2.83 -17.11
CA GLY A 321 -21.58 2.11 -16.72
C GLY A 321 -22.81 2.96 -16.96
N HIS A 322 -23.97 2.35 -16.79
CA HIS A 322 -25.24 3.06 -16.99
C HIS A 322 -26.10 3.02 -15.72
N LEU A 323 -26.79 4.11 -15.44
CA LEU A 323 -27.81 4.12 -14.40
C LEU A 323 -29.19 4.00 -15.04
N ASP A 324 -30.07 4.96 -14.75
CA ASP A 324 -31.40 4.97 -15.35
C ASP A 324 -31.35 5.37 -16.82
N ASP A 325 -30.93 6.60 -17.09
CA ASP A 325 -30.70 7.05 -18.46
C ASP A 325 -29.69 6.12 -19.13
N LYS A 326 -30.17 5.34 -20.09
CA LYS A 326 -29.32 4.36 -20.75
C LYS A 326 -28.74 4.87 -22.05
N GLN A 327 -28.88 6.18 -22.26
CA GLN A 327 -28.02 6.92 -23.18
C GLN A 327 -27.05 7.69 -22.29
N VAL A 328 -25.82 7.89 -22.73
CA VAL A 328 -24.81 8.63 -21.96
C VAL A 328 -24.46 7.95 -20.63
N GLU A 329 -23.22 7.48 -20.52
CA GLU A 329 -22.76 6.83 -19.29
C GLU A 329 -22.79 7.78 -18.11
N VAL A 330 -22.93 7.23 -16.90
CA VAL A 330 -22.96 8.04 -15.69
C VAL A 330 -21.56 8.29 -15.12
N LYS A 331 -21.37 9.43 -14.49
CA LYS A 331 -20.16 9.70 -13.73
C LYS A 331 -20.00 8.67 -12.61
N VAL A 332 -18.80 8.12 -12.46
CA VAL A 332 -18.57 7.03 -11.50
C VAL A 332 -18.71 7.51 -10.07
N LEU A 333 -18.62 8.83 -9.87
CA LEU A 333 -18.79 9.41 -8.54
C LEU A 333 -20.23 9.24 -8.07
N ASP A 334 -21.15 8.95 -8.98
CA ASP A 334 -22.55 8.81 -8.62
C ASP A 334 -22.82 7.47 -7.94
N TYR A 335 -22.00 6.48 -8.25
CA TYR A 335 -22.14 5.15 -7.65
C TYR A 335 -21.94 5.20 -6.15
N GLN A 336 -22.63 4.33 -5.42
CA GLN A 336 -22.59 4.34 -3.96
C GLN A 336 -21.25 3.87 -3.42
N THR A 337 -20.76 2.75 -3.98
CA THR A 337 -19.46 2.20 -3.59
C THR A 337 -18.35 3.22 -3.74
N GLN A 338 -18.44 4.04 -4.79
CA GLN A 338 -17.43 5.06 -5.07
C GLN A 338 -17.51 6.21 -4.07
N GLN A 339 -18.73 6.61 -3.72
CA GLN A 339 -18.94 7.60 -2.67
C GLN A 339 -18.54 7.02 -1.31
N HIS A 340 -18.68 5.70 -1.19
CA HIS A 340 -18.39 5.00 0.05
C HIS A 340 -16.88 4.77 0.24
N ARG A 341 -16.15 4.62 -0.87
CA ARG A 341 -14.73 4.35 -0.81
C ARG A 341 -13.92 5.65 -0.87
N LEU A 342 -14.63 6.77 -0.94
CA LEU A 342 -14.00 8.08 -1.08
C LEU A 342 -14.31 9.04 0.05
N PHE A 343 -15.59 9.29 0.29
CA PHE A 343 -16.04 10.33 1.22
C PHE A 343 -15.67 10.12 2.70
N PRO A 344 -15.69 8.87 3.21
CA PRO A 344 -15.23 8.71 4.60
C PRO A 344 -13.77 9.14 4.80
N SER A 345 -12.92 8.85 3.82
CA SER A 345 -11.54 9.30 3.87
C SER A 345 -11.50 10.82 3.85
N LEU A 346 -12.41 11.41 3.07
CA LEU A 346 -12.54 12.86 3.00
C LEU A 346 -12.97 13.41 4.35
N ALA A 347 -13.77 12.64 5.07
CA ALA A 347 -14.18 13.01 6.42
C ALA A 347 -13.00 12.91 7.37
N ARG A 348 -12.14 11.92 7.12
CA ARG A 348 -10.96 11.70 7.95
C ARG A 348 -9.89 12.77 7.71
N ALA A 349 -9.74 13.16 6.45
CA ALA A 349 -8.75 14.18 6.09
C ALA A 349 -9.01 15.49 6.85
N TYR A 350 -10.27 15.89 6.90
CA TYR A 350 -10.67 17.05 7.69
C TYR A 350 -10.49 16.78 9.18
N ALA A 351 -10.95 15.61 9.63
CA ALA A 351 -10.90 15.26 11.04
C ALA A 351 -9.46 15.20 11.56
N PHE A 352 -8.58 14.63 10.74
CA PHE A 352 -7.17 14.50 11.13
C PHE A 352 -6.51 15.88 11.25
N ILE A 353 -6.79 16.75 10.29
CA ILE A 353 -6.16 18.07 10.22
C ILE A 353 -6.55 18.93 11.42
N PHE A 354 -7.81 18.89 11.80
CA PHE A 354 -8.29 19.63 12.97
C PHE A 354 -7.71 19.03 14.24
N THR A 355 -7.58 17.72 14.25
CA THR A 355 -6.92 17.01 15.34
C THR A 355 -5.45 17.42 15.37
N GLY A 356 -4.90 17.69 14.20
CA GLY A 356 -3.53 18.13 14.07
C GLY A 356 -3.27 19.51 14.64
N PHE A 357 -4.22 20.42 14.44
CA PHE A 357 -4.09 21.78 14.96
C PHE A 357 -3.96 21.82 16.48
N GLU A 358 -4.72 20.96 17.15
CA GLU A 358 -4.68 20.91 18.61
C GLU A 358 -3.33 20.42 19.13
N THR A 359 -2.86 19.29 18.59
CA THR A 359 -1.62 18.69 19.08
C THR A 359 -0.38 19.45 18.62
N ILE A 360 -0.50 20.20 17.53
CA ILE A 360 0.60 21.06 17.09
C ILE A 360 0.79 22.19 18.10
N HIS A 361 -0.32 22.77 18.55
CA HIS A 361 -0.26 23.96 19.39
C HIS A 361 0.16 23.65 20.82
N LEU A 362 -0.38 22.59 21.40
CA LEU A 362 -0.01 22.28 22.78
C LEU A 362 1.36 21.62 22.87
N TYR A 363 1.90 21.18 21.74
CA TYR A 363 3.29 20.74 21.77
C TYR A 363 4.21 21.94 21.95
N SER A 364 4.02 22.93 21.08
CA SER A 364 4.85 24.13 21.09
C SER A 364 4.54 25.01 22.29
N GLN A 365 3.57 24.62 23.11
CA GLN A 365 3.31 25.30 24.37
C GLN A 365 3.76 24.47 25.55
N LEU A 366 3.64 23.15 25.45
CA LEU A 366 4.27 22.25 26.41
C LEU A 366 5.74 22.10 26.04
N LEU A 367 6.24 23.10 25.30
CA LEU A 367 7.64 23.28 25.01
C LEU A 367 8.13 24.44 25.86
N LYS A 368 7.19 25.28 26.28
CA LYS A 368 7.46 26.39 27.17
C LYS A 368 7.28 25.95 28.62
N ASP A 369 6.43 24.94 28.81
CA ASP A 369 6.26 24.30 30.11
C ASP A 369 7.56 23.64 30.53
N VAL A 370 8.37 23.28 29.52
CA VAL A 370 9.67 22.66 29.73
C VAL A 370 10.73 23.74 29.91
N ASP A 371 10.37 24.98 29.61
CA ASP A 371 11.24 26.10 29.91
C ASP A 371 10.85 26.70 31.26
N MET A 372 11.39 26.07 32.32
CA MET A 372 11.22 26.40 33.74
C MET A 372 9.98 25.78 34.39
N GLY A 373 10.15 24.58 34.94
CA GLY A 373 9.14 24.03 35.85
C GLY A 373 8.46 22.72 35.51
N ASN A 374 7.13 22.73 35.63
CA ASN A 374 6.32 21.52 35.53
C ASN A 374 6.23 20.97 34.12
N THR A 375 6.63 19.71 33.95
CA THR A 375 6.49 18.99 32.69
C THR A 375 5.68 17.74 32.98
N SER A 376 4.39 17.95 33.25
CA SER A 376 3.50 16.85 33.59
C SER A 376 2.70 16.56 32.34
N GLY A 377 2.42 17.62 31.60
CA GLY A 377 1.81 17.50 30.29
C GLY A 377 2.82 17.12 29.22
N MET A 378 3.95 16.56 29.64
CA MET A 378 4.92 16.03 28.70
C MET A 378 4.57 14.58 28.42
N ALA A 379 4.38 13.81 29.49
CA ALA A 379 3.98 12.41 29.38
C ALA A 379 2.60 12.27 28.75
N ASP A 380 1.70 13.20 29.07
CA ASP A 380 0.34 13.16 28.56
C ASP A 380 0.28 13.45 27.07
N LEU A 381 1.21 14.27 26.59
CA LEU A 381 1.26 14.59 25.17
C LEU A 381 1.93 13.46 24.39
N HIS A 382 3.02 12.92 24.93
CA HIS A 382 3.76 11.84 24.29
C HIS A 382 2.85 10.67 23.92
N ALA A 383 2.03 10.26 24.88
CA ALA A 383 1.17 9.10 24.69
C ALA A 383 0.03 9.36 23.73
N LEU A 384 -0.54 10.56 23.78
CA LEU A 384 -1.59 10.95 22.85
C LEU A 384 -1.07 10.87 21.42
N THR A 385 0.08 11.52 21.18
CA THR A 385 0.69 11.58 19.86
C THR A 385 1.33 10.25 19.48
N SER A 386 1.51 9.37 20.46
CA SER A 386 2.06 8.05 20.20
C SER A 386 1.07 7.22 19.38
N GLY A 387 -0.18 7.21 19.83
CA GLY A 387 -1.22 6.48 19.13
C GLY A 387 -1.77 7.28 17.97
N LEU A 388 -1.76 8.60 18.11
CA LEU A 388 -2.33 9.48 17.10
C LEU A 388 -1.61 9.31 15.75
N LYS A 389 -0.28 9.25 15.77
CA LYS A 389 0.47 9.10 14.54
C LYS A 389 0.29 7.70 13.95
N SER A 390 0.09 6.72 14.81
CA SER A 390 -0.07 5.34 14.36
C SER A 390 -1.40 5.12 13.65
N VAL A 391 -2.49 5.47 14.32
CA VAL A 391 -3.83 5.30 13.76
C VAL A 391 -4.01 6.15 12.50
N VAL A 392 -3.57 7.40 12.57
CA VAL A 392 -3.70 8.33 11.45
C VAL A 392 -2.94 7.84 10.22
N ALA A 393 -1.66 7.51 10.38
CA ALA A 393 -0.84 7.05 9.26
C ALA A 393 -1.40 5.75 8.66
N HIS A 394 -1.90 4.88 9.52
CA HIS A 394 -2.46 3.60 9.09
C HIS A 394 -3.74 3.80 8.29
N GLU A 395 -4.65 4.61 8.82
CA GLU A 395 -5.91 4.89 8.16
C GLU A 395 -5.74 5.79 6.94
N THR A 396 -4.76 6.69 7.00
CA THR A 396 -4.41 7.51 5.84
C THR A 396 -3.91 6.62 4.71
N GLY A 397 -3.22 5.54 5.10
CA GLY A 397 -2.73 4.56 4.16
C GLY A 397 -3.85 3.89 3.40
N GLU A 398 -4.75 3.24 4.13
CA GLU A 398 -5.91 2.60 3.52
C GLU A 398 -6.71 3.57 2.66
N GLY A 399 -6.86 4.79 3.15
CA GLY A 399 -7.59 5.82 2.44
C GLY A 399 -6.98 6.16 1.09
N ILE A 400 -5.66 6.29 1.06
CA ILE A 400 -4.96 6.72 -0.14
C ILE A 400 -4.97 5.65 -1.23
N GLU A 401 -4.83 4.38 -0.83
CA GLU A 401 -4.98 3.27 -1.78
C GLU A 401 -6.38 3.25 -2.38
N GLN A 402 -7.38 3.46 -1.53
CA GLN A 402 -8.78 3.53 -1.96
C GLN A 402 -8.95 4.65 -2.99
N ALA A 403 -8.23 5.74 -2.77
CA ALA A 403 -8.28 6.88 -3.67
C ALA A 403 -7.71 6.52 -5.03
N ARG A 404 -6.64 5.74 -5.05
CA ARG A 404 -5.99 5.33 -6.28
C ARG A 404 -6.85 4.36 -7.09
N MET A 405 -7.26 3.28 -6.45
CA MET A 405 -8.09 2.26 -7.10
C MET A 405 -9.41 2.84 -7.59
N ALA A 406 -9.83 3.95 -6.99
CA ALA A 406 -11.06 4.63 -7.39
C ALA A 406 -10.97 5.17 -8.82
N CYS A 407 -9.74 5.45 -9.26
CA CYS A 407 -9.47 5.90 -10.62
C CYS A 407 -9.43 4.71 -11.56
N GLY A 408 -9.59 3.51 -11.01
CA GLY A 408 -9.53 2.28 -11.78
C GLY A 408 -8.14 2.08 -12.37
N GLY A 409 -8.11 1.49 -13.56
CA GLY A 409 -6.87 1.23 -14.28
C GLY A 409 -5.90 2.40 -14.28
N HIS A 410 -6.39 3.59 -14.61
CA HIS A 410 -5.52 4.76 -14.72
C HIS A 410 -4.91 5.19 -13.39
N GLY A 411 -5.48 4.73 -12.29
CA GLY A 411 -4.94 5.03 -10.97
C GLY A 411 -3.58 4.39 -10.76
N TYR A 412 -3.35 3.28 -11.46
CA TYR A 412 -2.11 2.52 -11.35
C TYR A 412 -0.98 3.23 -12.09
N SER A 413 -1.36 4.09 -13.04
CA SER A 413 -0.38 4.88 -13.78
C SER A 413 0.20 5.97 -12.90
N MET A 414 1.43 6.38 -13.21
CA MET A 414 2.09 7.46 -12.48
C MET A 414 1.46 8.81 -12.82
N ALA A 415 0.57 8.81 -13.80
CA ALA A 415 -0.14 10.01 -14.22
C ALA A 415 -1.22 10.38 -13.21
N SER A 416 -1.49 9.45 -12.29
CA SER A 416 -2.42 9.68 -11.18
C SER A 416 -1.66 10.24 -9.97
N TYR A 417 -0.42 9.77 -9.81
CA TYR A 417 0.52 10.24 -8.78
C TYR A 417 0.16 9.78 -7.36
N ILE A 418 -0.95 9.07 -7.23
CA ILE A 418 -1.45 8.62 -5.94
C ILE A 418 -0.56 7.52 -5.35
N SER A 419 0.11 6.78 -6.21
CA SER A 419 1.04 5.75 -5.77
C SER A 419 2.25 6.38 -5.08
N VAL A 420 2.74 7.49 -5.65
CA VAL A 420 3.81 8.27 -5.03
C VAL A 420 3.40 8.73 -3.64
N VAL A 421 2.28 9.43 -3.57
CA VAL A 421 1.69 9.91 -2.33
C VAL A 421 1.51 8.79 -1.34
N TYR A 422 1.15 7.61 -1.84
CA TYR A 422 1.01 6.48 -0.95
C TYR A 422 2.38 6.07 -0.42
N GLY A 423 3.34 5.87 -1.33
CA GLY A 423 4.68 5.47 -0.95
C GLY A 423 5.33 6.40 0.06
N ILE A 424 5.14 7.70 -0.14
CA ILE A 424 5.70 8.71 0.74
C ILE A 424 5.10 8.65 2.16
N ALA A 425 3.78 8.80 2.24
CA ALA A 425 3.10 8.92 3.53
C ALA A 425 3.14 7.64 4.36
N ILE A 426 3.02 6.49 3.68
CA ILE A 426 2.94 5.20 4.36
C ILE A 426 4.19 4.94 5.20
N GLY A 427 5.28 5.61 4.86
CA GLY A 427 6.49 5.57 5.68
C GLY A 427 6.21 6.06 7.08
N GLY A 428 5.17 6.88 7.22
CA GLY A 428 4.74 7.40 8.51
C GLY A 428 4.32 6.32 9.49
N CYS A 429 4.04 5.13 8.95
CA CYS A 429 3.73 3.98 9.76
C CYS A 429 5.00 3.35 10.35
N THR A 430 6.16 3.89 9.98
CA THR A 430 7.42 3.31 10.39
C THR A 430 8.33 4.35 11.04
N TYR A 431 8.64 5.43 10.33
CA TYR A 431 9.51 6.46 10.88
C TYR A 431 8.79 7.14 12.05
N ALA A 432 9.55 7.88 12.85
CA ALA A 432 9.01 8.56 14.03
C ALA A 432 8.29 7.58 14.96
N GLY A 433 8.77 6.34 14.99
CA GLY A 433 8.21 5.31 15.85
C GLY A 433 7.42 4.26 15.09
N GLU A 434 7.86 3.02 15.17
CA GLU A 434 7.13 1.90 14.59
C GLU A 434 5.71 1.85 15.18
N ASN A 435 4.71 1.74 14.31
CA ASN A 435 3.31 1.88 14.69
C ASN A 435 2.85 0.99 15.84
N MET A 436 3.22 -0.29 15.78
CA MET A 436 2.89 -1.23 16.85
C MET A 436 3.52 -0.81 18.18
N VAL A 437 4.79 -0.41 18.12
CA VAL A 437 5.52 0.04 19.30
C VAL A 437 4.91 1.30 19.90
N MET A 438 4.45 2.19 19.02
CA MET A 438 3.87 3.47 19.45
C MET A 438 2.48 3.28 20.02
N LEU A 439 1.72 2.35 19.45
CA LEU A 439 0.40 2.00 19.97
C LEU A 439 0.55 1.38 21.36
N LEU A 440 1.65 0.67 21.55
CA LEU A 440 1.95 0.04 22.83
C LEU A 440 2.43 1.05 23.86
N GLN A 441 2.98 2.16 23.38
CA GLN A 441 3.44 3.24 24.26
C GLN A 441 2.26 3.96 24.88
N LEU A 442 1.22 4.19 24.09
CA LEU A 442 0.00 4.83 24.59
C LEU A 442 -0.75 3.88 25.52
N ALA A 443 -0.63 2.59 25.25
CA ALA A 443 -1.28 1.56 26.05
C ALA A 443 -0.75 1.56 27.48
N ARG A 444 0.52 1.93 27.64
CA ARG A 444 1.13 2.04 28.96
C ARG A 444 0.54 3.22 29.72
N TYR A 445 0.24 4.29 28.99
CA TYR A 445 -0.36 5.47 29.57
C TYR A 445 -1.84 5.23 29.87
N LEU A 446 -2.39 4.21 29.22
CA LEU A 446 -3.78 3.81 29.45
C LEU A 446 -3.88 2.88 30.66
N VAL A 447 -2.89 2.00 30.82
CA VAL A 447 -2.83 1.15 32.00
C VAL A 447 -2.66 2.00 33.24
N LYS A 448 -1.65 2.87 33.22
CA LYS A 448 -1.36 3.73 34.36
C LYS A 448 -2.53 4.67 34.66
N SER A 449 -3.26 5.06 33.62
CA SER A 449 -4.43 5.92 33.81
C SER A 449 -5.53 5.12 34.50
N VAL A 450 -5.77 3.91 34.00
CA VAL A 450 -6.67 2.98 34.68
C VAL A 450 -6.09 2.64 36.05
N GLU A 451 -4.82 2.23 36.07
CA GLU A 451 -4.13 1.94 37.32
C GLU A 451 -3.96 3.20 38.16
N LEU A 452 -5.08 3.77 38.56
CA LEU A 452 -5.12 4.99 39.38
C LEU A 452 -6.53 5.16 39.95
N ILE A 453 -7.37 4.16 39.74
CA ILE A 453 -8.80 4.30 40.02
C ILE A 453 -9.28 3.26 41.04
N LYS A 454 -8.51 2.20 41.19
CA LYS A 454 -8.71 1.25 42.27
C LYS A 454 -7.92 1.81 43.45
N ALA A 455 -7.20 2.88 43.19
CA ALA A 455 -6.39 3.52 44.23
C ALA A 455 -7.11 4.73 44.82
N GLY A 456 -7.56 5.63 43.94
CA GLY A 456 -8.26 6.83 44.36
C GLY A 456 -7.58 8.10 43.89
N LYS A 457 -6.83 7.99 42.80
CA LYS A 457 -6.12 9.13 42.24
C LYS A 457 -6.70 9.55 40.90
N ALA A 458 -8.02 9.43 40.78
CA ALA A 458 -8.71 9.79 39.54
C ALA A 458 -8.52 11.28 39.22
N LYS A 459 -8.23 12.06 40.24
CA LYS A 459 -8.03 13.50 40.07
C LYS A 459 -6.62 13.82 39.57
N LYS A 460 -5.80 12.80 39.39
CA LYS A 460 -4.50 12.97 38.74
C LYS A 460 -4.67 12.89 37.23
N LEU A 461 -5.86 12.49 36.79
CA LEU A 461 -6.13 12.30 35.37
C LEU A 461 -6.28 13.62 34.63
N GLY A 462 -5.69 13.68 33.45
CA GLY A 462 -5.89 14.82 32.56
C GLY A 462 -7.25 14.75 31.90
N PRO A 463 -7.63 15.80 31.16
CA PRO A 463 -8.94 15.87 30.51
C PRO A 463 -9.10 14.80 29.43
N VAL A 464 -7.99 14.44 28.80
CA VAL A 464 -8.00 13.42 27.76
C VAL A 464 -8.33 12.06 28.35
N ALA A 465 -7.83 11.80 29.56
CA ALA A 465 -8.02 10.51 30.21
C ALA A 465 -9.27 10.49 31.09
N SER A 466 -9.75 11.68 31.45
CA SER A 466 -10.90 11.88 32.33
C SER A 466 -12.04 10.87 32.18
N TYR A 467 -12.44 10.62 30.94
CA TYR A 467 -13.61 9.80 30.65
C TYR A 467 -13.48 8.36 31.15
N LEU A 468 -12.27 7.97 31.53
CA LEU A 468 -12.01 6.61 31.98
C LEU A 468 -12.54 6.37 33.39
N ALA A 469 -12.53 7.41 34.23
CA ALA A 469 -12.98 7.26 35.61
C ALA A 469 -14.50 7.33 35.71
N ASP A 470 -15.14 7.75 34.62
CA ASP A 470 -16.58 7.90 34.60
C ASP A 470 -17.30 6.58 34.36
N LYS A 471 -18.57 6.71 34.00
CA LYS A 471 -19.37 5.62 33.47
C LYS A 471 -20.52 6.27 32.72
N SER A 472 -20.77 5.80 31.51
CA SER A 472 -21.83 6.40 30.71
C SER A 472 -23.09 5.54 30.77
N ASP A 473 -22.89 4.24 30.94
CA ASP A 473 -23.98 3.26 31.06
C ASP A 473 -25.07 3.46 30.00
N GLU A 474 -25.98 4.39 30.30
CA GLU A 474 -27.05 4.75 29.38
C GLU A 474 -26.45 5.30 28.08
N THR A 475 -27.03 4.92 26.95
CA THR A 475 -26.49 5.31 25.65
C THR A 475 -27.54 5.47 24.55
N ASP A 476 -27.50 6.60 23.85
CA ASP A 476 -28.25 6.77 22.60
C ASP A 476 -27.50 7.71 21.67
N LEU A 477 -28.09 7.98 20.51
CA LEU A 477 -27.53 8.95 19.57
C LEU A 477 -28.48 10.14 19.42
N THR A 478 -29.22 10.14 18.32
CA THR A 478 -30.19 11.19 17.98
C THR A 478 -29.57 12.56 17.76
N SER A 479 -28.42 12.83 18.39
CA SER A 479 -27.74 14.12 18.23
C SER A 479 -26.26 14.12 18.64
N LEU A 480 -25.42 13.51 17.80
CA LEU A 480 -23.97 13.64 17.88
C LEU A 480 -23.31 13.37 19.24
N ASN A 481 -23.64 14.18 20.24
CA ASN A 481 -22.99 14.06 21.55
C ASN A 481 -23.14 12.66 22.14
N GLY A 482 -24.19 11.97 21.72
CA GLY A 482 -24.42 10.59 22.12
C GLY A 482 -23.46 9.64 21.44
N TYR A 483 -22.97 10.00 20.26
CA TYR A 483 -21.97 9.21 19.57
C TYR A 483 -20.64 9.25 20.32
N VAL A 484 -20.25 10.46 20.71
CA VAL A 484 -19.04 10.68 21.50
C VAL A 484 -19.15 9.89 22.80
N LYS A 485 -20.34 9.91 23.39
CA LYS A 485 -20.63 9.11 24.57
C LYS A 485 -20.47 7.62 24.28
N MET A 486 -20.83 7.21 23.08
CA MET A 486 -20.67 5.82 22.66
C MET A 486 -19.19 5.49 22.46
N PHE A 487 -18.44 6.47 21.97
CA PHE A 487 -17.00 6.30 21.77
C PHE A 487 -16.23 6.46 23.08
N GLU A 488 -16.87 7.05 24.08
CA GLU A 488 -16.30 7.09 25.42
C GLU A 488 -16.36 5.69 25.99
N ASN A 489 -17.49 5.04 25.78
CA ASN A 489 -17.58 3.59 25.97
C ASN A 489 -16.73 2.93 24.88
N MET A 490 -16.82 1.62 24.73
CA MET A 490 -15.91 0.87 23.86
C MET A 490 -14.46 1.09 24.29
N ALA A 491 -14.00 2.33 24.15
CA ALA A 491 -12.70 2.76 24.62
C ALA A 491 -12.49 2.40 26.08
N ARG A 492 -13.26 3.05 26.96
CA ARG A 492 -13.24 2.76 28.39
C ARG A 492 -13.40 1.27 28.66
N ARG A 493 -14.34 0.66 27.94
CA ARG A 493 -14.58 -0.78 28.00
C ARG A 493 -13.29 -1.56 27.79
N GLN A 494 -12.73 -1.43 26.60
CA GLN A 494 -11.52 -2.14 26.21
C GLN A 494 -10.34 -1.79 27.10
N ALA A 495 -10.22 -0.52 27.46
CA ALA A 495 -9.13 -0.02 28.30
C ALA A 495 -9.01 -0.82 29.59
N TRP A 496 -10.13 -0.91 30.32
CA TRP A 496 -10.20 -1.75 31.51
C TRP A 496 -10.04 -3.22 31.17
N LYS A 497 -10.74 -3.65 30.13
CA LYS A 497 -10.76 -5.04 29.69
C LYS A 497 -9.35 -5.56 29.39
N ALA A 498 -8.52 -4.71 28.81
CA ALA A 498 -7.15 -5.10 28.47
C ALA A 498 -6.23 -4.99 29.68
N THR A 499 -6.44 -3.95 30.50
CA THR A 499 -5.61 -3.73 31.67
C THR A 499 -5.75 -4.87 32.67
N GLU A 500 -6.98 -5.30 32.92
CA GLU A 500 -7.25 -6.34 33.91
C GLU A 500 -6.75 -7.71 33.44
N LYS A 501 -6.69 -7.91 32.13
CA LYS A 501 -6.14 -9.14 31.59
C LYS A 501 -4.63 -9.16 31.82
N PHE A 502 -3.99 -8.04 31.55
CA PHE A 502 -2.57 -7.89 31.85
C PHE A 502 -2.33 -8.03 33.35
N LEU A 503 -3.23 -7.47 34.16
CA LEU A 503 -3.14 -7.60 35.61
C LEU A 503 -3.29 -9.05 36.08
N LYS A 504 -4.29 -9.74 35.54
CA LYS A 504 -4.55 -11.13 35.90
C LYS A 504 -3.34 -12.03 35.63
N LEU A 505 -2.61 -11.72 34.57
CA LEU A 505 -1.43 -12.49 34.20
C LEU A 505 -0.29 -12.26 35.18
N MET A 506 -0.37 -11.20 35.97
CA MET A 506 0.64 -10.95 36.99
C MET A 506 0.20 -11.55 38.32
N GLU A 507 -1.10 -11.66 38.50
CA GLU A 507 -1.66 -12.41 39.63
C GLU A 507 -1.53 -13.90 39.33
N SER A 508 -1.21 -14.20 38.07
CA SER A 508 -0.81 -15.54 37.67
C SER A 508 0.67 -15.74 38.01
N GLY A 509 1.35 -14.62 38.27
CA GLY A 509 2.76 -14.67 38.61
C GLY A 509 3.65 -14.74 37.38
N GLU A 510 3.07 -14.46 36.22
CA GLU A 510 3.87 -14.31 35.00
C GLU A 510 4.52 -12.93 35.06
N SER A 511 5.83 -12.88 34.79
CA SER A 511 6.59 -11.64 34.92
C SER A 511 6.00 -10.52 34.07
N ARG A 512 6.23 -9.28 34.51
CA ARG A 512 5.64 -8.10 33.87
C ARG A 512 5.85 -8.06 32.36
N GLU A 513 7.10 -8.17 31.94
CA GLU A 513 7.45 -8.16 30.52
C GLU A 513 6.66 -9.19 29.73
N VAL A 514 6.59 -10.41 30.26
CA VAL A 514 5.85 -11.48 29.58
C VAL A 514 4.35 -11.27 29.71
N ALA A 515 3.91 -10.83 30.88
CA ALA A 515 2.51 -10.49 31.10
C ALA A 515 2.08 -9.38 30.15
N TRP A 516 2.96 -8.41 29.96
CA TRP A 516 2.72 -7.33 29.01
C TRP A 516 2.64 -7.86 27.59
N ASN A 517 3.57 -8.76 27.26
CA ASN A 517 3.68 -9.31 25.92
C ASN A 517 2.45 -10.10 25.50
N LYS A 518 1.94 -10.92 26.41
CA LYS A 518 0.79 -11.79 26.12
C LYS A 518 -0.51 -11.02 25.97
N SER A 519 -0.55 -9.79 26.47
CA SER A 519 -1.74 -8.97 26.36
C SER A 519 -1.56 -7.85 25.33
N ALA A 520 -0.46 -7.92 24.59
CA ALA A 520 -0.02 -6.81 23.74
C ALA A 520 -1.03 -6.42 22.66
N VAL A 521 -1.79 -7.39 22.14
CA VAL A 521 -2.75 -7.10 21.08
C VAL A 521 -3.98 -6.37 21.63
N GLU A 522 -4.51 -6.84 22.74
CA GLU A 522 -5.65 -6.20 23.40
C GLU A 522 -5.33 -4.75 23.75
N LEU A 523 -4.12 -4.53 24.22
CA LEU A 523 -3.65 -3.21 24.61
C LEU A 523 -3.59 -2.24 23.43
N THR A 524 -3.27 -2.77 22.25
CA THR A 524 -3.24 -1.94 21.06
C THR A 524 -4.65 -1.66 20.54
N ARG A 525 -5.56 -2.58 20.80
CA ARG A 525 -6.97 -2.35 20.47
C ARG A 525 -7.49 -1.20 21.32
N ALA A 526 -7.03 -1.17 22.56
CA ALA A 526 -7.40 -0.11 23.49
C ALA A 526 -6.88 1.25 23.01
N SER A 527 -5.61 1.29 22.63
CA SER A 527 -4.99 2.51 22.14
C SER A 527 -5.74 3.09 20.95
N ARG A 528 -5.97 2.26 19.93
CA ARG A 528 -6.68 2.67 18.73
C ARG A 528 -8.05 3.28 19.05
N LEU A 529 -8.80 2.63 19.92
CA LEU A 529 -10.10 3.14 20.33
C LEU A 529 -10.00 4.52 20.97
N HIS A 530 -9.00 4.70 21.84
CA HIS A 530 -8.82 5.95 22.56
C HIS A 530 -8.56 7.13 21.62
N THR A 531 -7.66 6.96 20.65
CA THR A 531 -7.30 8.04 19.73
C THR A 531 -8.38 8.33 18.71
N ARG A 532 -9.17 7.31 18.37
CA ARG A 532 -10.25 7.53 17.44
C ARG A 532 -11.32 8.38 18.09
N LEU A 533 -11.49 8.18 19.40
CA LEU A 533 -12.37 9.03 20.19
C LEU A 533 -11.89 10.47 20.15
N PHE A 534 -10.58 10.66 20.30
CA PHE A 534 -10.00 11.99 20.33
C PHE A 534 -10.15 12.72 18.99
N ILE A 535 -9.87 12.01 17.90
CA ILE A 535 -10.00 12.57 16.56
C ILE A 535 -11.41 13.13 16.34
N ILE A 536 -12.40 12.39 16.84
CA ILE A 536 -13.80 12.81 16.74
C ILE A 536 -14.08 14.08 17.54
N GLU A 537 -13.64 14.10 18.80
CA GLU A 537 -13.82 15.27 19.66
C GLU A 537 -13.18 16.50 19.07
N ALA A 538 -11.93 16.35 18.65
CA ALA A 538 -11.17 17.43 18.03
C ALA A 538 -11.92 18.02 16.84
N PHE A 539 -12.48 17.14 16.02
CA PHE A 539 -13.31 17.54 14.88
C PHE A 539 -14.47 18.39 15.37
N MET A 540 -15.22 17.85 16.33
CA MET A 540 -16.37 18.53 16.91
C MET A 540 -16.04 19.93 17.41
N ARG A 541 -14.91 20.07 18.10
CA ARG A 541 -14.52 21.34 18.71
C ARG A 541 -14.20 22.40 17.66
N ARG A 542 -13.90 21.96 16.44
CA ARG A 542 -13.55 22.89 15.37
C ARG A 542 -14.77 23.40 14.61
N VAL A 543 -15.76 22.54 14.40
CA VAL A 543 -16.91 22.92 13.61
C VAL A 543 -17.90 23.73 14.44
N SER A 544 -18.11 23.34 15.69
CA SER A 544 -19.00 24.07 16.58
C SER A 544 -18.27 25.25 17.20
N ARG A 545 -17.91 26.21 16.35
CA ARG A 545 -17.03 27.31 16.77
C ARG A 545 -16.98 28.42 15.72
N ILE A 546 -17.19 28.06 14.45
CA ILE A 546 -16.97 28.99 13.35
C ILE A 546 -18.24 29.65 12.83
N GLU A 547 -18.12 30.93 12.47
CA GLU A 547 -19.17 31.62 11.75
C GLU A 547 -19.14 31.16 10.30
N ASP A 548 -19.95 31.79 9.45
CA ASP A 548 -20.25 31.30 8.11
C ASP A 548 -20.97 29.97 8.24
N ILE A 549 -22.29 30.04 8.13
CA ILE A 549 -23.17 28.88 8.31
C ILE A 549 -23.07 27.86 7.17
N PRO A 550 -22.96 28.30 5.90
CA PRO A 550 -22.76 27.30 4.85
C PRO A 550 -21.56 26.39 5.08
N VAL A 551 -20.48 26.94 5.62
CA VAL A 551 -19.28 26.16 5.91
C VAL A 551 -19.51 25.25 7.12
N LYS A 552 -20.15 25.79 8.15
CA LYS A 552 -20.44 25.03 9.35
C LYS A 552 -21.41 23.87 9.08
N GLU A 553 -22.19 23.99 8.01
CA GLU A 553 -23.18 22.96 7.68
C GLU A 553 -22.60 21.84 6.81
N VAL A 554 -21.68 22.18 5.92
CA VAL A 554 -21.05 21.16 5.09
C VAL A 554 -20.03 20.37 5.90
N LEU A 555 -19.46 21.02 6.89
CA LEU A 555 -18.53 20.36 7.81
C LEU A 555 -19.30 19.48 8.79
N THR A 556 -20.54 19.85 9.06
CA THR A 556 -21.43 19.05 9.90
C THR A 556 -21.86 17.80 9.15
N ASP A 557 -22.08 17.95 7.84
CA ASP A 557 -22.36 16.83 6.97
C ASP A 557 -21.23 15.82 7.01
N LEU A 558 -20.02 16.32 6.79
CA LEU A 558 -18.80 15.53 6.87
C LEU A 558 -18.69 14.83 8.23
N LEU A 559 -18.85 15.62 9.29
CA LEU A 559 -18.73 15.11 10.65
C LEU A 559 -19.74 14.02 10.97
N HIS A 560 -20.96 14.16 10.44
CA HIS A 560 -21.98 13.14 10.62
C HIS A 560 -21.58 11.85 9.89
N LEU A 561 -21.00 12.02 8.71
CA LEU A 561 -20.53 10.91 7.90
C LEU A 561 -19.40 10.17 8.60
N HIS A 562 -18.47 10.95 9.16
CA HIS A 562 -17.36 10.42 9.94
C HIS A 562 -17.88 9.51 11.05
N VAL A 563 -18.58 10.11 12.01
CA VAL A 563 -18.97 9.43 13.23
C VAL A 563 -19.87 8.20 13.01
N ASN A 564 -20.51 8.15 11.84
CA ASN A 564 -21.35 7.01 11.49
C ASN A 564 -20.52 5.90 10.85
N TYR A 565 -19.64 6.29 9.94
CA TYR A 565 -18.75 5.35 9.27
C TYR A 565 -17.78 4.74 10.27
N GLU A 566 -17.24 5.57 11.16
CA GLU A 566 -16.27 5.09 12.14
C GLU A 566 -16.92 4.13 13.13
N LEU A 567 -18.14 4.45 13.56
CA LEU A 567 -18.87 3.64 14.53
C LEU A 567 -19.15 2.24 14.01
N LEU A 568 -19.38 2.14 12.71
CA LEU A 568 -19.68 0.87 12.06
C LEU A 568 -18.42 0.04 11.89
N ASP A 569 -17.30 0.72 11.68
CA ASP A 569 -16.01 0.06 11.52
C ASP A 569 -15.57 -0.60 12.83
N VAL A 570 -16.15 -0.14 13.93
CA VAL A 570 -15.81 -0.65 15.26
C VAL A 570 -17.02 -1.20 15.99
N ALA A 571 -18.04 -1.61 15.23
CA ALA A 571 -19.32 -2.06 15.79
C ALA A 571 -19.13 -3.20 16.79
N THR A 572 -18.21 -4.11 16.48
CA THR A 572 -17.89 -5.24 17.34
C THR A 572 -17.65 -4.82 18.79
N TYR A 573 -17.09 -3.64 18.97
CA TYR A 573 -16.90 -3.07 20.30
C TYR A 573 -18.15 -2.31 20.75
N ALA A 574 -18.90 -1.79 19.78
CA ALA A 574 -20.05 -0.93 20.07
C ALA A 574 -21.33 -1.71 20.33
N LEU A 575 -21.23 -3.03 20.39
CA LEU A 575 -22.42 -3.86 20.54
C LEU A 575 -22.59 -4.37 21.96
N GLU A 576 -21.72 -3.92 22.87
CA GLU A 576 -21.95 -4.09 24.29
C GLU A 576 -22.96 -3.04 24.73
N PHE A 577 -23.15 -2.04 23.88
CA PHE A 577 -23.92 -0.85 24.25
C PHE A 577 -25.04 -0.52 23.26
N MET A 578 -25.13 -1.28 22.16
CA MET A 578 -26.15 -0.99 21.16
C MET A 578 -27.08 -2.17 20.91
N SER A 579 -28.18 -1.89 20.22
CA SER A 579 -29.23 -2.88 20.00
C SER A 579 -28.89 -3.82 18.85
N PHE A 580 -29.08 -3.31 17.63
CA PHE A 580 -28.92 -3.99 16.35
C PHE A 580 -29.72 -3.18 15.34
N THR A 581 -30.90 -2.75 15.80
CA THR A 581 -31.77 -1.88 15.01
C THR A 581 -31.19 -0.48 14.91
N GLN A 582 -30.48 -0.07 15.96
CA GLN A 582 -29.78 1.20 15.95
C GLN A 582 -28.57 1.12 15.03
N LEU A 583 -28.02 -0.09 14.89
CA LEU A 583 -26.89 -0.32 14.01
C LEU A 583 -27.31 -0.14 12.55
N ASP A 584 -28.59 -0.39 12.27
CA ASP A 584 -29.11 -0.17 10.93
C ASP A 584 -29.41 1.31 10.70
N TYR A 585 -29.61 2.04 11.78
CA TYR A 585 -29.80 3.49 11.71
C TYR A 585 -28.49 4.16 11.33
N VAL A 586 -27.45 3.88 12.11
CA VAL A 586 -26.12 4.42 11.83
C VAL A 586 -25.62 3.96 10.46
N ARG A 587 -26.10 2.80 10.02
CA ARG A 587 -25.76 2.25 8.71
C ARG A 587 -26.54 3.03 7.65
N ASP A 588 -27.81 3.29 7.92
CA ASP A 588 -28.64 4.11 7.05
C ASP A 588 -28.16 5.56 7.05
N GLN A 589 -27.73 6.03 8.22
CA GLN A 589 -27.22 7.40 8.37
C GLN A 589 -25.96 7.61 7.56
N LEU A 590 -25.15 6.56 7.46
CA LEU A 590 -23.94 6.59 6.67
C LEU A 590 -24.26 6.94 5.22
N TYR A 591 -25.18 6.17 4.64
CA TYR A 591 -25.51 6.30 3.22
C TYR A 591 -26.25 7.60 2.91
N LEU A 592 -27.00 8.12 3.88
CA LEU A 592 -27.71 9.38 3.69
C LEU A 592 -26.74 10.52 3.46
N TYR A 593 -25.64 10.51 4.19
CA TYR A 593 -24.66 11.59 4.13
C TYR A 593 -23.64 11.40 3.02
N LEU A 594 -23.55 10.18 2.49
CA LEU A 594 -22.84 9.98 1.24
C LEU A 594 -23.56 10.75 0.15
N GLU A 595 -24.86 10.51 0.07
CA GLU A 595 -25.70 11.17 -0.92
C GLU A 595 -25.80 12.67 -0.67
N LYS A 596 -25.70 13.07 0.60
CA LYS A 596 -25.81 14.47 0.96
C LYS A 596 -24.53 15.23 0.63
N ILE A 597 -23.39 14.58 0.81
CA ILE A 597 -22.08 15.17 0.53
C ILE A 597 -21.83 15.31 -0.97
N ARG A 598 -22.22 14.28 -1.72
CA ARG A 598 -21.95 14.13 -3.15
C ARG A 598 -21.89 15.41 -4.00
N PRO A 599 -22.88 16.31 -3.90
CA PRO A 599 -22.79 17.49 -4.78
C PRO A 599 -21.67 18.46 -4.38
N ASN A 600 -21.24 18.41 -3.12
CA ASN A 600 -20.15 19.27 -2.65
C ASN A 600 -18.77 18.63 -2.81
N ALA A 601 -18.75 17.39 -3.32
CA ALA A 601 -17.53 16.58 -3.39
C ALA A 601 -16.35 17.32 -4.00
N VAL A 602 -16.54 17.90 -5.18
CA VAL A 602 -15.47 18.58 -5.90
C VAL A 602 -15.11 19.89 -5.20
N SER A 603 -16.09 20.49 -4.53
CA SER A 603 -15.88 21.74 -3.81
C SER A 603 -15.11 21.52 -2.50
N LEU A 604 -15.39 20.41 -1.83
CA LEU A 604 -14.73 20.12 -0.55
C LEU A 604 -13.24 19.88 -0.72
N VAL A 605 -12.84 19.45 -1.91
CA VAL A 605 -11.43 19.16 -2.17
C VAL A 605 -10.74 20.33 -2.87
N ASP A 606 -11.50 21.07 -3.68
CA ASP A 606 -11.00 22.28 -4.31
C ASP A 606 -10.61 23.30 -3.26
N SER A 607 -11.21 23.16 -2.08
CA SER A 607 -10.97 24.04 -0.95
C SER A 607 -9.55 23.94 -0.41
N PHE A 608 -8.94 22.77 -0.54
CA PHE A 608 -7.58 22.57 -0.06
C PHE A 608 -6.60 23.44 -0.86
N GLN A 609 -7.10 23.99 -1.97
CA GLN A 609 -6.38 24.92 -2.85
C GLN A 609 -4.96 24.44 -3.13
N ILE A 610 -4.84 23.17 -3.48
CA ILE A 610 -3.60 22.59 -3.94
C ILE A 610 -3.39 22.87 -5.42
N SER A 611 -2.37 23.64 -5.75
CA SER A 611 -2.08 23.97 -7.14
C SER A 611 -1.70 22.73 -7.93
N ASP A 612 -1.79 22.81 -9.26
CA ASP A 612 -1.37 21.72 -10.11
C ASP A 612 0.13 21.43 -9.90
N MET A 613 0.88 22.50 -9.62
CA MET A 613 2.30 22.38 -9.35
C MET A 613 2.60 21.41 -8.21
N GLN A 614 1.80 21.50 -7.15
CA GLN A 614 1.96 20.60 -6.01
C GLN A 614 1.29 19.26 -6.27
N LEU A 615 0.12 19.29 -6.91
CA LEU A 615 -0.66 18.07 -7.12
C LEU A 615 0.08 17.06 -7.99
N ARG A 616 0.78 17.56 -9.01
CA ARG A 616 1.62 16.73 -9.89
C ARG A 616 0.88 15.50 -10.42
N SER A 617 -0.41 15.69 -10.71
CA SER A 617 -1.28 14.62 -11.16
C SER A 617 -2.08 15.02 -12.39
N VAL A 618 -2.06 14.15 -13.40
CA VAL A 618 -2.82 14.38 -14.63
C VAL A 618 -4.30 14.10 -14.41
N LEU A 619 -4.59 13.00 -13.71
CA LEU A 619 -5.97 12.63 -13.43
C LEU A 619 -6.66 13.66 -12.53
N GLY A 620 -5.85 14.39 -11.76
CA GLY A 620 -6.40 15.32 -10.79
C GLY A 620 -6.37 16.79 -11.19
N ARG A 621 -6.00 17.06 -12.45
CA ARG A 621 -5.94 18.43 -12.98
C ARG A 621 -7.12 19.26 -12.53
N ARG A 622 -6.88 20.50 -12.14
CA ARG A 622 -7.93 21.37 -11.66
C ARG A 622 -8.96 21.61 -12.76
N ASP A 623 -8.49 21.93 -13.96
CA ASP A 623 -9.37 22.26 -15.07
C ASP A 623 -10.23 21.08 -15.50
N GLY A 624 -9.73 19.87 -15.27
CA GLY A 624 -10.50 18.67 -15.54
C GLY A 624 -10.29 18.09 -16.93
N HIS A 625 -9.28 18.57 -17.63
CA HIS A 625 -8.97 18.04 -18.96
C HIS A 625 -8.05 16.84 -18.82
N VAL A 626 -8.64 15.67 -18.59
CA VAL A 626 -7.89 14.46 -18.29
C VAL A 626 -7.44 13.71 -19.54
N TYR A 627 -8.41 13.25 -20.32
CA TYR A 627 -8.16 12.39 -21.47
C TYR A 627 -7.25 13.05 -22.50
N GLU A 628 -7.50 14.32 -22.78
CA GLU A 628 -6.68 15.08 -23.72
C GLU A 628 -5.23 15.14 -23.27
N ASN A 629 -5.04 15.40 -21.97
CA ASN A 629 -3.69 15.55 -21.42
C ASN A 629 -3.05 14.23 -20.99
N LEU A 630 -3.88 13.22 -20.71
CA LEU A 630 -3.35 11.90 -20.35
C LEU A 630 -2.61 11.31 -21.56
N PHE A 631 -3.16 11.55 -22.74
CA PHE A 631 -2.56 11.12 -23.99
C PHE A 631 -1.22 11.84 -24.21
N LYS A 632 -1.26 13.17 -24.14
CA LYS A 632 -0.06 14.01 -24.28
C LYS A 632 1.04 13.56 -23.33
N TRP A 633 0.65 13.21 -22.10
CA TRP A 633 1.59 12.77 -21.08
C TRP A 633 2.29 11.47 -21.51
N ALA A 634 1.48 10.46 -21.84
CA ALA A 634 1.98 9.17 -22.28
C ALA A 634 2.91 9.28 -23.48
N LYS A 635 2.46 10.01 -24.50
CA LYS A 635 3.21 10.20 -25.73
C LYS A 635 4.58 10.82 -25.48
N SER A 636 4.70 11.56 -24.38
CA SER A 636 5.94 12.24 -24.05
C SER A 636 6.83 11.42 -23.13
N SER A 637 6.28 10.32 -22.60
CA SER A 637 7.04 9.46 -21.68
C SER A 637 8.24 8.82 -22.39
N PRO A 638 9.37 8.70 -21.67
CA PRO A 638 10.68 8.32 -22.21
C PRO A 638 10.74 7.05 -23.06
N LEU A 639 9.87 6.08 -22.82
CA LEU A 639 9.94 4.83 -23.56
C LEU A 639 9.57 5.05 -25.04
N ASN A 640 8.85 6.13 -25.31
CA ASN A 640 8.40 6.45 -26.66
C ASN A 640 9.39 7.31 -27.43
N ASN A 641 10.62 7.42 -26.93
CA ASN A 641 11.65 8.17 -27.62
C ASN A 641 11.99 7.57 -28.98
N ALA A 642 11.78 6.27 -29.09
CA ALA A 642 11.97 5.56 -30.36
C ALA A 642 10.78 4.62 -30.62
N ASP A 643 10.54 4.35 -31.89
CA ASP A 643 9.45 3.47 -32.28
C ASP A 643 9.85 2.02 -32.04
N VAL A 644 11.02 1.65 -32.54
CA VAL A 644 11.57 0.32 -32.30
C VAL A 644 12.64 0.41 -31.21
N LEU A 645 12.34 -0.19 -30.06
CA LEU A 645 13.28 -0.18 -28.94
C LEU A 645 14.59 -0.86 -29.29
N PRO A 646 15.72 -0.23 -28.89
CA PRO A 646 17.06 -0.79 -28.96
C PRO A 646 17.11 -2.24 -28.45
N SER A 647 16.38 -2.50 -27.37
CA SER A 647 16.34 -3.84 -26.79
C SER A 647 15.52 -4.82 -27.62
N VAL A 648 14.61 -4.31 -28.43
CA VAL A 648 13.83 -5.17 -29.32
C VAL A 648 14.66 -5.60 -30.52
N GLU A 649 15.37 -4.64 -31.10
CA GLU A 649 16.28 -4.88 -32.20
C GLU A 649 17.39 -5.84 -31.80
N LYS A 650 17.85 -5.70 -30.56
CA LYS A 650 18.98 -6.48 -30.07
C LYS A 650 18.61 -7.88 -29.58
N TYR A 651 17.42 -8.01 -28.97
CA TYR A 651 17.05 -9.29 -28.38
C TYR A 651 15.82 -9.96 -28.99
N LEU A 652 14.74 -9.19 -29.17
CA LEU A 652 13.47 -9.78 -29.57
C LEU A 652 13.44 -10.19 -31.04
N LYS A 653 14.09 -9.40 -31.89
CA LYS A 653 14.15 -9.73 -33.31
C LYS A 653 14.95 -11.02 -33.57
N PRO A 654 16.18 -11.13 -33.03
CA PRO A 654 16.92 -12.38 -33.26
C PRO A 654 16.26 -13.59 -32.61
N MET A 655 15.62 -13.39 -31.46
CA MET A 655 14.90 -14.46 -30.79
C MET A 655 13.79 -15.01 -31.68
N MET A 656 13.03 -14.11 -32.28
CA MET A 656 11.88 -14.48 -33.10
C MET A 656 12.30 -15.22 -34.38
N GLU A 657 13.33 -14.72 -35.04
CA GLU A 657 13.88 -15.38 -36.22
C GLU A 657 14.24 -16.83 -35.91
N LYS A 658 14.94 -17.01 -34.80
CA LYS A 658 15.41 -18.31 -34.37
C LYS A 658 14.24 -19.27 -34.11
N ALA A 659 13.19 -18.77 -33.47
CA ALA A 659 12.05 -19.58 -33.09
C ALA A 659 11.30 -20.13 -34.30
N LYS A 660 11.28 -19.34 -35.38
CA LYS A 660 10.56 -19.74 -36.59
C LYS A 660 11.28 -20.89 -37.29
N LEU A 661 12.61 -20.86 -37.26
CA LEU A 661 13.39 -21.86 -37.96
C LEU A 661 13.54 -23.15 -37.14
N ALA A 662 13.39 -23.03 -35.82
CA ALA A 662 13.64 -24.14 -34.89
C ALA A 662 12.71 -25.31 -35.12
N ALA A 663 13.17 -26.51 -34.77
CA ALA A 663 12.46 -27.74 -35.04
C ALA A 663 11.14 -27.84 -34.26
N ALA A 664 10.25 -28.71 -34.74
CA ALA A 664 8.95 -28.89 -34.11
C ALA A 664 9.06 -29.81 -32.89
N ALA B 2 12.25 -32.29 9.82
CA ALA B 2 13.32 -32.31 8.82
C ALA B 2 13.21 -31.12 7.89
N ASN B 3 13.73 -29.97 8.34
CA ASN B 3 13.75 -28.77 7.52
C ASN B 3 14.78 -28.92 6.40
N ARG B 4 14.32 -28.88 5.15
CA ARG B 4 15.18 -29.16 4.02
C ARG B 4 15.86 -27.91 3.47
N SER B 5 15.67 -26.78 4.14
CA SER B 5 16.30 -25.53 3.71
C SER B 5 17.53 -25.22 4.55
N ILE B 6 17.96 -26.20 5.34
CA ILE B 6 19.16 -26.07 6.15
C ILE B 6 20.43 -26.31 5.33
N ARG B 7 21.36 -25.36 5.40
CA ARG B 7 22.64 -25.47 4.70
C ARG B 7 23.79 -25.08 5.63
N ASP B 8 25.00 -25.46 5.28
CA ASP B 8 26.19 -25.09 6.05
C ASP B 8 26.47 -23.60 5.90
N GLY B 9 26.96 -22.98 6.97
CA GLY B 9 27.29 -21.56 6.93
C GLY B 9 26.07 -20.70 7.14
N ASP B 10 24.92 -21.34 7.28
CA ASP B 10 23.68 -20.62 7.58
C ASP B 10 23.84 -19.81 8.85
N ASN B 11 23.15 -18.68 8.93
CA ASN B 11 23.09 -17.92 10.16
C ASN B 11 22.47 -18.79 11.25
N PRO B 12 23.18 -18.97 12.37
CA PRO B 12 22.68 -19.74 13.52
C PRO B 12 21.30 -19.28 13.94
N GLU B 13 21.05 -17.98 13.89
CA GLU B 13 19.74 -17.41 14.21
C GLU B 13 18.62 -18.13 13.45
N LEU B 14 18.85 -18.40 12.16
CA LEU B 14 17.87 -19.12 11.36
C LEU B 14 17.99 -20.63 11.54
N LEU B 15 19.21 -21.13 11.67
CA LEU B 15 19.46 -22.55 11.85
C LEU B 15 18.69 -23.10 13.04
N GLU B 16 18.79 -22.43 14.17
CA GLU B 16 18.15 -22.87 15.40
C GLU B 16 16.63 -22.77 15.31
N GLU B 17 16.16 -22.05 14.30
CA GLU B 17 14.72 -21.93 14.02
C GLU B 17 14.27 -23.06 13.11
N ARG B 18 15.20 -23.58 12.30
CA ARG B 18 14.88 -24.64 11.35
C ARG B 18 14.97 -26.01 12.00
N ARG B 19 15.80 -26.14 13.03
CA ARG B 19 15.90 -27.40 13.77
C ARG B 19 14.62 -27.63 14.58
N MET B 20 13.82 -26.58 14.73
CA MET B 20 12.56 -26.63 15.46
C MET B 20 11.41 -27.15 14.60
N ALA B 21 11.73 -27.58 13.38
CA ALA B 21 10.71 -28.03 12.44
C ALA B 21 10.03 -29.32 12.88
N THR B 22 8.71 -29.26 13.01
CA THR B 22 7.95 -30.42 13.49
C THR B 22 7.39 -31.22 12.30
N PHE B 23 7.87 -30.91 11.11
CA PHE B 23 7.45 -31.61 9.91
C PHE B 23 8.54 -31.60 8.85
N ASP B 24 8.26 -32.29 7.74
CA ASP B 24 9.20 -32.34 6.62
C ASP B 24 8.78 -31.30 5.58
N THR B 25 9.73 -30.43 5.19
CA THR B 25 9.41 -29.31 4.31
C THR B 25 9.38 -29.70 2.84
N ASP B 26 9.94 -30.86 2.53
CA ASP B 26 9.77 -31.43 1.20
C ASP B 26 8.34 -31.93 1.09
N LYS B 27 7.84 -32.48 2.19
CA LYS B 27 6.46 -32.94 2.26
C LYS B 27 5.50 -31.77 2.09
N MET B 28 5.81 -30.66 2.75
CA MET B 28 4.92 -29.50 2.70
C MET B 28 4.93 -28.84 1.33
N ALA B 29 6.09 -28.80 0.68
CA ALA B 29 6.20 -28.27 -0.66
C ALA B 29 5.30 -29.03 -1.62
N ALA B 30 5.22 -30.35 -1.41
CA ALA B 30 4.39 -31.20 -2.25
C ALA B 30 2.92 -30.82 -2.14
N VAL B 31 2.50 -30.52 -0.92
CA VAL B 31 1.13 -30.09 -0.66
C VAL B 31 0.89 -28.72 -1.27
N ILE B 32 1.84 -27.81 -1.08
CA ILE B 32 1.73 -26.44 -1.55
C ILE B 32 1.54 -26.36 -3.06
N TYR B 33 2.34 -27.14 -3.78
CA TYR B 33 2.36 -27.06 -5.23
C TYR B 33 1.57 -28.18 -5.91
N GLY B 34 0.83 -28.93 -5.10
CA GLY B 34 -0.19 -29.82 -5.62
C GLY B 34 0.22 -31.24 -5.95
N SER B 35 1.52 -31.52 -5.95
CA SER B 35 2.01 -32.86 -6.23
C SER B 35 3.46 -33.01 -5.80
N GLU B 36 3.83 -34.23 -5.42
CA GLU B 36 5.20 -34.52 -5.02
C GLU B 36 6.13 -34.33 -6.22
N GLU B 37 5.66 -34.72 -7.40
CA GLU B 37 6.47 -34.66 -8.60
C GLU B 37 6.81 -33.24 -9.01
N PHE B 38 5.83 -32.35 -8.95
CA PHE B 38 6.06 -30.96 -9.34
C PHE B 38 6.95 -30.24 -8.34
N ALA B 39 6.73 -30.48 -7.05
CA ALA B 39 7.53 -29.87 -6.00
C ALA B 39 9.01 -30.20 -6.21
N ARG B 40 9.29 -31.43 -6.62
CA ARG B 40 10.63 -31.84 -6.97
C ARG B 40 11.13 -31.09 -8.20
N ARG B 41 10.27 -31.00 -9.22
CA ARG B 41 10.64 -30.37 -10.49
C ARG B 41 11.01 -28.90 -10.30
N ARG B 42 10.39 -28.24 -9.32
CA ARG B 42 10.75 -26.86 -8.99
C ARG B 42 12.19 -26.77 -8.52
N ARG B 43 12.60 -27.72 -7.68
CA ARG B 43 13.97 -27.73 -7.16
C ARG B 43 14.97 -28.12 -8.23
N GLU B 44 14.58 -29.05 -9.09
CA GLU B 44 15.41 -29.46 -10.23
C GLU B 44 15.63 -28.29 -11.17
N ILE B 45 14.55 -27.59 -11.52
CA ILE B 45 14.63 -26.43 -12.40
C ILE B 45 15.48 -25.33 -11.77
N THR B 46 15.23 -25.02 -10.50
CA THR B 46 16.00 -24.02 -9.80
C THR B 46 17.49 -24.37 -9.78
N ASP B 47 17.78 -25.66 -9.63
CA ASP B 47 19.17 -26.12 -9.66
C ASP B 47 19.72 -26.09 -11.07
N ALA B 48 18.87 -26.41 -12.05
CA ALA B 48 19.26 -26.40 -13.45
C ALA B 48 19.54 -24.96 -13.91
N VAL B 49 18.81 -24.01 -13.36
CA VAL B 49 18.97 -22.60 -13.71
C VAL B 49 20.18 -21.99 -13.02
N SER B 50 20.40 -22.39 -11.77
CA SER B 50 21.50 -21.84 -10.97
C SER B 50 22.87 -22.12 -11.58
N LYS B 51 22.93 -23.13 -12.45
CA LYS B 51 24.17 -23.49 -13.12
C LYS B 51 24.26 -22.83 -14.49
N ILE B 52 23.37 -21.87 -14.75
CA ILE B 52 23.40 -21.08 -15.98
C ILE B 52 23.58 -19.61 -15.65
N PRO B 53 24.84 -19.13 -15.69
CA PRO B 53 25.26 -17.79 -15.26
C PRO B 53 24.58 -16.61 -15.95
N GLU B 54 24.27 -16.72 -17.24
CA GLU B 54 23.68 -15.58 -17.95
C GLU B 54 22.24 -15.35 -17.51
N LEU B 55 21.65 -16.33 -16.83
CA LEU B 55 20.29 -16.22 -16.35
C LEU B 55 20.22 -15.49 -15.00
N ALA B 56 21.37 -15.01 -14.53
CA ALA B 56 21.40 -14.21 -13.31
C ALA B 56 20.98 -12.77 -13.61
N ASP B 57 20.35 -12.14 -12.62
CA ASP B 57 19.97 -10.74 -12.73
C ASP B 57 21.21 -9.90 -13.04
N ILE B 58 21.12 -9.06 -14.07
CA ILE B 58 22.27 -8.30 -14.53
C ILE B 58 22.91 -7.49 -13.40
N LYS B 59 22.07 -6.99 -12.51
CA LYS B 59 22.49 -6.40 -11.24
C LYS B 59 21.26 -6.42 -10.33
N PRO B 60 21.39 -5.93 -9.08
CA PRO B 60 20.17 -5.83 -8.27
C PRO B 60 19.06 -5.05 -8.95
N TYR B 61 17.93 -5.70 -9.22
CA TYR B 61 16.79 -5.10 -9.93
C TYR B 61 16.32 -3.73 -9.43
N PRO B 62 16.41 -3.45 -8.11
CA PRO B 62 16.06 -2.10 -7.69
C PRO B 62 17.01 -1.02 -8.22
N PHE B 63 18.21 -1.41 -8.63
CA PHE B 63 19.21 -0.44 -9.10
C PHE B 63 18.96 0.01 -10.54
N LEU B 64 18.01 -0.63 -11.21
CA LEU B 64 17.76 -0.39 -12.63
C LEU B 64 16.78 0.75 -12.89
N THR B 65 17.04 1.51 -13.96
CA THR B 65 16.09 2.51 -14.42
C THR B 65 14.92 1.81 -15.14
N ARG B 66 13.89 2.57 -15.48
CA ARG B 66 12.73 2.03 -16.18
C ARG B 66 13.11 1.37 -17.51
N GLU B 67 13.96 2.05 -18.29
CA GLU B 67 14.38 1.51 -19.58
C GLU B 67 15.36 0.36 -19.40
N GLU B 68 16.23 0.46 -18.41
CA GLU B 68 17.12 -0.64 -18.06
C GLU B 68 16.31 -1.86 -17.63
N LYS B 69 15.13 -1.62 -17.05
CA LYS B 69 14.24 -2.69 -16.63
C LYS B 69 13.60 -3.40 -17.83
N VAL B 70 13.15 -2.63 -18.83
CA VAL B 70 12.57 -3.21 -20.03
C VAL B 70 13.61 -4.01 -20.81
N THR B 71 14.83 -3.47 -20.84
CA THR B 71 15.96 -4.16 -21.48
C THR B 71 16.24 -5.52 -20.82
N GLU B 72 16.42 -5.52 -19.51
CA GLU B 72 16.78 -6.72 -18.77
C GLU B 72 15.72 -7.81 -18.88
N GLY B 73 14.45 -7.42 -18.77
CA GLY B 73 13.36 -8.36 -18.94
C GLY B 73 13.36 -8.92 -20.36
N THR B 74 13.76 -8.08 -21.31
CA THR B 74 13.87 -8.52 -22.69
C THR B 74 15.12 -9.39 -22.86
N ARG B 75 16.21 -8.98 -22.23
CA ARG B 75 17.43 -9.78 -22.23
C ARG B 75 17.17 -11.15 -21.62
N LYS B 76 16.49 -11.16 -20.46
CA LYS B 76 16.28 -12.39 -19.72
C LYS B 76 15.24 -13.31 -20.38
N ILE B 77 14.30 -12.73 -21.12
CA ILE B 77 13.25 -13.54 -21.74
C ILE B 77 13.75 -14.20 -23.03
N SER B 78 14.71 -13.57 -23.70
CA SER B 78 15.26 -14.11 -24.93
C SER B 78 16.27 -15.22 -24.64
N ILE B 79 16.97 -15.09 -23.52
CA ILE B 79 17.92 -16.12 -23.10
C ILE B 79 17.17 -17.32 -22.54
N LEU B 80 16.17 -17.06 -21.71
CA LEU B 80 15.34 -18.10 -21.11
C LEU B 80 14.72 -18.98 -22.19
N THR B 81 14.20 -18.32 -23.22
CA THR B 81 13.57 -18.99 -24.36
C THR B 81 14.52 -19.96 -25.06
N LYS B 82 15.80 -19.60 -25.12
CA LYS B 82 16.80 -20.49 -25.71
C LYS B 82 16.97 -21.75 -24.87
N TYR B 83 16.97 -21.59 -23.56
CA TYR B 83 17.18 -22.71 -22.65
C TYR B 83 15.88 -23.39 -22.26
N LEU B 84 14.76 -22.75 -22.58
CA LEU B 84 13.43 -23.17 -22.14
C LEU B 84 13.15 -24.66 -22.31
N ASN B 85 13.50 -25.20 -23.47
CA ASN B 85 13.16 -26.59 -23.81
C ASN B 85 14.21 -27.58 -23.29
N GLN B 86 15.21 -27.06 -22.61
CA GLN B 86 16.14 -27.88 -21.83
C GLN B 86 15.58 -28.03 -20.44
N LEU B 87 15.09 -26.91 -19.91
CA LEU B 87 14.79 -26.78 -18.49
C LEU B 87 13.43 -27.34 -18.11
N ILE B 88 12.44 -27.15 -18.98
CA ILE B 88 11.08 -27.60 -18.67
C ILE B 88 10.34 -28.27 -19.83
N ASP B 89 9.10 -28.67 -19.54
CA ASP B 89 8.13 -29.07 -20.54
C ASP B 89 7.34 -27.84 -20.98
N ARG B 90 7.72 -27.26 -22.12
CA ARG B 90 7.17 -25.99 -22.60
C ARG B 90 5.67 -25.78 -22.41
N ASP B 91 4.90 -26.86 -22.60
CA ASP B 91 3.45 -26.78 -22.51
C ASP B 91 2.94 -27.17 -21.13
N ASN B 92 3.86 -27.27 -20.17
CA ASN B 92 3.50 -27.47 -18.76
C ASN B 92 3.46 -26.12 -18.07
N GLU B 93 2.26 -25.56 -17.92
CA GLU B 93 2.11 -24.20 -17.40
C GLU B 93 2.62 -24.10 -15.96
N GLU B 94 2.37 -25.12 -15.16
CA GLU B 94 2.87 -25.14 -13.78
C GLU B 94 4.39 -24.97 -13.75
N GLU B 95 5.09 -25.61 -14.67
CA GLU B 95 6.54 -25.52 -14.70
C GLU B 95 7.01 -24.18 -15.29
N SER B 96 6.36 -23.77 -16.37
CA SER B 96 6.69 -22.52 -17.05
C SER B 96 6.52 -21.32 -16.13
N LEU B 97 5.49 -21.37 -15.27
CA LEU B 97 5.26 -20.31 -14.31
C LEU B 97 6.37 -20.29 -13.27
N HIS B 98 6.78 -21.46 -12.82
CA HIS B 98 7.89 -21.54 -11.87
C HIS B 98 9.16 -20.98 -12.51
N LEU B 99 9.44 -21.42 -13.74
CA LEU B 99 10.64 -21.01 -14.44
C LEU B 99 10.70 -19.50 -14.64
N HIS B 100 9.59 -18.90 -15.05
CA HIS B 100 9.56 -17.48 -15.34
C HIS B 100 9.50 -16.64 -14.07
N ARG B 101 8.74 -17.10 -13.07
CA ARG B 101 8.64 -16.37 -11.80
C ARG B 101 9.99 -16.33 -11.11
N GLU B 102 10.84 -17.33 -11.35
CA GLU B 102 12.17 -17.34 -10.75
C GLU B 102 13.18 -16.57 -11.59
N VAL B 103 13.22 -16.87 -12.88
CA VAL B 103 14.23 -16.31 -13.78
C VAL B 103 13.91 -14.88 -14.21
N ILE B 104 12.69 -14.67 -14.72
CA ILE B 104 12.28 -13.32 -15.11
C ILE B 104 11.92 -12.50 -13.88
N GLY B 105 10.93 -12.96 -13.14
CA GLY B 105 10.44 -12.21 -12.00
C GLY B 105 9.02 -11.73 -12.25
N TYR B 106 8.59 -10.73 -11.49
CA TYR B 106 7.20 -10.28 -11.56
C TYR B 106 7.04 -8.96 -12.30
N GLU B 107 8.13 -8.21 -12.42
CA GLU B 107 8.06 -6.83 -12.89
C GLU B 107 7.71 -6.69 -14.37
N GLY B 108 7.65 -7.81 -15.08
CA GLY B 108 7.20 -7.82 -16.46
C GLY B 108 8.23 -8.34 -17.46
N HIS B 109 7.72 -8.74 -18.63
CA HIS B 109 8.57 -9.18 -19.74
C HIS B 109 7.74 -9.21 -21.03
N PRO B 110 8.40 -9.12 -22.20
CA PRO B 110 7.72 -9.02 -23.50
C PRO B 110 6.64 -10.07 -23.76
N PHE B 111 6.68 -11.20 -23.05
CA PHE B 111 5.78 -12.32 -23.32
C PHE B 111 4.76 -12.59 -22.23
N ALA B 112 4.67 -11.69 -21.25
CA ALA B 112 3.81 -11.89 -20.08
C ALA B 112 2.36 -12.15 -20.48
N LEU B 113 1.76 -11.15 -21.12
CA LEU B 113 0.35 -11.22 -21.52
C LEU B 113 0.19 -12.15 -22.71
N HIS B 114 1.29 -12.40 -23.42
CA HIS B 114 1.30 -13.37 -24.51
C HIS B 114 0.89 -14.75 -23.99
N ASP B 115 1.46 -15.10 -22.84
CA ASP B 115 1.15 -16.37 -22.19
C ASP B 115 -0.03 -16.24 -21.24
N ALA B 116 -0.22 -15.03 -20.69
CA ALA B 116 -1.27 -14.82 -19.72
C ALA B 116 -2.65 -14.83 -20.38
N LEU B 117 -2.78 -14.17 -21.54
CA LEU B 117 -4.08 -13.99 -22.15
C LEU B 117 -4.13 -14.20 -23.66
N PHE B 118 -3.04 -13.92 -24.37
CA PHE B 118 -3.04 -14.03 -25.82
C PHE B 118 -3.26 -15.48 -26.26
N ILE B 119 -2.45 -16.38 -25.73
CA ILE B 119 -2.57 -17.80 -26.04
C ILE B 119 -3.84 -18.42 -25.43
N PRO B 120 -4.11 -18.18 -24.13
CA PRO B 120 -5.33 -18.78 -23.57
C PRO B 120 -6.62 -18.36 -24.27
N THR B 121 -6.65 -17.18 -24.88
CA THR B 121 -7.83 -16.75 -25.63
C THR B 121 -7.90 -17.46 -26.97
N LEU B 122 -6.74 -17.62 -27.63
CA LEU B 122 -6.67 -18.36 -28.89
C LEU B 122 -7.14 -19.79 -28.68
N GLN B 123 -6.88 -20.32 -27.48
CA GLN B 123 -7.27 -21.67 -27.14
C GLN B 123 -8.76 -21.80 -26.90
N SER B 124 -9.41 -20.72 -26.49
CA SER B 124 -10.80 -20.79 -26.09
C SER B 124 -11.74 -20.02 -27.02
N GLN B 125 -11.20 -19.39 -28.06
CA GLN B 125 -12.05 -18.55 -28.92
C GLN B 125 -11.80 -18.70 -30.42
N ALA B 126 -10.65 -19.26 -30.79
CA ALA B 126 -10.27 -19.35 -32.21
C ALA B 126 -10.44 -20.76 -32.77
N SER B 127 -11.06 -20.87 -33.93
CA SER B 127 -11.37 -22.16 -34.54
C SER B 127 -10.11 -23.01 -34.75
N ASP B 128 -10.28 -24.32 -34.83
CA ASP B 128 -9.16 -25.25 -35.03
C ASP B 128 -8.40 -24.86 -36.29
N GLU B 129 -9.11 -24.30 -37.26
CA GLU B 129 -8.51 -23.70 -38.43
C GLU B 129 -7.54 -22.60 -38.04
N GLN B 130 -8.01 -21.66 -37.24
CA GLN B 130 -7.23 -20.50 -36.86
C GLN B 130 -6.15 -20.83 -35.84
N GLN B 131 -6.40 -21.82 -34.99
CA GLN B 131 -5.39 -22.27 -34.04
C GLN B 131 -4.20 -22.85 -34.79
N GLU B 132 -4.47 -23.47 -35.93
CA GLU B 132 -3.43 -24.05 -36.77
C GLU B 132 -2.58 -22.96 -37.42
N LYS B 133 -3.19 -21.78 -37.57
CA LYS B 133 -2.51 -20.67 -38.23
C LYS B 133 -1.71 -19.82 -37.25
N TRP B 134 -2.10 -19.80 -35.98
CA TRP B 134 -1.45 -18.89 -35.02
C TRP B 134 -1.00 -19.53 -33.70
N LEU B 135 -1.80 -20.44 -33.15
CA LEU B 135 -1.61 -20.90 -31.78
C LEU B 135 -0.24 -21.54 -31.50
N GLU B 136 0.27 -22.28 -32.47
CA GLU B 136 1.59 -22.89 -32.34
C GLU B 136 2.70 -21.90 -32.67
N ARG B 137 2.39 -20.91 -33.49
CA ARG B 137 3.32 -19.85 -33.80
C ARG B 137 3.53 -19.02 -32.54
N ALA B 138 2.47 -18.94 -31.75
CA ALA B 138 2.48 -18.25 -30.46
C ALA B 138 3.35 -19.00 -29.46
N ARG B 139 3.08 -20.30 -29.31
CA ARG B 139 3.80 -21.14 -28.36
C ARG B 139 5.28 -21.29 -28.73
N ARG B 140 5.58 -21.18 -30.02
CA ARG B 140 6.96 -21.24 -30.49
C ARG B 140 7.61 -19.87 -30.35
N ARG B 141 6.83 -18.92 -29.85
CA ARG B 141 7.28 -17.54 -29.65
C ARG B 141 7.92 -17.02 -30.93
N GLU B 142 7.28 -17.36 -32.06
CA GLU B 142 7.61 -16.79 -33.35
C GLU B 142 7.03 -15.39 -33.42
N ILE B 143 5.93 -15.20 -32.70
CA ILE B 143 5.26 -13.90 -32.64
C ILE B 143 4.90 -13.53 -31.20
N ILE B 144 4.80 -12.24 -30.92
CA ILE B 144 4.39 -11.78 -29.60
C ILE B 144 2.99 -11.20 -29.68
N GLY B 145 2.08 -11.74 -28.88
CA GLY B 145 0.70 -11.28 -28.89
C GLY B 145 0.32 -10.53 -27.63
N CYS B 146 -0.90 -10.01 -27.62
CA CYS B 146 -1.44 -9.36 -26.42
C CYS B 146 -2.96 -9.28 -26.46
N TYR B 147 -3.55 -9.19 -25.28
CA TYR B 147 -5.01 -9.10 -25.12
C TYR B 147 -5.42 -7.63 -25.03
N ALA B 148 -5.86 -7.07 -26.15
CA ALA B 148 -6.11 -5.63 -26.26
C ALA B 148 -7.58 -5.28 -26.19
N GLN B 149 -8.08 -5.08 -24.97
CA GLN B 149 -9.51 -4.92 -24.73
C GLN B 149 -9.87 -3.53 -24.18
N THR B 150 -9.26 -3.18 -23.05
CA THR B 150 -9.54 -1.91 -22.37
C THR B 150 -9.21 -0.71 -23.25
N GLU B 151 -10.05 0.33 -23.15
CA GLU B 151 -9.80 1.57 -23.87
C GLU B 151 -9.53 2.72 -22.91
N LEU B 152 -9.09 3.86 -23.46
CA LEU B 152 -8.78 5.04 -22.66
C LEU B 152 -10.01 5.52 -21.89
N GLY B 153 -11.17 5.30 -22.48
CA GLY B 153 -12.42 5.72 -21.86
C GLY B 153 -13.22 4.58 -21.28
N HIS B 154 -12.83 3.34 -21.59
CA HIS B 154 -13.62 2.19 -21.16
C HIS B 154 -12.80 0.96 -20.79
N GLY B 155 -13.14 0.38 -19.65
CA GLY B 155 -12.54 -0.86 -19.21
C GLY B 155 -13.55 -1.78 -18.54
N SER B 156 -14.38 -1.20 -17.67
CA SER B 156 -15.32 -2.00 -16.88
C SER B 156 -16.63 -2.27 -17.64
N ASN B 157 -17.00 -1.38 -18.56
CA ASN B 157 -18.22 -1.56 -19.34
C ASN B 157 -17.92 -1.89 -20.79
N LEU B 158 -17.79 -3.19 -21.09
CA LEU B 158 -17.47 -3.62 -22.45
C LEU B 158 -18.67 -3.50 -23.39
N ARG B 159 -19.78 -2.99 -22.88
CA ARG B 159 -20.96 -2.78 -23.71
C ARG B 159 -20.91 -1.46 -24.48
N ASN B 160 -19.95 -0.61 -24.13
CA ASN B 160 -19.82 0.70 -24.77
C ASN B 160 -18.39 0.99 -25.19
N LEU B 161 -17.67 -0.03 -25.65
CA LEU B 161 -16.37 0.17 -26.27
C LEU B 161 -16.58 0.98 -27.56
N GLU B 162 -15.67 1.93 -27.83
CA GLU B 162 -15.81 2.82 -28.96
C GLU B 162 -15.13 2.30 -30.23
N THR B 163 -14.32 1.25 -30.08
CA THR B 163 -13.60 0.68 -31.21
C THR B 163 -14.54 -0.13 -32.10
N THR B 164 -14.51 0.18 -33.39
CA THR B 164 -15.47 -0.39 -34.34
C THR B 164 -14.87 -1.46 -35.23
N ALA B 165 -15.70 -2.45 -35.58
CA ALA B 165 -15.31 -3.49 -36.51
C ALA B 165 -16.42 -3.69 -37.55
N VAL B 166 -16.34 -2.94 -38.64
CA VAL B 166 -17.37 -2.97 -39.68
C VAL B 166 -16.99 -3.95 -40.78
N TYR B 167 -17.93 -4.82 -41.14
CA TYR B 167 -17.70 -5.78 -42.20
C TYR B 167 -18.14 -5.23 -43.55
N ASP B 168 -17.23 -5.31 -44.52
CA ASP B 168 -17.47 -4.84 -45.87
C ASP B 168 -17.52 -6.04 -46.81
N ILE B 169 -18.74 -6.43 -47.18
CA ILE B 169 -18.99 -7.68 -47.90
C ILE B 169 -18.33 -7.73 -49.28
N ALA B 170 -18.07 -6.54 -49.85
CA ALA B 170 -17.44 -6.46 -51.17
C ALA B 170 -16.10 -7.18 -51.21
N SER B 171 -15.27 -6.93 -50.20
CA SER B 171 -13.92 -7.49 -50.15
C SER B 171 -13.75 -8.49 -49.01
N GLN B 172 -14.84 -8.80 -48.33
CA GLN B 172 -14.83 -9.75 -47.21
C GLN B 172 -13.78 -9.37 -46.17
N GLU B 173 -13.81 -8.12 -45.74
CA GLU B 173 -12.85 -7.64 -44.75
C GLU B 173 -13.53 -6.84 -43.65
N PHE B 174 -12.98 -6.91 -42.45
CA PHE B 174 -13.41 -6.04 -41.36
C PHE B 174 -12.57 -4.77 -41.36
N VAL B 175 -13.23 -3.61 -41.37
CA VAL B 175 -12.52 -2.35 -41.17
C VAL B 175 -12.58 -1.98 -39.70
N LEU B 176 -11.41 -1.98 -39.06
CA LEU B 176 -11.30 -1.70 -37.63
C LEU B 176 -10.83 -0.27 -37.42
N HIS B 177 -11.61 0.51 -36.67
CA HIS B 177 -11.30 1.94 -36.53
C HIS B 177 -11.20 2.41 -35.08
N THR B 178 -10.30 3.35 -34.85
CA THR B 178 -10.24 4.09 -33.61
C THR B 178 -10.76 5.51 -33.86
N PRO B 179 -12.06 5.73 -33.61
CA PRO B 179 -12.70 7.01 -33.92
C PRO B 179 -12.21 8.15 -33.03
N THR B 180 -12.36 7.99 -31.72
CA THR B 180 -12.04 9.06 -30.79
C THR B 180 -10.74 8.77 -30.04
N THR B 181 -10.25 9.77 -29.31
CA THR B 181 -9.04 9.61 -28.52
C THR B 181 -9.28 8.63 -27.38
N THR B 182 -10.46 8.69 -26.79
CA THR B 182 -10.82 7.77 -25.71
C THR B 182 -11.05 6.37 -26.23
N ALA B 183 -11.17 6.23 -27.55
CA ALA B 183 -11.38 4.94 -28.18
C ALA B 183 -10.09 4.13 -28.25
N LEU B 184 -8.97 4.84 -28.12
CA LEU B 184 -7.64 4.22 -28.06
C LEU B 184 -7.62 3.06 -27.07
N LYS B 185 -7.09 1.92 -27.50
CA LYS B 185 -6.79 0.84 -26.58
C LYS B 185 -5.80 1.38 -25.57
N TRP B 186 -5.93 0.98 -24.32
CA TRP B 186 -5.10 1.55 -23.28
C TRP B 186 -4.98 0.56 -22.14
N TRP B 187 -3.72 0.24 -21.80
CA TRP B 187 -3.28 -0.72 -20.76
C TRP B 187 -2.88 -2.14 -21.18
N PRO B 188 -3.17 -2.59 -22.42
CA PRO B 188 -2.70 -3.96 -22.68
C PRO B 188 -1.19 -4.15 -22.57
N GLY B 189 -0.79 -5.18 -21.84
CA GLY B 189 0.61 -5.53 -21.72
C GLY B 189 1.20 -5.84 -23.07
N ALA B 190 2.42 -5.35 -23.30
CA ALA B 190 3.18 -5.59 -24.54
C ALA B 190 2.57 -4.94 -25.79
N LEU B 191 1.52 -4.15 -25.63
CA LEU B 191 0.86 -3.52 -26.78
C LEU B 191 1.75 -2.44 -27.41
N GLY B 192 2.38 -1.63 -26.56
CA GLY B 192 3.10 -0.47 -27.04
C GLY B 192 4.39 -0.74 -27.80
N LYS B 193 5.20 -1.68 -27.34
CA LYS B 193 6.55 -1.82 -27.88
C LYS B 193 6.99 -3.25 -28.21
N SER B 194 6.35 -4.23 -27.57
CA SER B 194 6.81 -5.62 -27.68
C SER B 194 6.09 -6.42 -28.76
N CYS B 195 4.77 -6.45 -28.71
CA CYS B 195 3.98 -7.31 -29.59
C CYS B 195 3.96 -6.81 -31.04
N ASN B 196 3.85 -7.77 -31.96
CA ASN B 196 3.62 -7.47 -33.36
C ASN B 196 2.29 -8.04 -33.83
N TYR B 197 1.60 -8.68 -32.88
CA TYR B 197 0.24 -9.14 -33.08
C TYR B 197 -0.60 -8.77 -31.86
N ALA B 198 -1.87 -8.46 -32.08
CA ALA B 198 -2.78 -8.24 -30.96
C ALA B 198 -4.15 -8.82 -31.21
N LEU B 199 -4.76 -9.29 -30.13
CA LEU B 199 -6.17 -9.64 -30.15
C LEU B 199 -6.97 -8.40 -29.75
N VAL B 200 -7.57 -7.75 -30.73
CA VAL B 200 -8.27 -6.51 -30.47
C VAL B 200 -9.77 -6.74 -30.29
N VAL B 201 -10.29 -6.27 -29.16
CA VAL B 201 -11.72 -6.38 -28.88
C VAL B 201 -12.46 -5.18 -29.46
N ALA B 202 -13.55 -5.45 -30.19
CA ALA B 202 -14.27 -4.37 -30.83
C ALA B 202 -15.76 -4.66 -30.99
N GLU B 203 -16.53 -3.59 -31.17
CA GLU B 203 -17.94 -3.72 -31.46
C GLU B 203 -18.15 -4.30 -32.85
N LEU B 204 -18.98 -5.32 -32.93
CA LEU B 204 -19.32 -5.91 -34.21
C LEU B 204 -20.71 -5.44 -34.68
N ASN B 210 -25.51 -4.06 -34.67
CA ASN B 210 -24.65 -4.08 -33.49
C ASN B 210 -24.76 -5.39 -32.71
N TYR B 211 -23.65 -6.14 -32.67
CA TYR B 211 -23.67 -7.50 -32.15
C TYR B 211 -22.84 -7.69 -30.88
N GLY B 212 -22.31 -6.60 -30.35
CA GLY B 212 -21.51 -6.66 -29.13
C GLY B 212 -20.03 -6.72 -29.40
N PRO B 213 -19.24 -7.00 -28.35
CA PRO B 213 -17.77 -7.07 -28.48
C PRO B 213 -17.25 -8.43 -28.93
N HIS B 214 -16.39 -8.43 -29.96
CA HIS B 214 -15.78 -9.65 -30.46
C HIS B 214 -14.26 -9.56 -30.53
N PHE B 215 -13.60 -10.66 -30.88
CA PHE B 215 -12.14 -10.71 -30.97
C PHE B 215 -11.65 -10.69 -32.41
N PHE B 216 -10.64 -9.86 -32.67
CA PHE B 216 -10.06 -9.76 -34.00
C PHE B 216 -8.54 -9.81 -33.95
N MET B 217 -7.98 -10.86 -34.54
CA MET B 217 -6.54 -10.97 -34.69
C MET B 217 -6.03 -9.84 -35.59
N VAL B 218 -5.13 -9.02 -35.05
CA VAL B 218 -4.59 -7.92 -35.82
C VAL B 218 -3.08 -7.90 -35.77
N GLN B 219 -2.44 -8.03 -36.93
CA GLN B 219 -1.00 -7.81 -37.00
C GLN B 219 -0.76 -6.32 -36.85
N LEU B 220 0.17 -5.97 -35.97
CA LEU B 220 0.40 -4.57 -35.65
C LEU B 220 1.72 -4.08 -36.22
N ARG B 221 2.73 -4.95 -36.21
CA ARG B 221 4.05 -4.60 -36.72
C ARG B 221 4.53 -5.64 -37.72
N ASP B 222 5.42 -5.22 -38.62
CA ASP B 222 6.01 -6.14 -39.59
C ASP B 222 6.84 -7.19 -38.86
N GLU B 223 6.69 -8.45 -39.24
CA GLU B 223 7.31 -9.55 -38.51
C GLU B 223 8.82 -9.54 -38.57
N LYS B 224 9.37 -8.94 -39.63
CA LYS B 224 10.82 -8.91 -39.82
C LYS B 224 11.46 -7.63 -39.31
N THR B 225 10.77 -6.50 -39.45
CA THR B 225 11.36 -5.21 -39.15
C THR B 225 10.81 -4.58 -37.87
N HIS B 226 9.65 -5.06 -37.44
CA HIS B 226 8.97 -4.59 -36.23
C HIS B 226 8.50 -3.14 -36.36
N ILE B 227 8.47 -2.62 -37.58
CA ILE B 227 7.91 -1.31 -37.86
C ILE B 227 6.39 -1.46 -38.06
N PRO B 228 5.61 -0.61 -37.37
CA PRO B 228 4.15 -0.70 -37.39
C PRO B 228 3.54 -0.65 -38.79
N LEU B 229 2.44 -1.36 -38.99
CA LEU B 229 1.79 -1.39 -40.29
C LEU B 229 0.95 -0.14 -40.51
N LYS B 230 0.66 0.14 -41.77
CA LYS B 230 -0.21 1.25 -42.14
C LYS B 230 -1.56 1.17 -41.46
N GLY B 231 -1.93 2.23 -40.76
CA GLY B 231 -3.20 2.27 -40.05
C GLY B 231 -3.04 2.04 -38.55
N VAL B 232 -1.80 1.97 -38.11
CA VAL B 232 -1.51 1.61 -36.72
C VAL B 232 -0.74 2.68 -35.97
N THR B 233 -1.34 3.18 -34.89
CA THR B 233 -0.63 4.04 -33.95
C THR B 233 -0.40 3.24 -32.68
N VAL B 234 0.85 3.24 -32.20
CA VAL B 234 1.21 2.41 -31.04
C VAL B 234 2.32 3.06 -30.20
N GLY B 235 2.29 2.82 -28.90
CA GLY B 235 3.30 3.36 -27.99
C GLY B 235 3.02 3.01 -26.55
N ASP B 236 4.00 3.26 -25.68
CA ASP B 236 3.88 2.97 -24.25
C ASP B 236 3.02 4.03 -23.54
N ILE B 237 2.47 3.68 -22.37
CA ILE B 237 1.60 4.60 -21.65
C ILE B 237 2.30 5.21 -20.43
N GLY B 238 3.63 5.19 -20.44
CA GLY B 238 4.39 5.80 -19.38
C GLY B 238 4.54 4.93 -18.16
N PRO B 239 5.35 5.38 -17.18
CA PRO B 239 5.63 4.65 -15.94
C PRO B 239 4.36 4.33 -15.16
N LYS B 240 4.42 3.27 -14.36
CA LYS B 240 3.28 2.85 -13.55
C LYS B 240 3.69 2.69 -12.09
N MET B 241 2.70 2.42 -11.24
CA MET B 241 2.94 2.11 -9.83
C MET B 241 3.99 1.02 -9.70
N ASN B 242 3.83 -0.03 -10.51
CA ASN B 242 4.86 -1.05 -10.68
C ASN B 242 4.73 -1.68 -12.06
N PHE B 243 5.25 -2.91 -12.19
CA PHE B 243 5.20 -3.66 -13.44
C PHE B 243 5.86 -2.88 -14.56
N ASN B 244 6.94 -2.18 -14.22
CA ASN B 244 7.56 -1.21 -15.12
C ASN B 244 8.57 -1.79 -16.10
N ALA B 245 8.90 -3.06 -15.92
CA ALA B 245 9.77 -3.74 -16.88
C ALA B 245 8.94 -4.19 -18.08
N ALA B 246 7.61 -4.18 -17.90
CA ALA B 246 6.67 -4.49 -18.95
C ALA B 246 6.21 -3.19 -19.62
N ASP B 247 5.97 -3.26 -20.93
CA ASP B 247 5.50 -2.09 -21.65
C ASP B 247 4.00 -2.19 -21.93
N ASN B 248 3.20 -1.50 -21.12
CA ASN B 248 1.77 -1.41 -21.38
C ASN B 248 1.50 -0.25 -22.31
N GLY B 249 0.66 -0.47 -23.31
CA GLY B 249 0.58 0.49 -24.40
C GLY B 249 -0.78 0.95 -24.86
N TYR B 250 -0.76 1.74 -25.93
CA TYR B 250 -1.99 2.22 -26.54
C TYR B 250 -1.99 1.87 -28.03
N LEU B 251 -3.18 1.76 -28.60
CA LEU B 251 -3.31 1.41 -30.01
C LEU B 251 -4.27 2.35 -30.73
N GLY B 252 -3.81 2.92 -31.84
CA GLY B 252 -4.64 3.74 -32.69
C GLY B 252 -4.84 3.10 -34.04
N LEU B 253 -6.08 2.73 -34.33
CA LEU B 253 -6.39 2.10 -35.60
C LEU B 253 -7.18 3.04 -36.52
N ASN B 254 -6.62 3.32 -37.69
CA ASN B 254 -7.26 4.20 -38.66
C ASN B 254 -7.80 3.46 -39.88
N ASN B 255 -9.03 2.97 -39.78
CA ASN B 255 -9.67 2.18 -40.82
C ASN B 255 -8.76 1.04 -41.26
N LEU B 256 -8.41 0.19 -40.30
CA LEU B 256 -7.52 -0.94 -40.52
C LEU B 256 -8.29 -2.14 -41.05
N ARG B 257 -7.84 -2.68 -42.18
CA ARG B 257 -8.54 -3.79 -42.82
C ARG B 257 -7.89 -5.14 -42.55
N VAL B 258 -8.68 -6.05 -41.98
CA VAL B 258 -8.24 -7.42 -41.76
C VAL B 258 -9.24 -8.39 -42.38
N PRO B 259 -8.77 -9.55 -42.85
CA PRO B 259 -9.63 -10.60 -43.40
C PRO B 259 -10.78 -11.00 -42.47
N ARG B 260 -11.87 -11.47 -43.06
CA ARG B 260 -13.02 -11.98 -42.31
C ARG B 260 -12.59 -13.05 -41.32
N THR B 261 -11.61 -13.85 -41.73
CA THR B 261 -11.11 -14.95 -40.92
C THR B 261 -10.08 -14.51 -39.88
N ASN B 262 -9.91 -13.20 -39.71
CA ASN B 262 -9.12 -12.68 -38.60
C ASN B 262 -10.03 -12.50 -37.39
N LEU B 263 -11.32 -12.69 -37.62
CA LEU B 263 -12.29 -12.79 -36.54
C LEU B 263 -12.27 -14.19 -35.94
N LEU B 264 -12.07 -14.26 -34.62
CA LEU B 264 -12.10 -15.54 -33.93
C LEU B 264 -13.53 -16.09 -33.96
N MET B 265 -13.67 -17.37 -34.29
CA MET B 265 -14.99 -17.93 -34.60
C MET B 265 -15.25 -19.35 -34.08
N ARG B 266 -14.71 -19.69 -32.92
CA ARG B 266 -15.01 -20.97 -32.27
C ARG B 266 -16.51 -21.10 -32.03
N HIS B 267 -17.07 -20.05 -31.45
CA HIS B 267 -18.45 -20.07 -31.01
C HIS B 267 -19.35 -19.30 -31.97
N CYS B 268 -18.95 -18.08 -32.33
CA CYS B 268 -19.73 -17.28 -33.29
C CYS B 268 -19.25 -17.48 -34.73
N LYS B 269 -20.06 -17.03 -35.68
CA LYS B 269 -19.68 -17.04 -37.08
C LYS B 269 -20.16 -15.79 -37.80
N VAL B 270 -19.30 -15.25 -38.67
CA VAL B 270 -19.73 -14.34 -39.72
C VAL B 270 -19.36 -14.98 -41.05
N GLU B 271 -20.35 -15.15 -41.93
CA GLU B 271 -20.09 -15.80 -43.21
C GLU B 271 -19.68 -14.76 -44.25
N ALA B 272 -19.15 -15.24 -45.37
CA ALA B 272 -18.61 -14.37 -46.41
C ALA B 272 -19.65 -13.39 -46.94
N ASP B 273 -20.91 -13.83 -46.95
CA ASP B 273 -22.00 -12.96 -47.39
C ASP B 273 -22.50 -12.10 -46.25
N GLY B 274 -22.03 -12.38 -45.04
CA GLY B 274 -22.32 -11.50 -43.91
C GLY B 274 -23.37 -11.94 -42.89
N THR B 275 -23.89 -13.16 -43.02
CA THR B 275 -24.80 -13.69 -42.00
C THR B 275 -24.03 -13.94 -40.71
N TYR B 276 -24.70 -13.67 -39.59
CA TYR B 276 -24.08 -13.83 -38.29
C TYR B 276 -24.76 -14.95 -37.52
N VAL B 277 -24.00 -15.99 -37.20
CA VAL B 277 -24.51 -17.06 -36.38
C VAL B 277 -24.14 -16.78 -34.92
N LYS B 278 -25.14 -16.37 -34.15
CA LYS B 278 -24.98 -16.06 -32.74
C LYS B 278 -24.33 -17.23 -31.99
N PRO B 279 -23.21 -16.96 -31.30
CA PRO B 279 -22.40 -17.97 -30.60
C PRO B 279 -23.21 -18.66 -29.51
N PRO B 280 -23.25 -20.00 -29.52
CA PRO B 280 -24.16 -20.88 -28.76
C PRO B 280 -25.13 -20.11 -27.88
N HIS B 281 -24.63 -19.55 -26.79
CA HIS B 281 -25.37 -18.60 -25.97
C HIS B 281 -24.42 -17.76 -25.13
N ALA B 282 -24.83 -17.45 -23.90
CA ALA B 282 -23.98 -16.82 -22.88
C ALA B 282 -23.14 -15.65 -23.37
N LYS B 283 -22.00 -15.46 -22.71
CA LYS B 283 -20.94 -14.58 -23.18
C LYS B 283 -19.63 -15.34 -23.08
N ILE B 284 -19.50 -16.34 -23.95
CA ILE B 284 -18.37 -17.25 -23.97
C ILE B 284 -17.04 -16.56 -24.27
N GLY B 285 -17.12 -15.36 -24.85
CA GLY B 285 -15.93 -14.61 -25.22
C GLY B 285 -15.16 -14.05 -24.03
N TYR B 286 -15.80 -14.02 -22.87
CA TYR B 286 -15.16 -13.49 -21.67
C TYR B 286 -14.36 -14.57 -20.94
N SER B 287 -14.13 -15.69 -21.62
CA SER B 287 -13.49 -16.86 -21.01
C SER B 287 -12.07 -16.59 -20.53
N GLY B 288 -11.34 -15.74 -21.25
CA GLY B 288 -9.98 -15.41 -20.89
C GLY B 288 -9.89 -14.78 -19.51
N MET B 289 -10.74 -13.78 -19.27
CA MET B 289 -10.81 -13.10 -17.98
C MET B 289 -11.07 -14.07 -16.84
N VAL B 290 -11.91 -15.06 -17.10
CA VAL B 290 -12.28 -16.05 -16.09
C VAL B 290 -11.12 -16.98 -15.74
N LYS B 291 -10.21 -17.20 -16.69
CA LYS B 291 -9.03 -18.00 -16.40
C LYS B 291 -8.12 -17.29 -15.41
N ILE B 292 -7.88 -16.00 -15.65
CA ILE B 292 -7.08 -15.18 -14.75
C ILE B 292 -7.70 -15.13 -13.36
N ARG B 293 -8.99 -14.80 -13.30
CA ARG B 293 -9.74 -14.67 -12.05
C ARG B 293 -9.77 -15.90 -11.20
N SER B 294 -9.81 -17.06 -11.82
CA SER B 294 -9.77 -18.33 -11.10
C SER B 294 -8.35 -18.63 -10.63
N GLN B 295 -7.38 -18.00 -11.29
CA GLN B 295 -5.98 -18.30 -11.05
C GLN B 295 -5.36 -17.46 -9.93
N MET B 296 -5.79 -16.21 -9.80
CA MET B 296 -5.11 -15.29 -8.88
C MET B 296 -5.41 -15.53 -7.40
N ALA B 297 -6.26 -16.49 -7.08
CA ALA B 297 -6.38 -16.91 -5.69
C ALA B 297 -5.11 -17.68 -5.34
N MET B 298 -4.62 -18.42 -6.33
CA MET B 298 -3.36 -19.14 -6.23
C MET B 298 -2.17 -18.18 -6.30
N GLU B 299 -2.21 -17.27 -7.28
CA GLU B 299 -1.10 -16.35 -7.53
C GLU B 299 -0.92 -15.36 -6.37
N GLN B 300 -2.02 -14.73 -5.94
CA GLN B 300 -1.96 -13.78 -4.84
C GLN B 300 -1.66 -14.50 -3.54
N GLY B 301 -1.87 -15.82 -3.53
CA GLY B 301 -1.48 -16.64 -2.41
C GLY B 301 0.03 -16.74 -2.38
N LEU B 302 0.63 -17.01 -3.54
CA LEU B 302 2.07 -17.11 -3.65
C LEU B 302 2.79 -15.78 -3.45
N PHE B 303 2.20 -14.70 -3.95
CA PHE B 303 2.72 -13.36 -3.70
C PHE B 303 2.88 -13.10 -2.20
N LEU B 304 1.82 -13.42 -1.47
CA LEU B 304 1.77 -13.24 -0.03
C LEU B 304 2.82 -14.09 0.66
N ALA B 305 2.96 -15.33 0.21
CA ALA B 305 3.96 -16.25 0.73
C ALA B 305 5.36 -15.67 0.59
N HIS B 306 5.60 -15.02 -0.54
CA HIS B 306 6.87 -14.37 -0.84
C HIS B 306 7.19 -13.32 0.23
N ALA B 307 6.23 -12.43 0.47
CA ALA B 307 6.41 -11.35 1.43
C ALA B 307 6.67 -11.91 2.82
N LEU B 308 5.87 -12.91 3.20
CA LEU B 308 6.01 -13.53 4.50
C LEU B 308 7.33 -14.27 4.65
N THR B 309 7.79 -14.89 3.56
CA THR B 309 9.08 -15.58 3.56
C THR B 309 10.21 -14.63 3.97
N ILE B 310 10.17 -13.42 3.42
CA ILE B 310 11.12 -12.38 3.78
C ILE B 310 10.92 -11.94 5.22
N ALA B 311 9.68 -11.56 5.54
CA ALA B 311 9.34 -11.04 6.87
C ALA B 311 9.65 -12.05 7.97
N ALA B 312 9.16 -13.28 7.81
CA ALA B 312 9.35 -14.32 8.81
C ALA B 312 10.82 -14.57 9.09
N ARG B 313 11.60 -14.76 8.03
CA ARG B 313 13.03 -14.99 8.18
C ARG B 313 13.72 -13.83 8.88
N TYR B 314 13.48 -12.62 8.40
CA TYR B 314 14.07 -11.42 9.00
C TYR B 314 13.66 -11.23 10.45
N SER B 315 12.40 -11.58 10.75
CA SER B 315 11.89 -11.51 12.11
C SER B 315 12.69 -12.41 13.02
N ALA B 316 13.10 -13.56 12.49
CA ALA B 316 13.86 -14.53 13.25
C ALA B 316 15.33 -14.15 13.35
N VAL B 317 15.69 -13.04 12.73
CA VAL B 317 17.07 -12.56 12.78
C VAL B 317 17.16 -11.25 13.56
N ARG B 318 16.26 -10.31 13.26
CA ARG B 318 16.22 -9.02 13.91
C ARG B 318 15.89 -9.15 15.40
N ARG B 319 16.81 -8.68 16.23
CA ARG B 319 16.58 -8.62 17.67
C ARG B 319 16.44 -7.16 18.10
N GLN B 320 15.35 -6.84 18.79
CA GLN B 320 15.10 -5.49 19.26
C GLN B 320 14.23 -5.52 20.51
N GLY B 321 14.69 -4.86 21.57
CA GLY B 321 13.95 -4.80 22.81
C GLY B 321 14.13 -6.06 23.64
N HIS B 322 13.91 -5.93 24.94
CA HIS B 322 14.02 -7.05 25.87
C HIS B 322 12.66 -7.50 26.41
N LEU B 323 12.56 -8.79 26.72
CA LEU B 323 11.44 -9.30 27.52
C LEU B 323 11.98 -9.56 28.91
N ASP B 324 11.88 -10.82 29.34
CA ASP B 324 12.73 -11.33 30.40
C ASP B 324 14.15 -11.34 29.81
N ASP B 325 15.17 -11.55 30.66
CA ASP B 325 16.56 -11.58 30.20
C ASP B 325 16.95 -10.21 29.65
N LYS B 326 17.57 -9.39 30.49
CA LYS B 326 17.97 -8.04 30.11
C LYS B 326 19.42 -7.96 29.65
N GLN B 327 19.96 -9.09 29.20
CA GLN B 327 21.33 -9.13 28.72
C GLN B 327 21.35 -9.31 27.21
N VAL B 328 20.34 -10.00 26.70
CA VAL B 328 20.20 -10.21 25.26
C VAL B 328 18.81 -9.83 24.80
N GLU B 329 18.74 -8.97 23.79
CA GLU B 329 17.47 -8.57 23.20
C GLU B 329 16.82 -9.77 22.51
N VAL B 330 15.50 -9.73 22.39
CA VAL B 330 14.76 -10.86 21.83
C VAL B 330 14.52 -10.70 20.33
N LYS B 331 14.48 -11.84 19.63
CA LYS B 331 14.02 -11.85 18.24
C LYS B 331 12.63 -11.24 18.19
N VAL B 332 12.39 -10.36 17.23
CA VAL B 332 11.13 -9.62 17.20
C VAL B 332 9.95 -10.54 16.88
N LEU B 333 10.26 -11.74 16.38
CA LEU B 333 9.26 -12.76 16.10
C LEU B 333 8.67 -13.32 17.41
N ASP B 334 9.27 -12.94 18.54
CA ASP B 334 8.82 -13.38 19.85
C ASP B 334 7.73 -12.48 20.42
N TYR B 335 7.54 -11.31 19.80
CA TYR B 335 6.51 -10.37 20.23
C TYR B 335 5.14 -10.76 19.69
N GLN B 336 4.10 -10.56 20.49
CA GLN B 336 2.75 -10.99 20.11
C GLN B 336 2.22 -10.23 18.91
N THR B 337 2.41 -8.92 18.90
CA THR B 337 1.99 -8.09 17.78
C THR B 337 2.61 -8.56 16.47
N GLN B 338 3.88 -8.90 16.51
CA GLN B 338 4.59 -9.40 15.33
C GLN B 338 3.93 -10.66 14.78
N GLN B 339 3.77 -11.66 15.66
CA GLN B 339 3.08 -12.90 15.31
C GLN B 339 1.67 -12.60 14.81
N HIS B 340 1.04 -11.62 15.42
CA HIS B 340 -0.32 -11.22 15.06
C HIS B 340 -0.37 -10.60 13.67
N ARG B 341 0.65 -9.80 13.35
CA ARG B 341 0.65 -9.07 12.09
C ARG B 341 1.27 -9.89 10.96
N LEU B 342 1.59 -11.15 11.24
CA LEU B 342 2.22 -12.02 10.26
C LEU B 342 1.49 -13.34 10.03
N PHE B 343 1.23 -14.08 11.10
CA PHE B 343 0.73 -15.46 10.99
C PHE B 343 -0.67 -15.61 10.40
N PRO B 344 -1.62 -14.73 10.77
CA PRO B 344 -2.91 -14.76 10.07
C PRO B 344 -2.77 -14.64 8.55
N SER B 345 -1.86 -13.78 8.11
CA SER B 345 -1.57 -13.62 6.69
C SER B 345 -0.86 -14.84 6.14
N LEU B 346 -0.09 -15.51 6.99
CA LEU B 346 0.55 -16.75 6.61
C LEU B 346 -0.50 -17.83 6.43
N ALA B 347 -1.47 -17.86 7.34
CA ALA B 347 -2.60 -18.75 7.23
C ALA B 347 -3.38 -18.47 5.95
N ARG B 348 -3.45 -17.19 5.58
CA ARG B 348 -4.18 -16.79 4.37
C ARG B 348 -3.48 -17.28 3.12
N ALA B 349 -2.15 -17.20 3.12
CA ALA B 349 -1.34 -17.66 1.99
C ALA B 349 -1.63 -19.11 1.63
N TYR B 350 -1.67 -19.97 2.64
CA TYR B 350 -2.02 -21.38 2.46
C TYR B 350 -3.47 -21.52 2.04
N ALA B 351 -4.34 -20.79 2.71
CA ALA B 351 -5.78 -20.85 2.44
C ALA B 351 -6.10 -20.46 1.00
N PHE B 352 -5.51 -19.37 0.53
CA PHE B 352 -5.82 -18.87 -0.81
C PHE B 352 -5.33 -19.82 -1.90
N ILE B 353 -4.21 -20.48 -1.64
CA ILE B 353 -3.60 -21.40 -2.59
C ILE B 353 -4.42 -22.68 -2.72
N PHE B 354 -4.84 -23.23 -1.58
CA PHE B 354 -5.72 -24.40 -1.58
C PHE B 354 -7.04 -24.04 -2.25
N THR B 355 -7.50 -22.82 -1.97
CA THR B 355 -8.70 -22.29 -2.61
C THR B 355 -8.45 -22.15 -4.12
N GLY B 356 -7.21 -21.84 -4.47
CA GLY B 356 -6.81 -21.71 -5.86
C GLY B 356 -6.85 -23.00 -6.65
N PHE B 357 -6.40 -24.10 -6.04
CA PHE B 357 -6.37 -25.40 -6.72
C PHE B 357 -7.77 -25.84 -7.15
N GLU B 358 -8.76 -25.57 -6.32
CA GLU B 358 -10.13 -25.96 -6.60
C GLU B 358 -10.71 -25.17 -7.76
N THR B 359 -10.46 -23.86 -7.78
CA THR B 359 -10.97 -23.00 -8.85
C THR B 359 -10.18 -23.15 -10.14
N ILE B 360 -8.89 -23.45 -10.03
CA ILE B 360 -8.07 -23.71 -11.20
C ILE B 360 -8.58 -24.95 -11.94
N HIS B 361 -8.84 -26.00 -11.18
CA HIS B 361 -9.36 -27.25 -11.76
C HIS B 361 -10.79 -27.06 -12.21
N LEU B 362 -11.54 -26.25 -11.47
CA LEU B 362 -12.94 -25.96 -11.80
C LEU B 362 -13.04 -25.35 -13.19
N TYR B 363 -12.14 -24.43 -13.49
CA TYR B 363 -12.16 -23.73 -14.77
C TYR B 363 -11.68 -24.60 -15.94
N SER B 364 -10.63 -25.37 -15.72
CA SER B 364 -10.09 -26.22 -16.78
C SER B 364 -11.03 -27.39 -17.04
N GLN B 365 -11.99 -27.58 -16.14
CA GLN B 365 -13.01 -28.61 -16.26
C GLN B 365 -14.25 -28.02 -16.90
N LEU B 366 -14.62 -26.83 -16.45
CA LEU B 366 -15.70 -26.06 -17.05
C LEU B 366 -15.17 -25.27 -18.24
N LEU B 367 -14.19 -25.86 -18.90
CA LEU B 367 -13.70 -25.40 -20.20
C LEU B 367 -14.08 -26.47 -21.21
N LYS B 368 -14.05 -27.72 -20.75
CA LYS B 368 -14.49 -28.86 -21.55
C LYS B 368 -16.01 -28.89 -21.59
N ASP B 369 -16.63 -28.33 -20.55
CA ASP B 369 -18.07 -28.22 -20.49
C ASP B 369 -18.58 -27.26 -21.56
N VAL B 370 -17.69 -26.42 -22.09
CA VAL B 370 -18.06 -25.41 -23.06
C VAL B 370 -17.74 -25.88 -24.48
N ASP B 371 -17.23 -27.11 -24.60
CA ASP B 371 -17.09 -27.72 -25.92
C ASP B 371 -18.17 -28.78 -26.10
N MET B 372 -18.77 -29.18 -24.99
CA MET B 372 -20.13 -29.68 -25.01
C MET B 372 -20.98 -28.41 -24.87
N GLY B 373 -22.28 -28.50 -25.09
CA GLY B 373 -23.13 -27.32 -25.04
C GLY B 373 -23.47 -26.84 -23.65
N ASN B 374 -22.70 -27.28 -22.66
CA ASN B 374 -23.00 -26.98 -21.26
C ASN B 374 -22.51 -25.61 -20.82
N THR B 375 -23.38 -24.87 -20.12
CA THR B 375 -22.99 -23.62 -19.48
C THR B 375 -23.55 -23.60 -18.06
N SER B 376 -23.79 -22.42 -17.52
CA SER B 376 -24.40 -22.22 -16.20
C SER B 376 -23.58 -22.81 -15.04
N GLY B 377 -22.72 -23.78 -15.34
CA GLY B 377 -21.62 -24.11 -14.45
C GLY B 377 -20.61 -23.03 -14.72
N MET B 378 -20.74 -22.46 -15.92
CA MET B 378 -20.00 -21.28 -16.33
C MET B 378 -20.39 -20.09 -15.48
N ALA B 379 -21.68 -19.80 -15.40
CA ALA B 379 -22.19 -18.68 -14.63
C ALA B 379 -21.90 -18.84 -13.14
N ASP B 380 -21.92 -20.08 -12.66
CA ASP B 380 -21.65 -20.36 -11.25
C ASP B 380 -20.17 -20.20 -10.93
N LEU B 381 -19.32 -20.39 -11.91
CA LEU B 381 -17.87 -20.24 -11.70
C LEU B 381 -17.49 -18.76 -11.76
N HIS B 382 -18.01 -18.05 -12.75
CA HIS B 382 -17.76 -16.62 -12.93
C HIS B 382 -18.03 -15.84 -11.66
N ALA B 383 -19.21 -16.05 -11.09
CA ALA B 383 -19.62 -15.33 -9.89
C ALA B 383 -18.72 -15.63 -8.70
N LEU B 384 -18.29 -16.87 -8.58
CA LEU B 384 -17.41 -17.27 -7.48
C LEU B 384 -16.05 -16.59 -7.60
N THR B 385 -15.44 -16.69 -8.78
CA THR B 385 -14.12 -16.11 -9.01
C THR B 385 -14.17 -14.58 -9.05
N SER B 386 -15.38 -14.05 -9.25
CA SER B 386 -15.58 -12.61 -9.25
C SER B 386 -15.24 -12.02 -7.89
N GLY B 387 -15.89 -12.54 -6.86
CA GLY B 387 -15.61 -12.12 -5.50
C GLY B 387 -14.30 -12.68 -4.99
N LEU B 388 -13.92 -13.86 -5.48
CA LEU B 388 -12.71 -14.51 -5.01
C LEU B 388 -11.47 -13.66 -5.32
N LYS B 389 -11.35 -13.22 -6.57
CA LYS B 389 -10.23 -12.38 -6.96
C LYS B 389 -10.25 -11.04 -6.20
N SER B 390 -11.43 -10.59 -5.83
CA SER B 390 -11.57 -9.31 -5.13
C SER B 390 -11.09 -9.39 -3.69
N VAL B 391 -11.72 -10.25 -2.89
CA VAL B 391 -11.36 -10.46 -1.49
C VAL B 391 -9.89 -10.85 -1.35
N VAL B 392 -9.46 -11.80 -2.17
CA VAL B 392 -8.10 -12.33 -2.13
C VAL B 392 -7.07 -11.24 -2.39
N ALA B 393 -7.23 -10.50 -3.48
CA ALA B 393 -6.29 -9.44 -3.83
C ALA B 393 -6.26 -8.33 -2.78
N HIS B 394 -7.43 -8.05 -2.19
CA HIS B 394 -7.55 -7.01 -1.16
C HIS B 394 -6.89 -7.41 0.14
N GLU B 395 -7.14 -8.65 0.56
CA GLU B 395 -6.59 -9.15 1.82
C GLU B 395 -5.11 -9.50 1.67
N THR B 396 -4.72 -9.92 0.47
CA THR B 396 -3.31 -10.16 0.17
C THR B 396 -2.51 -8.88 0.29
N GLY B 397 -3.00 -7.82 -0.33
CA GLY B 397 -2.35 -6.52 -0.27
C GLY B 397 -2.19 -6.02 1.15
N GLU B 398 -3.21 -6.26 1.96
CA GLU B 398 -3.18 -5.90 3.38
C GLU B 398 -2.04 -6.63 4.07
N GLY B 399 -1.93 -7.93 3.80
CA GLY B 399 -0.95 -8.77 4.45
C GLY B 399 0.48 -8.51 4.03
N ILE B 400 0.66 -8.09 2.77
CA ILE B 400 2.00 -7.81 2.25
C ILE B 400 2.60 -6.59 2.92
N GLU B 401 1.83 -5.52 3.02
CA GLU B 401 2.25 -4.31 3.71
C GLU B 401 2.55 -4.61 5.17
N GLN B 402 1.72 -5.43 5.79
CA GLN B 402 1.96 -5.87 7.15
C GLN B 402 3.28 -6.62 7.24
N ALA B 403 3.59 -7.40 6.21
CA ALA B 403 4.87 -8.11 6.14
C ALA B 403 6.02 -7.14 5.93
N ARG B 404 5.78 -6.08 5.16
CA ARG B 404 6.80 -5.06 4.93
C ARG B 404 7.10 -4.28 6.19
N MET B 405 6.06 -3.67 6.76
CA MET B 405 6.19 -2.86 7.98
C MET B 405 6.76 -3.68 9.13
N ALA B 406 6.49 -4.98 9.12
CA ALA B 406 6.98 -5.88 10.17
C ALA B 406 8.49 -6.01 10.16
N CYS B 407 9.12 -5.50 9.11
CA CYS B 407 10.57 -5.53 9.04
C CYS B 407 11.17 -4.24 9.58
N GLY B 408 10.32 -3.41 10.17
CA GLY B 408 10.76 -2.13 10.70
C GLY B 408 11.27 -1.23 9.60
N GLY B 409 12.25 -0.40 9.93
CA GLY B 409 12.79 0.55 8.96
C GLY B 409 13.29 -0.06 7.66
N HIS B 410 14.00 -1.19 7.75
CA HIS B 410 14.63 -1.79 6.58
C HIS B 410 13.63 -2.33 5.56
N GLY B 411 12.41 -2.60 6.02
CA GLY B 411 11.37 -3.08 5.12
C GLY B 411 10.98 -2.06 4.07
N TYR B 412 11.28 -0.79 4.36
CA TYR B 412 10.98 0.31 3.46
C TYR B 412 12.06 0.43 2.37
N SER B 413 13.21 -0.18 2.66
CA SER B 413 14.31 -0.22 1.70
C SER B 413 13.98 -1.21 0.60
N MET B 414 14.57 -1.01 -0.58
CA MET B 414 14.37 -1.94 -1.68
C MET B 414 15.09 -3.25 -1.43
N ALA B 415 15.94 -3.25 -0.41
CA ALA B 415 16.69 -4.44 -0.02
C ALA B 415 15.76 -5.52 0.54
N SER B 416 14.54 -5.11 0.92
CA SER B 416 13.52 -6.03 1.38
C SER B 416 12.76 -6.60 0.18
N TYR B 417 12.45 -5.73 -0.78
CA TYR B 417 11.77 -6.07 -2.04
C TYR B 417 10.28 -6.33 -1.83
N ILE B 418 9.79 -6.12 -0.61
CA ILE B 418 8.40 -6.37 -0.29
C ILE B 418 7.50 -5.30 -0.92
N SER B 419 8.05 -4.11 -1.12
CA SER B 419 7.29 -3.01 -1.72
C SER B 419 7.03 -3.26 -3.21
N VAL B 420 7.94 -4.02 -3.83
CA VAL B 420 7.78 -4.43 -5.22
C VAL B 420 6.69 -5.49 -5.33
N VAL B 421 6.73 -6.48 -4.44
CA VAL B 421 5.75 -7.55 -4.42
C VAL B 421 4.37 -6.97 -4.16
N TYR B 422 4.31 -5.93 -3.34
CA TYR B 422 3.04 -5.26 -3.10
C TYR B 422 2.56 -4.58 -4.38
N GLY B 423 3.40 -3.72 -4.93
CA GLY B 423 3.06 -2.95 -6.12
C GLY B 423 2.57 -3.80 -7.28
N ILE B 424 3.23 -4.93 -7.48
CA ILE B 424 2.81 -5.89 -8.50
C ILE B 424 1.45 -6.49 -8.16
N ALA B 425 1.37 -7.12 -6.98
CA ALA B 425 0.18 -7.85 -6.55
C ALA B 425 -1.07 -6.99 -6.48
N ILE B 426 -0.93 -5.83 -5.83
CA ILE B 426 -2.06 -4.94 -5.56
C ILE B 426 -2.82 -4.53 -6.83
N GLY B 427 -2.15 -4.63 -7.98
CA GLY B 427 -2.79 -4.36 -9.24
C GLY B 427 -3.94 -5.32 -9.48
N GLY B 428 -3.89 -6.47 -8.82
CA GLY B 428 -4.94 -7.46 -8.90
C GLY B 428 -6.26 -6.97 -8.36
N CYS B 429 -6.22 -5.83 -7.67
CA CYS B 429 -7.43 -5.19 -7.20
C CYS B 429 -8.05 -4.31 -8.29
N THR B 430 -7.37 -4.23 -9.43
CA THR B 430 -7.87 -3.45 -10.55
C THR B 430 -8.01 -4.28 -11.84
N TYR B 431 -6.94 -4.90 -12.29
CA TYR B 431 -7.00 -5.67 -13.54
C TYR B 431 -7.85 -6.91 -13.32
N ALA B 432 -8.30 -7.50 -14.43
CA ALA B 432 -9.24 -8.62 -14.40
C ALA B 432 -10.54 -8.24 -13.68
N GLY B 433 -10.96 -7.00 -13.86
CA GLY B 433 -12.18 -6.52 -13.25
C GLY B 433 -11.97 -5.71 -11.99
N GLU B 434 -12.54 -4.50 -11.96
CA GLU B 434 -12.45 -3.63 -10.79
C GLU B 434 -13.07 -4.33 -9.58
N ASN B 435 -12.36 -4.31 -8.46
CA ASN B 435 -12.73 -5.09 -7.28
C ASN B 435 -14.15 -4.84 -6.75
N MET B 436 -14.59 -3.59 -6.72
CA MET B 436 -15.95 -3.27 -6.32
C MET B 436 -16.96 -3.89 -7.28
N VAL B 437 -16.77 -3.61 -8.57
CA VAL B 437 -17.63 -4.12 -9.63
C VAL B 437 -17.75 -5.64 -9.55
N MET B 438 -16.61 -6.30 -9.35
CA MET B 438 -16.57 -7.76 -9.29
C MET B 438 -17.24 -8.30 -8.03
N LEU B 439 -17.25 -7.50 -6.96
CA LEU B 439 -17.97 -7.87 -5.75
C LEU B 439 -19.47 -7.73 -5.98
N LEU B 440 -19.83 -6.83 -6.89
CA LEU B 440 -21.22 -6.59 -7.24
C LEU B 440 -21.75 -7.63 -8.23
N GLN B 441 -20.85 -8.12 -9.08
CA GLN B 441 -21.20 -9.15 -10.04
C GLN B 441 -21.63 -10.40 -9.27
N LEU B 442 -20.86 -10.70 -8.22
CA LEU B 442 -21.16 -11.85 -7.38
C LEU B 442 -22.48 -11.63 -6.64
N ALA B 443 -22.77 -10.37 -6.33
CA ALA B 443 -24.00 -10.02 -5.64
C ALA B 443 -25.23 -10.26 -6.52
N ARG B 444 -25.03 -10.24 -7.83
CA ARG B 444 -26.12 -10.52 -8.75
C ARG B 444 -26.46 -12.01 -8.74
N TYR B 445 -25.44 -12.81 -8.49
CA TYR B 445 -25.61 -14.26 -8.36
C TYR B 445 -26.17 -14.61 -7.00
N LEU B 446 -26.01 -13.71 -6.03
CA LEU B 446 -26.55 -13.90 -4.69
C LEU B 446 -28.01 -13.50 -4.61
N VAL B 447 -28.37 -12.42 -5.29
CA VAL B 447 -29.75 -11.96 -5.36
C VAL B 447 -30.60 -13.03 -6.02
N LYS B 448 -30.14 -13.51 -7.17
CA LYS B 448 -30.79 -14.59 -7.90
C LYS B 448 -30.96 -15.82 -7.02
N SER B 449 -29.91 -16.15 -6.28
CA SER B 449 -29.93 -17.30 -5.39
C SER B 449 -30.94 -17.12 -4.25
N VAL B 450 -31.25 -15.87 -3.93
CA VAL B 450 -32.27 -15.57 -2.93
C VAL B 450 -33.63 -15.36 -3.58
N GLU B 451 -33.67 -14.55 -4.64
CA GLU B 451 -34.88 -14.41 -5.43
C GLU B 451 -35.30 -15.77 -5.95
N LEU B 452 -35.97 -16.51 -5.07
CA LEU B 452 -36.12 -17.95 -5.20
C LEU B 452 -36.88 -18.42 -3.96
N ILE B 453 -36.90 -17.56 -2.95
CA ILE B 453 -37.58 -17.84 -1.69
C ILE B 453 -39.08 -18.07 -1.91
N LYS B 454 -39.73 -17.15 -2.62
CA LYS B 454 -41.14 -17.28 -2.93
C LYS B 454 -41.31 -18.08 -4.22
N ALA B 455 -40.21 -18.24 -4.95
CA ALA B 455 -40.22 -18.96 -6.21
C ALA B 455 -39.90 -20.44 -5.99
N GLY B 456 -39.56 -20.79 -4.76
CA GLY B 456 -39.20 -22.16 -4.42
C GLY B 456 -37.83 -22.53 -4.98
N LYS B 457 -37.85 -23.22 -6.11
CA LYS B 457 -36.66 -23.58 -6.90
C LYS B 457 -35.34 -23.78 -6.15
N ALA B 458 -35.42 -24.17 -4.88
CA ALA B 458 -34.23 -24.34 -4.06
C ALA B 458 -33.42 -25.56 -4.52
N LYS B 459 -34.08 -26.46 -5.23
CA LYS B 459 -33.43 -27.66 -5.73
C LYS B 459 -32.56 -27.37 -6.97
N LYS B 460 -32.65 -26.16 -7.48
CA LYS B 460 -31.86 -25.77 -8.65
C LYS B 460 -30.51 -25.21 -8.23
N LEU B 461 -30.39 -24.81 -6.97
CA LEU B 461 -29.15 -24.23 -6.45
C LEU B 461 -27.96 -25.18 -6.57
N GLY B 462 -26.81 -24.64 -6.94
CA GLY B 462 -25.58 -25.41 -6.94
C GLY B 462 -25.10 -25.60 -5.51
N PRO B 463 -24.12 -26.50 -5.30
CA PRO B 463 -23.60 -26.79 -3.96
C PRO B 463 -22.98 -25.57 -3.31
N VAL B 464 -22.51 -24.63 -4.12
CA VAL B 464 -21.95 -23.38 -3.62
C VAL B 464 -23.05 -22.52 -2.99
N ALA B 465 -24.19 -22.46 -3.66
CA ALA B 465 -25.30 -21.61 -3.22
C ALA B 465 -26.28 -22.37 -2.34
N SER B 466 -26.07 -23.68 -2.21
CA SER B 466 -26.99 -24.56 -1.50
C SER B 466 -27.32 -24.07 -0.09
N TYR B 467 -26.30 -23.63 0.62
CA TYR B 467 -26.45 -23.26 2.02
C TYR B 467 -27.39 -22.07 2.21
N LEU B 468 -27.68 -21.35 1.13
CA LEU B 468 -28.56 -20.18 1.19
C LEU B 468 -30.02 -20.56 1.42
N ALA B 469 -30.51 -21.55 0.67
CA ALA B 469 -31.88 -22.02 0.84
C ALA B 469 -31.95 -22.97 2.02
N ASP B 470 -31.51 -22.49 3.19
CA ASP B 470 -31.55 -23.28 4.42
C ASP B 470 -32.11 -22.45 5.58
N LYS B 471 -31.22 -21.82 6.33
CA LYS B 471 -31.62 -20.96 7.44
C LYS B 471 -31.68 -21.70 8.75
N SER B 472 -30.83 -22.71 8.89
CA SER B 472 -30.76 -23.52 10.11
C SER B 472 -29.58 -23.08 10.97
N ASP B 473 -29.71 -21.92 11.59
CA ASP B 473 -28.64 -21.37 12.43
C ASP B 473 -28.16 -22.38 13.46
N GLU B 474 -28.36 -22.05 14.73
CA GLU B 474 -27.93 -22.91 15.84
C GLU B 474 -26.77 -22.27 16.59
N THR B 475 -25.55 -22.66 16.24
CA THR B 475 -24.36 -22.11 16.89
C THR B 475 -23.49 -23.22 17.48
N ASP B 476 -22.34 -22.83 18.01
CA ASP B 476 -21.39 -23.78 18.55
C ASP B 476 -20.07 -23.67 17.81
N LEU B 477 -18.97 -24.03 18.47
CA LEU B 477 -17.66 -23.91 17.85
C LEU B 477 -16.58 -24.68 18.62
N THR B 478 -16.88 -25.92 19.00
CA THR B 478 -15.93 -26.71 19.77
C THR B 478 -15.00 -27.51 18.87
N SER B 479 -15.33 -27.61 17.58
CA SER B 479 -14.51 -28.36 16.65
C SER B 479 -14.72 -27.97 15.18
N LEU B 480 -14.11 -26.85 14.79
CA LEU B 480 -14.01 -26.42 13.39
C LEU B 480 -15.33 -26.19 12.65
N ASN B 481 -15.99 -27.26 12.23
CA ASN B 481 -17.15 -27.17 11.34
C ASN B 481 -18.24 -26.24 11.87
N GLY B 482 -18.24 -25.99 13.17
CA GLY B 482 -19.14 -25.03 13.77
C GLY B 482 -18.82 -23.61 13.31
N TYR B 483 -17.54 -23.31 13.16
CA TYR B 483 -17.12 -22.04 12.58
C TYR B 483 -17.69 -21.90 11.17
N VAL B 484 -17.48 -22.95 10.38
CA VAL B 484 -17.98 -22.99 9.02
C VAL B 484 -19.47 -22.74 9.03
N LYS B 485 -20.17 -23.42 9.95
CA LYS B 485 -21.60 -23.26 10.13
C LYS B 485 -21.94 -21.82 10.46
N MET B 486 -21.21 -21.26 11.42
CA MET B 486 -21.32 -19.85 11.77
C MET B 486 -21.07 -18.97 10.56
N PHE B 487 -20.13 -19.39 9.71
CA PHE B 487 -19.75 -18.59 8.55
C PHE B 487 -20.78 -18.66 7.41
N GLU B 488 -21.63 -19.69 7.42
CA GLU B 488 -22.75 -19.69 6.49
C GLU B 488 -23.84 -18.79 7.07
N ASN B 489 -24.06 -18.93 8.37
CA ASN B 489 -25.06 -18.13 9.08
C ASN B 489 -24.85 -16.63 8.90
N MET B 490 -23.58 -16.22 8.91
CA MET B 490 -23.24 -14.82 8.66
C MET B 490 -23.53 -14.43 7.22
N ALA B 491 -23.04 -15.24 6.29
CA ALA B 491 -23.21 -14.97 4.87
C ALA B 491 -24.68 -14.97 4.47
N ARG B 492 -25.40 -16.01 4.88
CA ARG B 492 -26.83 -16.14 4.64
C ARG B 492 -27.60 -14.89 5.03
N ARG B 493 -27.46 -14.49 6.30
CA ARG B 493 -28.17 -13.34 6.84
C ARG B 493 -27.96 -12.08 6.02
N GLN B 494 -26.70 -11.74 5.77
CA GLN B 494 -26.36 -10.56 5.00
C GLN B 494 -26.85 -10.68 3.55
N ALA B 495 -26.88 -11.90 3.04
CA ALA B 495 -27.39 -12.15 1.69
C ALA B 495 -28.86 -11.78 1.60
N TRP B 496 -29.68 -12.36 2.48
CA TRP B 496 -31.11 -12.05 2.55
C TRP B 496 -31.35 -10.57 2.89
N LYS B 497 -30.72 -10.11 3.97
CA LYS B 497 -30.89 -8.73 4.43
C LYS B 497 -30.60 -7.72 3.33
N ALA B 498 -29.45 -7.84 2.69
CA ALA B 498 -29.10 -6.94 1.61
C ALA B 498 -30.05 -7.11 0.43
N THR B 499 -30.50 -8.34 0.20
CA THR B 499 -31.43 -8.65 -0.88
C THR B 499 -32.79 -8.00 -0.65
N GLU B 500 -33.34 -8.19 0.55
CA GLU B 500 -34.66 -7.68 0.89
C GLU B 500 -34.69 -6.16 0.91
N LYS B 501 -33.51 -5.55 1.05
CA LYS B 501 -33.40 -4.10 1.08
C LYS B 501 -33.44 -3.53 -0.34
N PHE B 502 -32.84 -4.24 -1.29
CA PHE B 502 -32.93 -3.87 -2.69
C PHE B 502 -34.34 -4.13 -3.21
N LEU B 503 -35.01 -5.12 -2.62
CA LEU B 503 -36.40 -5.42 -2.94
C LEU B 503 -37.32 -4.31 -2.43
N LYS B 504 -37.14 -3.95 -1.16
CA LYS B 504 -37.97 -2.94 -0.50
C LYS B 504 -37.97 -1.60 -1.23
N LEU B 505 -36.85 -1.27 -1.85
CA LEU B 505 -36.73 -0.01 -2.60
C LEU B 505 -37.35 -0.16 -4.00
N MET B 506 -37.69 -1.40 -4.37
CA MET B 506 -38.48 -1.63 -5.56
C MET B 506 -39.94 -1.79 -5.16
N GLU B 507 -40.15 -2.25 -3.93
CA GLU B 507 -41.49 -2.39 -3.37
C GLU B 507 -42.07 -1.01 -3.09
N SER B 508 -41.19 -0.02 -3.07
CA SER B 508 -41.58 1.38 -2.94
C SER B 508 -41.29 2.12 -4.24
N GLY B 509 -40.88 1.36 -5.25
CA GLY B 509 -40.86 1.83 -6.62
C GLY B 509 -39.75 2.76 -7.10
N GLU B 510 -38.55 2.58 -6.58
CA GLU B 510 -37.39 3.21 -7.20
C GLU B 510 -36.90 2.23 -8.25
N SER B 511 -36.58 2.73 -9.44
CA SER B 511 -36.23 1.89 -10.58
C SER B 511 -35.10 0.91 -10.24
N ARG B 512 -35.07 -0.22 -10.93
CA ARG B 512 -34.17 -1.32 -10.59
C ARG B 512 -32.71 -0.90 -10.44
N GLU B 513 -32.17 -0.24 -11.46
CA GLU B 513 -30.76 0.10 -11.48
C GLU B 513 -30.40 1.13 -10.40
N VAL B 514 -31.33 2.01 -10.07
CA VAL B 514 -31.12 2.97 -8.99
C VAL B 514 -31.37 2.28 -7.66
N ALA B 515 -32.34 1.37 -7.64
CA ALA B 515 -32.60 0.57 -6.44
C ALA B 515 -31.41 -0.36 -6.18
N TRP B 516 -30.73 -0.74 -7.26
CA TRP B 516 -29.53 -1.55 -7.16
C TRP B 516 -28.37 -0.74 -6.58
N ASN B 517 -28.31 0.52 -6.96
CA ASN B 517 -27.21 1.40 -6.57
C ASN B 517 -27.29 1.83 -5.10
N LYS B 518 -28.49 2.13 -4.64
CA LYS B 518 -28.73 2.57 -3.26
C LYS B 518 -28.35 1.48 -2.24
N SER B 519 -28.34 0.24 -2.69
CA SER B 519 -28.00 -0.87 -1.81
C SER B 519 -26.65 -1.51 -2.16
N ALA B 520 -25.86 -0.80 -2.97
CA ALA B 520 -24.61 -1.34 -3.51
C ALA B 520 -23.63 -1.82 -2.43
N VAL B 521 -23.54 -1.10 -1.32
CA VAL B 521 -22.54 -1.42 -0.30
C VAL B 521 -22.89 -2.71 0.44
N GLU B 522 -24.15 -2.86 0.85
CA GLU B 522 -24.60 -4.08 1.52
C GLU B 522 -24.40 -5.31 0.63
N LEU B 523 -24.62 -5.14 -0.66
CA LEU B 523 -24.48 -6.23 -1.62
C LEU B 523 -23.04 -6.71 -1.73
N THR B 524 -22.09 -5.78 -1.63
CA THR B 524 -20.67 -6.14 -1.64
C THR B 524 -20.27 -6.80 -0.33
N ARG B 525 -20.85 -6.30 0.77
CA ARG B 525 -20.64 -6.90 2.08
C ARG B 525 -21.04 -8.37 2.06
N ALA B 526 -22.11 -8.66 1.33
CA ALA B 526 -22.58 -10.04 1.17
C ALA B 526 -21.55 -10.89 0.43
N SER B 527 -21.08 -10.39 -0.71
CA SER B 527 -20.13 -11.10 -1.56
C SER B 527 -18.88 -11.54 -0.80
N ARG B 528 -18.36 -10.62 0.02
CA ARG B 528 -17.16 -10.89 0.81
C ARG B 528 -17.39 -12.00 1.82
N LEU B 529 -18.52 -11.92 2.52
CA LEU B 529 -18.87 -12.94 3.50
C LEU B 529 -19.00 -14.32 2.86
N HIS B 530 -19.64 -14.35 1.70
CA HIS B 530 -19.80 -15.59 0.95
C HIS B 530 -18.45 -16.13 0.50
N THR B 531 -17.59 -15.21 0.03
CA THR B 531 -16.28 -15.58 -0.49
C THR B 531 -15.38 -16.16 0.59
N ARG B 532 -15.37 -15.53 1.76
CA ARG B 532 -14.50 -15.97 2.84
C ARG B 532 -15.00 -17.29 3.43
N LEU B 533 -16.30 -17.56 3.27
CA LEU B 533 -16.85 -18.85 3.64
C LEU B 533 -16.24 -19.95 2.76
N PHE B 534 -16.21 -19.71 1.46
CA PHE B 534 -15.65 -20.67 0.51
C PHE B 534 -14.17 -20.92 0.76
N ILE B 535 -13.44 -19.83 1.00
CA ILE B 535 -12.00 -19.90 1.27
C ILE B 535 -11.69 -20.86 2.41
N ILE B 536 -12.50 -20.78 3.48
CA ILE B 536 -12.33 -21.66 4.63
C ILE B 536 -12.59 -23.12 4.26
N GLU B 537 -13.70 -23.35 3.55
CA GLU B 537 -14.12 -24.70 3.19
C GLU B 537 -13.10 -25.42 2.33
N ALA B 538 -12.56 -24.71 1.34
CA ALA B 538 -11.53 -25.27 0.46
C ALA B 538 -10.29 -25.65 1.26
N PHE B 539 -9.88 -24.74 2.15
CA PHE B 539 -8.78 -24.97 3.07
C PHE B 539 -9.03 -26.26 3.87
N MET B 540 -10.23 -26.36 4.44
CA MET B 540 -10.60 -27.54 5.22
C MET B 540 -10.53 -28.81 4.39
N ARG B 541 -11.07 -28.74 3.17
CA ARG B 541 -11.12 -29.90 2.31
C ARG B 541 -9.74 -30.41 1.94
N ARG B 542 -8.78 -29.50 1.76
CA ARG B 542 -7.42 -29.92 1.44
C ARG B 542 -6.72 -30.54 2.65
N VAL B 543 -6.99 -29.99 3.83
CA VAL B 543 -6.34 -30.45 5.05
C VAL B 543 -6.70 -31.90 5.40
N SER B 544 -7.98 -32.22 5.35
CA SER B 544 -8.47 -33.53 5.77
C SER B 544 -8.12 -34.65 4.78
N ARG B 545 -7.37 -34.31 3.74
CA ARG B 545 -6.93 -35.30 2.75
C ARG B 545 -5.50 -35.77 3.04
N ILE B 546 -4.78 -34.99 3.84
CA ILE B 546 -3.35 -35.21 4.03
C ILE B 546 -3.03 -36.51 4.76
N GLU B 547 -2.09 -37.25 4.20
CA GLU B 547 -1.67 -38.55 4.73
C GLU B 547 -0.56 -38.43 5.77
N ASP B 548 0.40 -37.55 5.52
CA ASP B 548 1.50 -37.33 6.47
C ASP B 548 0.99 -36.58 7.70
N ILE B 549 1.06 -37.22 8.85
CA ILE B 549 0.43 -36.68 10.07
C ILE B 549 1.05 -35.37 10.58
N PRO B 550 2.40 -35.29 10.67
CA PRO B 550 2.96 -34.00 11.10
C PRO B 550 2.60 -32.81 10.19
N VAL B 551 2.42 -33.06 8.90
CA VAL B 551 2.04 -32.00 7.98
C VAL B 551 0.57 -31.61 8.19
N LYS B 552 -0.29 -32.62 8.31
CA LYS B 552 -1.69 -32.39 8.63
C LYS B 552 -1.82 -31.63 9.94
N GLU B 553 -0.91 -31.91 10.87
CA GLU B 553 -0.90 -31.28 12.18
C GLU B 553 -0.64 -29.79 12.11
N VAL B 554 0.48 -29.40 11.48
CA VAL B 554 0.86 -28.01 11.42
C VAL B 554 -0.11 -27.21 10.56
N LEU B 555 -0.66 -27.87 9.53
CA LEU B 555 -1.66 -27.24 8.68
C LEU B 555 -2.99 -27.09 9.40
N THR B 556 -3.21 -27.92 10.41
CA THR B 556 -4.39 -27.79 11.27
C THR B 556 -4.21 -26.58 12.17
N ASP B 557 -3.00 -26.40 12.69
CA ASP B 557 -2.66 -25.24 13.50
C ASP B 557 -2.90 -23.95 12.73
N LEU B 558 -2.45 -23.92 11.48
CA LEU B 558 -2.68 -22.79 10.59
C LEU B 558 -4.17 -22.55 10.39
N LEU B 559 -4.91 -23.65 10.23
CA LEU B 559 -6.34 -23.60 9.96
C LEU B 559 -7.14 -23.09 11.15
N HIS B 560 -6.77 -23.53 12.36
CA HIS B 560 -7.37 -23.04 13.58
C HIS B 560 -7.13 -21.53 13.72
N LEU B 561 -5.92 -21.11 13.35
CA LEU B 561 -5.54 -19.71 13.41
C LEU B 561 -6.36 -18.88 12.43
N HIS B 562 -6.60 -19.45 11.25
CA HIS B 562 -7.39 -18.77 10.24
C HIS B 562 -8.79 -18.47 10.76
N VAL B 563 -9.58 -19.52 10.98
CA VAL B 563 -10.99 -19.40 11.32
C VAL B 563 -11.29 -18.47 12.50
N ASN B 564 -10.34 -18.33 13.43
CA ASN B 564 -10.57 -17.49 14.60
C ASN B 564 -10.17 -16.04 14.35
N TYR B 565 -9.12 -15.83 13.58
CA TYR B 565 -8.73 -14.48 13.20
C TYR B 565 -9.77 -13.93 12.23
N GLU B 566 -10.18 -14.75 11.28
CA GLU B 566 -11.20 -14.36 10.31
C GLU B 566 -12.53 -14.04 10.99
N LEU B 567 -12.97 -14.92 11.89
CA LEU B 567 -14.24 -14.77 12.60
C LEU B 567 -14.31 -13.48 13.42
N LEU B 568 -13.18 -13.10 14.00
CA LEU B 568 -13.11 -11.90 14.84
C LEU B 568 -13.05 -10.63 14.00
N ASP B 569 -12.51 -10.76 12.79
CA ASP B 569 -12.46 -9.64 11.85
C ASP B 569 -13.87 -9.33 11.35
N VAL B 570 -14.78 -10.28 11.50
CA VAL B 570 -16.15 -10.13 11.02
C VAL B 570 -17.18 -10.34 12.14
N ALA B 571 -16.80 -10.01 13.37
CA ALA B 571 -17.66 -10.23 14.53
C ALA B 571 -18.92 -9.37 14.49
N THR B 572 -18.82 -8.23 13.82
CA THR B 572 -19.93 -7.32 13.62
C THR B 572 -21.13 -8.04 12.98
N TYR B 573 -20.81 -9.07 12.19
CA TYR B 573 -21.84 -9.91 11.59
C TYR B 573 -22.08 -11.19 12.38
N ALA B 574 -21.08 -11.61 13.16
CA ALA B 574 -21.14 -12.88 13.88
C ALA B 574 -21.86 -12.75 15.22
N LEU B 575 -22.33 -11.56 15.56
CA LEU B 575 -22.89 -11.32 16.88
C LEU B 575 -24.41 -11.38 16.90
N GLU B 576 -25.01 -11.77 15.78
CA GLU B 576 -26.41 -12.14 15.77
C GLU B 576 -26.51 -13.55 16.31
N PHE B 577 -25.39 -14.27 16.24
CA PHE B 577 -25.37 -15.70 16.48
C PHE B 577 -24.43 -16.11 17.61
N MET B 578 -23.72 -15.16 18.20
CA MET B 578 -22.74 -15.50 19.24
C MET B 578 -23.01 -14.81 20.57
N SER B 579 -22.41 -15.37 21.62
CA SER B 579 -22.33 -14.68 22.90
C SER B 579 -21.03 -13.87 22.91
N PHE B 580 -20.89 -12.98 23.87
CA PHE B 580 -19.69 -12.18 23.97
C PHE B 580 -18.60 -12.96 24.70
N THR B 581 -19.03 -13.97 25.46
CA THR B 581 -18.10 -14.87 26.14
C THR B 581 -17.48 -15.84 25.13
N GLN B 582 -18.24 -16.22 24.11
CA GLN B 582 -17.73 -17.05 23.03
C GLN B 582 -16.76 -16.26 22.16
N LEU B 583 -16.97 -14.95 22.12
CA LEU B 583 -16.12 -14.06 21.33
C LEU B 583 -14.74 -13.94 21.97
N ASP B 584 -14.68 -14.11 23.29
CA ASP B 584 -13.41 -14.09 23.99
C ASP B 584 -12.72 -15.44 23.93
N TYR B 585 -13.49 -16.47 23.57
CA TYR B 585 -12.92 -17.80 23.35
C TYR B 585 -12.08 -17.77 22.08
N VAL B 586 -12.70 -17.35 20.98
CA VAL B 586 -12.01 -17.22 19.70
C VAL B 586 -10.97 -16.11 19.73
N ARG B 587 -11.10 -15.19 20.69
CA ARG B 587 -10.09 -14.15 20.88
C ARG B 587 -8.90 -14.74 21.65
N ASP B 588 -9.20 -15.64 22.58
CA ASP B 588 -8.15 -16.37 23.30
C ASP B 588 -7.57 -17.49 22.43
N GLN B 589 -8.43 -18.10 21.61
CA GLN B 589 -8.00 -19.16 20.70
C GLN B 589 -7.01 -18.64 19.68
N LEU B 590 -7.26 -17.41 19.21
CA LEU B 590 -6.39 -16.74 18.26
C LEU B 590 -4.97 -16.64 18.79
N TYR B 591 -4.85 -16.22 20.04
CA TYR B 591 -3.56 -15.96 20.66
C TYR B 591 -2.87 -17.26 21.11
N LEU B 592 -3.64 -18.34 21.12
CA LEU B 592 -3.09 -19.64 21.47
C LEU B 592 -2.33 -20.24 20.30
N TYR B 593 -2.89 -20.09 19.10
CA TYR B 593 -2.30 -20.68 17.91
C TYR B 593 -1.23 -19.77 17.31
N LEU B 594 -1.24 -18.50 17.70
CA LEU B 594 -0.10 -17.64 17.41
C LEU B 594 1.14 -18.24 18.04
N GLU B 595 0.99 -18.59 19.32
CA GLU B 595 2.08 -19.19 20.10
C GLU B 595 2.40 -20.60 19.61
N LYS B 596 1.36 -21.31 19.18
CA LYS B 596 1.53 -22.67 18.68
C LYS B 596 2.34 -22.68 17.40
N ILE B 597 2.03 -21.76 16.50
CA ILE B 597 2.68 -21.69 15.20
C ILE B 597 4.15 -21.31 15.32
N ARG B 598 4.42 -20.36 16.21
CA ARG B 598 5.73 -19.69 16.34
C ARG B 598 6.99 -20.52 16.07
N PRO B 599 7.14 -21.70 16.71
CA PRO B 599 8.39 -22.44 16.45
C PRO B 599 8.45 -23.06 15.06
N ASN B 600 7.32 -23.10 14.36
CA ASN B 600 7.26 -23.62 13.00
C ASN B 600 7.35 -22.52 11.96
N ALA B 601 7.33 -21.26 12.42
CA ALA B 601 7.19 -20.09 11.56
C ALA B 601 8.15 -20.09 10.35
N VAL B 602 9.43 -20.28 10.63
CA VAL B 602 10.45 -20.26 9.58
C VAL B 602 10.31 -21.47 8.65
N SER B 603 9.96 -22.62 9.22
CA SER B 603 9.78 -23.85 8.46
C SER B 603 8.59 -23.72 7.52
N LEU B 604 7.55 -23.05 8.00
CA LEU B 604 6.31 -22.86 7.25
C LEU B 604 6.52 -22.03 6.00
N VAL B 605 7.50 -21.14 6.02
CA VAL B 605 7.80 -20.32 4.85
C VAL B 605 8.96 -20.89 4.05
N ASP B 606 9.84 -21.62 4.73
CA ASP B 606 10.91 -22.36 4.05
C ASP B 606 10.30 -23.40 3.13
N SER B 607 9.10 -23.83 3.48
CA SER B 607 8.38 -24.86 2.75
C SER B 607 8.06 -24.44 1.31
N PHE B 608 7.94 -23.13 1.09
CA PHE B 608 7.57 -22.64 -0.23
C PHE B 608 8.73 -22.77 -1.21
N GLN B 609 9.92 -23.03 -0.67
CA GLN B 609 11.14 -23.25 -1.45
C GLN B 609 11.26 -22.25 -2.59
N ILE B 610 11.17 -20.98 -2.21
CA ILE B 610 11.45 -19.88 -3.11
C ILE B 610 12.94 -19.63 -3.12
N SER B 611 13.57 -19.84 -4.27
CA SER B 611 15.01 -19.63 -4.40
C SER B 611 15.34 -18.19 -4.11
N ASP B 612 16.61 -17.92 -3.79
CA ASP B 612 17.08 -16.56 -3.59
C ASP B 612 16.95 -15.77 -4.89
N MET B 613 17.12 -16.46 -6.01
CA MET B 613 16.98 -15.83 -7.32
C MET B 613 15.58 -15.27 -7.53
N GLN B 614 14.57 -15.96 -7.01
CA GLN B 614 13.19 -15.49 -7.12
C GLN B 614 12.83 -14.50 -6.02
N LEU B 615 13.29 -14.78 -4.79
CA LEU B 615 12.97 -13.95 -3.64
C LEU B 615 13.45 -12.50 -3.86
N ARG B 616 14.63 -12.36 -4.47
CA ARG B 616 15.23 -11.07 -4.77
C ARG B 616 15.20 -10.14 -3.55
N SER B 617 15.62 -10.68 -2.42
CA SER B 617 15.48 -9.99 -1.14
C SER B 617 16.71 -10.18 -0.26
N VAL B 618 17.31 -9.07 0.17
CA VAL B 618 18.46 -9.09 1.06
C VAL B 618 18.02 -9.48 2.47
N LEU B 619 16.93 -8.90 2.93
CA LEU B 619 16.41 -9.19 4.26
C LEU B 619 15.96 -10.64 4.37
N GLY B 620 15.52 -11.19 3.24
CA GLY B 620 14.91 -12.51 3.26
C GLY B 620 15.78 -13.66 2.80
N ARG B 621 17.07 -13.38 2.55
CA ARG B 621 18.05 -14.41 2.15
C ARG B 621 17.84 -15.71 2.91
N ARG B 622 17.92 -16.84 2.21
CA ARG B 622 17.66 -18.12 2.87
C ARG B 622 18.68 -18.40 3.96
N ASP B 623 19.93 -17.99 3.75
CA ASP B 623 20.98 -18.30 4.72
C ASP B 623 20.95 -17.37 5.94
N GLY B 624 20.17 -16.29 5.85
CA GLY B 624 19.97 -15.42 6.98
C GLY B 624 21.11 -14.48 7.30
N HIS B 625 22.05 -14.35 6.35
CA HIS B 625 23.15 -13.40 6.52
C HIS B 625 22.69 -12.03 6.05
N VAL B 626 21.92 -11.37 6.92
CA VAL B 626 21.21 -10.15 6.56
C VAL B 626 22.06 -8.90 6.70
N TYR B 627 22.58 -8.67 7.91
CA TYR B 627 23.32 -7.43 8.21
C TYR B 627 24.59 -7.30 7.38
N GLU B 628 25.33 -8.39 7.23
CA GLU B 628 26.57 -8.38 6.48
C GLU B 628 26.33 -8.01 5.02
N ASN B 629 25.26 -8.56 4.45
CA ASN B 629 24.96 -8.37 3.04
C ASN B 629 24.10 -7.13 2.77
N LEU B 630 23.36 -6.68 3.78
CA LEU B 630 22.60 -5.43 3.66
C LEU B 630 23.56 -4.28 3.43
N PHE B 631 24.67 -4.31 4.16
CA PHE B 631 25.70 -3.29 4.05
C PHE B 631 26.38 -3.34 2.68
N LYS B 632 26.69 -4.55 2.21
CA LYS B 632 27.29 -4.74 0.89
C LYS B 632 26.34 -4.26 -0.20
N TRP B 633 25.05 -4.51 0.00
CA TRP B 633 24.02 -4.08 -0.95
C TRP B 633 23.98 -2.57 -1.04
N ALA B 634 23.97 -1.90 0.11
CA ALA B 634 23.92 -0.44 0.16
C ALA B 634 25.17 0.16 -0.45
N LYS B 635 26.32 -0.36 -0.04
CA LYS B 635 27.61 0.13 -0.50
C LYS B 635 27.75 0.08 -2.03
N SER B 636 27.11 -0.89 -2.67
CA SER B 636 27.24 -1.07 -4.12
C SER B 636 26.16 -0.33 -4.90
N SER B 637 25.22 0.29 -4.19
CA SER B 637 24.13 1.01 -4.83
C SER B 637 24.64 2.28 -5.55
N PRO B 638 24.02 2.63 -6.69
CA PRO B 638 24.44 3.67 -7.64
C PRO B 638 24.77 5.05 -7.07
N LEU B 639 24.06 5.52 -6.05
CA LEU B 639 24.36 6.85 -5.50
C LEU B 639 25.75 6.87 -4.86
N ASN B 640 26.23 5.70 -4.45
CA ASN B 640 27.52 5.57 -3.80
C ASN B 640 28.68 5.48 -4.80
N ASN B 641 28.38 5.73 -6.07
CA ASN B 641 29.41 5.73 -7.10
C ASN B 641 30.44 6.83 -6.89
N ALA B 642 30.00 7.94 -6.33
CA ALA B 642 30.89 9.06 -6.06
C ALA B 642 30.70 9.55 -4.62
N ASP B 643 31.79 9.96 -4.00
CA ASP B 643 31.74 10.46 -2.63
C ASP B 643 31.01 11.80 -2.60
N VAL B 644 31.52 12.75 -3.37
CA VAL B 644 30.87 14.04 -3.56
C VAL B 644 30.07 14.01 -4.85
N LEU B 645 28.74 14.07 -4.71
CA LEU B 645 27.84 14.05 -5.86
C LEU B 645 28.07 15.22 -6.80
N PRO B 646 28.02 14.96 -8.12
CA PRO B 646 28.07 15.99 -9.17
C PRO B 646 27.04 17.10 -8.97
N SER B 647 25.87 16.74 -8.43
CA SER B 647 24.82 17.71 -8.16
C SER B 647 25.16 18.62 -6.98
N VAL B 648 25.82 18.05 -5.96
CA VAL B 648 26.25 18.82 -4.81
C VAL B 648 27.26 19.89 -5.20
N GLU B 649 28.26 19.47 -5.98
CA GLU B 649 29.30 20.35 -6.47
C GLU B 649 28.73 21.51 -7.28
N LYS B 650 27.65 21.22 -8.01
CA LYS B 650 27.09 22.19 -8.94
C LYS B 650 26.08 23.14 -8.30
N TYR B 651 25.29 22.63 -7.36
CA TYR B 651 24.22 23.44 -6.77
C TYR B 651 24.41 23.76 -5.29
N LEU B 652 24.65 22.75 -4.48
CA LEU B 652 24.69 22.93 -3.03
C LEU B 652 25.92 23.71 -2.56
N LYS B 653 27.07 23.44 -3.16
CA LYS B 653 28.30 24.16 -2.82
C LYS B 653 28.17 25.67 -3.09
N PRO B 654 27.66 26.08 -4.27
CA PRO B 654 27.43 27.52 -4.46
C PRO B 654 26.36 28.07 -3.52
N MET B 655 25.26 27.35 -3.37
CA MET B 655 24.15 27.76 -2.51
C MET B 655 24.60 28.07 -1.08
N MET B 656 25.62 27.36 -0.61
CA MET B 656 26.14 27.50 0.75
C MET B 656 27.12 28.65 0.88
N GLU B 657 28.01 28.77 -0.10
CA GLU B 657 28.91 29.92 -0.19
C GLU B 657 28.09 31.19 -0.19
N LYS B 658 27.06 31.19 -1.03
CA LYS B 658 26.17 32.34 -1.17
C LYS B 658 25.40 32.63 0.11
N ALA B 659 24.98 31.57 0.79
CA ALA B 659 24.15 31.68 1.98
C ALA B 659 24.91 32.30 3.16
N LYS B 660 26.23 32.11 3.18
CA LYS B 660 27.07 32.69 4.22
C LYS B 660 27.21 34.20 4.04
N LEU B 661 27.12 34.65 2.79
CA LEU B 661 27.32 36.05 2.47
C LEU B 661 26.03 36.87 2.55
N ALA B 662 24.89 36.20 2.57
CA ALA B 662 23.60 36.87 2.49
C ALA B 662 23.32 37.73 3.72
N ALA B 663 22.35 38.62 3.58
CA ALA B 663 22.01 39.57 4.63
C ALA B 663 21.03 38.99 5.62
N ALA B 664 21.12 39.42 6.87
CA ALA B 664 20.28 38.91 7.94
C ALA B 664 18.96 39.68 8.05
N HIS B 665 17.92 39.15 7.43
CA HIS B 665 16.60 39.76 7.50
C HIS B 665 15.70 38.99 8.47
#